data_6AFZ
#
_entry.id   6AFZ
#
_cell.length_a   215.605
_cell.length_b   88.023
_cell.length_c   158.194
_cell.angle_alpha   90.000
_cell.angle_beta   124.990
_cell.angle_gamma   90.000
#
_symmetry.space_group_name_H-M   'C 1 2 1'
#
loop_
_entity.id
_entity.type
_entity.pdbx_description
1 polymer 'Pyrophosphate-energized vacuolar membrane proton pump'
2 non-polymer 'PHOSPHATE ION'
3 non-polymer 'MAGNESIUM ION'
4 non-polymer 'POTASSIUM ION'
5 non-polymer 2-(2-{2-[2-(2-METHOXY-ETHOXY)-ETHOXY]-ETHOXY}-ETHOXY)-ETHANOL
6 water water
#
_entity_poly.entity_id   1
_entity_poly.type   'polypeptide(L)'
_entity_poly.pdbx_seq_one_letter_code
;MGAAILPDLGTEILIPVCAVIGIAFALFQWLLVSKVKLSAVRDASPNAAAKNGYNDYLIEEEEGINDHNVVVKCAEIQNA
ISEGATSFLFTEYKYVGIFMVAFAILIFLFLGSVEGFSTSPQACSYDKTKTCKPALATAIFSTVSFLLGGVTSLVSGFLG
MKIATYANARTTLEARKGVGKAFITAFRSGAVMGFLLAANGLLVLYIAINLFKIYYGDDWGGLFHAITGYGLGGSSMALF
GRVGGGIYTKAADVGADLVGKVERNIPEDDPRNPAVIADNVGDNVGDIAGMGSDLFGSYAESSCAALVVASISSFGLNHE
LTAMLYPLIVSSVGILVCLLTTLFATDFFEIKAVKEIEPALKKQLVISTVLMTIGVAVVSFVALPTSFTIFNFGVQKDVK
SWQLFLCVAVGLWAGLIIGFVTEYYTSNAYSPVQDVADSCRTGAATNVIFGLALGYKSVIIPIFAIAISIFVSFTFAAMY
GIAVAALGMLSTIATGLAIDAYGPISDNAGGIAEMAGMSHRIRERTDALDAAGNTTAAIGKGFAIGSAALVSLALFGAFV
SRASITTVDVLTPKVFIGLIVGAMLPYWFSAMTMKSVGSAALKMVEEVRRQFNTIPGLMEGTAKPDYATCVKISTDASIK
EMIPPGALVMLTPLVVGILFGVETLSGVLAGSLVSGVQIAISASNTGGAWDNAKKYIEAGASEHARSLGPKGSDCHKAAV
IGDTIGDPLKDTSGPSLNILIKLMAVESLVFAPFFATHGGLLFKIF
;
_entity_poly.pdbx_strand_id   A,B
#
loop_
_chem_comp.id
_chem_comp.type
_chem_comp.name
_chem_comp.formula
1PG non-polymer 2-(2-{2-[2-(2-METHOXY-ETHOXY)-ETHOXY]-ETHOXY}-ETHOXY)-ETHANOL 'C11 H24 O6'
K non-polymer 'POTASSIUM ION' 'K 1'
MG non-polymer 'MAGNESIUM ION' 'Mg 2'
PO4 non-polymer 'PHOSPHATE ION' 'O4 P -3'
#
# COMPACT_ATOMS: atom_id res chain seq x y z
N GLY A 2 14.57 22.70 39.06
CA GLY A 2 13.71 22.52 40.21
C GLY A 2 12.23 22.48 39.85
N ALA A 3 11.53 23.60 40.03
CA ALA A 3 10.14 23.72 39.59
C ALA A 3 10.03 24.76 38.47
N ALA A 4 8.81 25.04 38.05
CA ALA A 4 8.58 25.99 36.97
C ALA A 4 8.01 27.30 37.51
N ILE A 5 7.94 28.33 36.66
CA ILE A 5 7.38 29.60 37.08
C ILE A 5 5.94 29.40 37.54
N LEU A 6 5.13 28.78 36.69
CA LEU A 6 3.72 28.50 36.97
C LEU A 6 3.56 27.48 38.11
N PRO A 7 3.11 27.94 39.29
CA PRO A 7 2.92 27.03 40.43
C PRO A 7 1.79 26.02 40.19
N ASP A 8 1.90 24.86 40.82
CA ASP A 8 0.96 23.75 40.63
C ASP A 8 -0.49 24.18 40.72
N LEU A 9 -0.82 24.98 41.74
CA LEU A 9 -2.20 25.39 41.97
C LEU A 9 -2.68 26.27 40.82
N GLY A 10 -1.73 26.98 40.20
CA GLY A 10 -2.03 27.77 39.01
C GLY A 10 -2.45 26.90 37.84
N THR A 11 -1.68 25.85 37.59
CA THR A 11 -2.01 24.85 36.59
C THR A 11 -3.39 24.25 36.85
N GLU A 12 -3.64 23.89 38.10
CA GLU A 12 -4.90 23.23 38.47
C GLU A 12 -6.12 24.10 38.22
N ILE A 13 -5.90 25.40 38.12
CA ILE A 13 -6.95 26.37 37.84
C ILE A 13 -7.00 26.65 36.34
N LEU A 14 -5.83 26.89 35.75
CA LEU A 14 -5.72 27.23 34.34
C LEU A 14 -6.45 26.24 33.41
N ILE A 15 -6.16 24.95 33.59
CA ILE A 15 -6.74 23.95 32.71
C ILE A 15 -8.28 23.97 32.65
N PRO A 16 -8.95 23.85 33.82
CA PRO A 16 -10.41 23.77 33.71
C PRO A 16 -11.01 25.10 33.31
N VAL A 17 -10.34 26.19 33.63
CA VAL A 17 -10.81 27.49 33.19
C VAL A 17 -10.82 27.57 31.65
N CYS A 18 -9.72 27.17 31.02
CA CYS A 18 -9.64 27.13 29.57
C CYS A 18 -10.69 26.22 28.93
N ALA A 19 -10.94 25.08 29.57
CA ALA A 19 -11.96 24.17 29.08
C ALA A 19 -13.32 24.87 29.17
N VAL A 20 -13.59 25.49 30.30
CA VAL A 20 -14.83 26.25 30.48
C VAL A 20 -14.97 27.38 29.43
N ILE A 21 -13.88 28.11 29.19
CA ILE A 21 -13.88 29.12 28.14
C ILE A 21 -14.21 28.51 26.76
N GLY A 22 -13.59 27.37 26.46
CA GLY A 22 -13.84 26.69 25.20
C GLY A 22 -15.29 26.28 25.05
N ILE A 23 -15.91 25.90 26.15
CA ILE A 23 -17.30 25.44 26.15
C ILE A 23 -18.26 26.62 26.03
N ALA A 24 -18.03 27.63 26.85
CA ALA A 24 -18.79 28.88 26.76
C ALA A 24 -18.73 29.42 25.34
N PHE A 25 -17.54 29.44 24.74
CA PHE A 25 -17.39 29.98 23.40
C PHE A 25 -18.19 29.19 22.38
N ALA A 26 -18.19 27.87 22.52
CA ALA A 26 -18.99 27.01 21.65
C ALA A 26 -20.49 27.26 21.79
N LEU A 27 -20.96 27.39 23.03
CA LEU A 27 -22.37 27.68 23.28
C LEU A 27 -22.76 28.99 22.61
N PHE A 28 -21.92 30.00 22.80
CA PHE A 28 -22.16 31.31 22.24
C PHE A 28 -22.36 31.19 20.74
N GLN A 29 -21.48 30.45 20.08
CA GLN A 29 -21.61 30.24 18.64
C GLN A 29 -22.89 29.49 18.28
N TRP A 30 -23.24 28.48 19.08
CA TRP A 30 -24.46 27.75 18.82
C TRP A 30 -25.63 28.73 18.90
N LEU A 31 -25.53 29.65 19.85
CA LEU A 31 -26.56 30.64 20.08
C LEU A 31 -26.71 31.57 18.89
N LEU A 32 -25.58 32.07 18.38
CA LEU A 32 -25.62 32.93 17.19
C LEU A 32 -26.27 32.23 15.98
N VAL A 33 -25.95 30.94 15.80
CA VAL A 33 -26.53 30.17 14.71
C VAL A 33 -28.03 30.00 14.90
N SER A 34 -28.50 30.02 16.15
CA SER A 34 -29.92 29.83 16.45
C SER A 34 -30.74 31.02 15.96
N LYS A 35 -30.05 32.09 15.58
CA LYS A 35 -30.69 33.27 15.02
C LYS A 35 -31.29 32.96 13.65
N VAL A 36 -30.70 32.03 12.90
CA VAL A 36 -31.32 31.60 11.65
C VAL A 36 -32.55 30.77 11.99
N LYS A 37 -33.73 31.33 11.73
CA LYS A 37 -34.98 30.70 12.15
C LYS A 37 -35.53 29.80 11.06
N LEU A 38 -36.27 28.77 11.49
CA LEU A 38 -37.08 27.95 10.59
C LEU A 38 -37.96 26.96 11.38
N SER A 39 -39.13 26.62 10.83
CA SER A 39 -40.03 25.64 11.46
C SER A 39 -40.93 24.96 10.43
N ALA A 40 -41.35 23.73 10.72
CA ALA A 40 -42.08 22.92 9.74
C ALA A 40 -43.59 22.88 10.00
N VAL A 41 -44.07 23.77 10.86
CA VAL A 41 -45.49 23.85 11.18
C VAL A 41 -46.21 24.89 10.32
N ASP A 67 -39.83 33.27 0.36
CA ASP A 67 -40.88 32.27 0.14
C ASP A 67 -41.10 31.48 1.44
N HIS A 68 -42.37 31.35 1.84
CA HIS A 68 -42.68 30.67 3.10
C HIS A 68 -42.59 29.16 2.93
N ASN A 69 -43.07 28.68 1.78
CA ASN A 69 -43.07 27.26 1.47
C ASN A 69 -41.66 26.65 1.52
N VAL A 70 -40.67 27.44 1.09
CA VAL A 70 -39.29 26.96 0.99
C VAL A 70 -38.61 26.82 2.37
N VAL A 71 -38.96 27.71 3.29
CA VAL A 71 -38.50 27.61 4.67
C VAL A 71 -39.18 26.42 5.38
N VAL A 72 -40.32 25.98 4.86
CA VAL A 72 -41.07 24.87 5.43
C VAL A 72 -40.54 23.51 4.94
N LYS A 73 -40.17 23.47 3.66
CA LYS A 73 -39.62 22.25 3.07
C LYS A 73 -38.20 21.97 3.62
N CYS A 74 -37.38 23.02 3.70
CA CYS A 74 -36.09 22.93 4.33
C CYS A 74 -36.23 22.34 5.72
N ALA A 75 -37.24 22.77 6.46
CA ALA A 75 -37.34 22.33 7.84
C ALA A 75 -37.80 20.88 7.97
N GLU A 76 -38.64 20.41 7.04
CA GLU A 76 -39.10 19.02 7.10
C GLU A 76 -37.99 18.05 6.71
N ILE A 77 -37.28 18.40 5.63
CA ILE A 77 -36.10 17.68 5.19
C ILE A 77 -35.06 17.59 6.33
N GLN A 78 -34.79 18.73 6.96
CA GLN A 78 -33.89 18.78 8.11
C GLN A 78 -34.34 17.81 9.21
N ASN A 79 -35.65 17.69 9.40
CA ASN A 79 -36.19 16.79 10.42
C ASN A 79 -35.91 15.34 10.03
N ALA A 80 -36.21 15.02 8.77
CA ALA A 80 -35.91 13.69 8.22
C ALA A 80 -34.43 13.30 8.50
N ILE A 81 -33.51 14.19 8.12
CA ILE A 81 -32.09 13.94 8.32
C ILE A 81 -31.77 13.80 9.81
N SER A 82 -32.27 14.72 10.62
CA SER A 82 -32.06 14.65 12.06
C SER A 82 -32.59 13.32 12.64
N GLU A 83 -33.79 12.94 12.24
CA GLU A 83 -34.40 11.71 12.75
C GLU A 83 -33.57 10.48 12.37
N GLY A 84 -33.02 10.48 11.16
CA GLY A 84 -32.28 9.33 10.67
C GLY A 84 -30.91 9.20 11.34
N ALA A 85 -30.24 10.33 11.54
CA ALA A 85 -28.89 10.37 12.08
C ALA A 85 -28.90 9.96 13.56
N THR A 86 -29.81 10.54 14.33
CA THR A 86 -29.99 10.20 15.74
C THR A 86 -30.36 8.74 15.89
N SER A 87 -31.23 8.27 15.01
CA SER A 87 -31.69 6.90 15.04
C SER A 87 -30.55 5.89 14.85
N PHE A 88 -29.71 6.12 13.84
CA PHE A 88 -28.64 5.19 13.52
C PHE A 88 -27.59 5.14 14.64
N LEU A 89 -27.17 6.31 15.10
CA LEU A 89 -26.21 6.42 16.18
C LEU A 89 -26.65 5.64 17.41
N PHE A 90 -27.92 5.77 17.79
CA PHE A 90 -28.41 5.04 18.97
C PHE A 90 -28.24 3.55 18.74
N THR A 91 -28.58 3.10 17.54
CA THR A 91 -28.40 1.69 17.19
C THR A 91 -26.93 1.29 17.26
N GLU A 92 -26.09 2.05 16.55
CA GLU A 92 -24.65 1.80 16.51
C GLU A 92 -24.08 1.79 17.93
N TYR A 93 -24.40 2.83 18.69
CA TYR A 93 -23.83 2.99 20.02
C TYR A 93 -24.30 1.94 21.01
N LYS A 94 -25.44 1.31 20.71
CA LYS A 94 -25.93 0.25 21.56
C LYS A 94 -24.98 -0.91 21.46
N TYR A 95 -24.65 -1.29 20.23
CA TYR A 95 -23.70 -2.37 19.98
C TYR A 95 -22.30 -2.06 20.51
N VAL A 96 -21.78 -0.90 20.10
CA VAL A 96 -20.44 -0.50 20.47
C VAL A 96 -20.37 -0.44 21.97
N GLY A 97 -21.44 0.07 22.59
CA GLY A 97 -21.53 0.18 24.03
C GLY A 97 -21.45 -1.19 24.68
N ILE A 98 -22.15 -2.16 24.09
CA ILE A 98 -22.06 -3.51 24.61
C ILE A 98 -20.62 -3.99 24.48
N PHE A 99 -20.06 -3.91 23.27
CA PHE A 99 -18.67 -4.33 23.03
C PHE A 99 -17.70 -3.73 24.04
N MET A 100 -17.79 -2.40 24.21
CA MET A 100 -17.04 -1.68 25.22
C MET A 100 -17.06 -2.38 26.60
N VAL A 101 -18.26 -2.72 27.07
CA VAL A 101 -18.43 -3.32 28.40
C VAL A 101 -17.78 -4.69 28.47
N ALA A 102 -18.00 -5.48 27.43
CA ALA A 102 -17.28 -6.75 27.27
C ALA A 102 -15.78 -6.49 27.36
N PHE A 103 -15.26 -5.63 26.49
CA PHE A 103 -13.81 -5.45 26.42
C PHE A 103 -13.22 -4.97 27.73
N ALA A 104 -13.96 -4.13 28.46
CA ALA A 104 -13.47 -3.62 29.73
C ALA A 104 -13.26 -4.77 30.73
N ILE A 105 -14.11 -5.80 30.64
CA ILE A 105 -13.97 -6.97 31.48
C ILE A 105 -12.65 -7.69 31.16
N LEU A 106 -12.38 -7.92 29.87
CA LEU A 106 -11.07 -8.45 29.46
C LEU A 106 -9.90 -7.66 30.05
N ILE A 107 -9.98 -6.34 29.96
CA ILE A 107 -8.93 -5.48 30.50
C ILE A 107 -8.70 -5.76 31.99
N PHE A 108 -9.78 -5.80 32.77
CA PHE A 108 -9.63 -6.05 34.21
C PHE A 108 -9.04 -7.43 34.49
N LEU A 109 -9.60 -8.43 33.84
CA LEU A 109 -9.18 -9.81 34.02
C LEU A 109 -7.70 -9.99 33.67
N PHE A 110 -7.34 -9.62 32.45
CA PHE A 110 -5.97 -9.81 31.98
C PHE A 110 -4.96 -9.00 32.78
N LEU A 111 -5.22 -7.71 32.97
CA LEU A 111 -4.31 -6.89 33.77
C LEU A 111 -4.30 -7.42 35.22
N GLY A 112 -5.46 -7.88 35.70
CA GLY A 112 -5.56 -8.36 37.06
C GLY A 112 -4.75 -9.62 37.33
N SER A 113 -4.65 -10.47 36.32
CA SER A 113 -3.94 -11.74 36.46
C SER A 113 -2.41 -11.61 36.46
N VAL A 114 -1.88 -10.41 36.30
CA VAL A 114 -0.45 -10.26 36.13
C VAL A 114 0.26 -10.57 37.44
N GLU A 115 -0.42 -10.31 38.54
CA GLU A 115 0.14 -10.51 39.87
C GLU A 115 -0.84 -11.41 40.60
N GLY A 116 -1.50 -12.27 39.83
CA GLY A 116 -2.47 -13.21 40.36
C GLY A 116 -3.55 -12.55 41.22
N PHE A 117 -3.88 -11.32 40.89
CA PHE A 117 -4.90 -10.56 41.61
C PHE A 117 -4.55 -10.30 43.07
N SER A 118 -3.26 -10.31 43.41
CA SER A 118 -2.85 -9.94 44.76
C SER A 118 -3.39 -8.57 45.16
N THR A 119 -3.50 -8.33 46.45
CA THR A 119 -3.94 -7.03 46.95
C THR A 119 -2.79 -6.28 47.61
N SER A 120 -1.65 -6.96 47.74
CA SER A 120 -0.51 -6.35 48.43
C SER A 120 0.21 -5.33 47.55
N PRO A 121 0.79 -4.31 48.19
CA PRO A 121 1.70 -3.36 47.55
C PRO A 121 2.90 -4.07 46.93
N GLN A 122 3.70 -3.34 46.17
CA GLN A 122 4.88 -3.89 45.52
C GLN A 122 5.91 -2.80 45.31
N ALA A 123 7.16 -3.17 45.10
CA ALA A 123 8.22 -2.20 44.82
C ALA A 123 7.86 -1.49 43.54
N CYS A 124 8.11 -0.18 43.49
CA CYS A 124 7.91 0.57 42.26
C CYS A 124 8.88 0.05 41.23
N SER A 125 8.36 -0.40 40.09
CA SER A 125 9.22 -0.89 39.02
C SER A 125 10.12 0.22 38.48
N TYR A 126 9.75 1.47 38.72
CA TYR A 126 10.58 2.60 38.32
C TYR A 126 11.50 3.05 39.44
N ASP A 127 11.39 2.42 40.61
CA ASP A 127 12.25 2.76 41.74
C ASP A 127 12.09 1.72 42.84
N LYS A 128 13.08 0.85 42.97
CA LYS A 128 12.97 -0.29 43.87
C LYS A 128 12.89 0.14 45.31
N THR A 129 13.36 1.35 45.58
CA THR A 129 13.45 1.82 46.96
C THR A 129 12.09 2.19 47.50
N LYS A 130 11.13 2.42 46.60
CA LYS A 130 9.81 2.91 47.00
C LYS A 130 8.72 1.85 46.81
N THR A 131 7.60 2.06 47.49
CA THR A 131 6.49 1.12 47.37
C THR A 131 5.38 1.70 46.49
N CYS A 132 4.88 0.90 45.55
CA CYS A 132 3.79 1.35 44.67
C CYS A 132 2.51 0.54 44.93
N LYS A 133 1.38 1.13 44.55
CA LYS A 133 0.08 0.51 44.68
C LYS A 133 0.06 -0.80 43.90
N PRO A 134 -0.76 -1.77 44.32
CA PRO A 134 -0.77 -3.08 43.66
C PRO A 134 -1.15 -3.02 42.17
N ALA A 135 -0.60 -3.94 41.38
CA ALA A 135 -0.98 -4.06 39.99
C ALA A 135 -2.50 -4.17 39.86
N LEU A 136 -3.15 -4.65 40.91
CA LEU A 136 -4.60 -4.86 40.89
C LEU A 136 -5.34 -3.53 40.78
N ALA A 137 -4.85 -2.53 41.50
CA ALA A 137 -5.44 -1.20 41.47
C ALA A 137 -5.45 -0.67 40.04
N THR A 138 -4.31 -0.74 39.39
CA THR A 138 -4.16 -0.29 38.03
C THR A 138 -5.08 -1.07 37.10
N ALA A 139 -5.20 -2.38 37.35
CA ALA A 139 -6.10 -3.20 36.54
C ALA A 139 -7.52 -2.67 36.63
N ILE A 140 -7.86 -2.16 37.81
CA ILE A 140 -9.17 -1.58 38.08
C ILE A 140 -9.33 -0.19 37.42
N PHE A 141 -8.38 0.70 37.70
CA PHE A 141 -8.43 2.05 37.19
C PHE A 141 -8.23 2.14 35.67
N SER A 142 -7.51 1.19 35.09
CA SER A 142 -7.37 1.14 33.65
C SER A 142 -8.73 0.85 33.03
N THR A 143 -9.53 0.06 33.73
CA THR A 143 -10.89 -0.25 33.29
C THR A 143 -11.75 1.01 33.37
N VAL A 144 -11.59 1.76 34.46
CA VAL A 144 -12.33 3.02 34.65
C VAL A 144 -12.01 4.07 33.58
N SER A 145 -10.73 4.24 33.27
CA SER A 145 -10.35 5.23 32.27
C SER A 145 -10.76 4.76 30.88
N PHE A 146 -10.68 3.45 30.65
CA PHE A 146 -11.17 2.88 29.40
C PHE A 146 -12.66 3.26 29.15
N LEU A 147 -13.51 2.90 30.10
CA LEU A 147 -14.92 3.25 30.04
C LEU A 147 -15.12 4.75 29.89
N LEU A 148 -14.35 5.52 30.66
CA LEU A 148 -14.42 6.98 30.56
C LEU A 148 -14.14 7.46 29.13
N GLY A 149 -13.05 6.98 28.55
CA GLY A 149 -12.68 7.34 27.19
C GLY A 149 -13.71 6.83 26.19
N GLY A 150 -14.23 5.63 26.45
CA GLY A 150 -15.22 5.07 25.55
C GLY A 150 -16.41 6.00 25.49
N VAL A 151 -16.87 6.40 26.67
CA VAL A 151 -18.07 7.21 26.80
C VAL A 151 -17.86 8.59 26.21
N THR A 152 -16.74 9.21 26.55
CA THR A 152 -16.42 10.53 26.04
C THR A 152 -16.33 10.52 24.51
N SER A 153 -15.86 9.42 23.95
CA SER A 153 -15.73 9.31 22.51
C SER A 153 -17.11 9.26 21.87
N LEU A 154 -18.05 8.62 22.56
CA LEU A 154 -19.42 8.52 22.10
C LEU A 154 -20.09 9.90 22.11
N VAL A 155 -19.86 10.64 23.19
CA VAL A 155 -20.41 11.97 23.34
C VAL A 155 -19.85 12.95 22.28
N SER A 156 -18.57 12.78 21.95
CA SER A 156 -17.93 13.61 20.94
C SER A 156 -18.63 13.46 19.58
N GLY A 157 -18.95 12.23 19.22
CA GLY A 157 -19.58 11.97 17.94
C GLY A 157 -21.03 12.41 17.97
N PHE A 158 -21.72 12.13 19.08
CA PHE A 158 -23.11 12.51 19.23
C PHE A 158 -23.33 14.03 19.19
N LEU A 159 -22.45 14.76 19.88
CA LEU A 159 -22.52 16.21 19.92
C LEU A 159 -22.29 16.82 18.55
N GLY A 160 -21.25 16.35 17.87
CA GLY A 160 -20.95 16.82 16.53
C GLY A 160 -22.15 16.62 15.63
N MET A 161 -22.86 15.51 15.85
CA MET A 161 -23.99 15.13 15.03
C MET A 161 -25.19 16.05 15.30
N LYS A 162 -25.46 16.31 16.59
CA LYS A 162 -26.49 17.25 16.98
C LYS A 162 -26.24 18.64 16.39
N ILE A 163 -25.03 19.19 16.53
CA ILE A 163 -24.78 20.51 15.94
C ILE A 163 -24.91 20.49 14.41
N ALA A 164 -24.36 19.47 13.75
CA ALA A 164 -24.41 19.42 12.28
C ALA A 164 -25.83 19.30 11.72
N THR A 165 -26.67 18.51 12.37
CA THR A 165 -28.03 18.32 11.92
C THR A 165 -28.91 19.51 12.28
N TYR A 166 -28.38 20.35 13.18
CA TYR A 166 -29.03 21.60 13.55
C TYR A 166 -28.63 22.73 12.57
N ALA A 167 -27.39 22.71 12.10
CA ALA A 167 -26.86 23.81 11.31
C ALA A 167 -27.09 23.67 9.81
N ASN A 168 -27.31 22.43 9.38
CA ASN A 168 -27.36 22.16 7.94
C ASN A 168 -28.38 23.00 7.15
N ALA A 169 -29.64 22.99 7.57
CA ALA A 169 -30.70 23.71 6.88
C ALA A 169 -30.57 25.22 7.08
N ARG A 170 -29.93 25.63 8.18
CA ARG A 170 -29.73 27.04 8.45
C ARG A 170 -28.69 27.60 7.50
N THR A 171 -27.69 26.78 7.21
CA THR A 171 -26.71 27.09 6.16
C THR A 171 -27.43 27.23 4.80
N THR A 172 -28.41 26.37 4.53
CA THR A 172 -29.18 26.42 3.29
C THR A 172 -29.89 27.77 3.13
N LEU A 173 -30.73 28.11 4.11
CA LEU A 173 -31.48 29.36 4.11
C LEU A 173 -30.57 30.58 3.98
N GLU A 174 -29.49 30.60 4.75
CA GLU A 174 -28.53 31.70 4.70
C GLU A 174 -27.87 31.85 3.34
N ALA A 175 -27.90 30.79 2.53
CA ALA A 175 -27.28 30.84 1.20
C ALA A 175 -28.14 31.68 0.24
N ARG A 176 -29.39 31.93 0.62
CA ARG A 176 -30.25 32.81 -0.18
C ARG A 176 -29.65 34.22 -0.24
N LYS A 177 -28.88 34.58 0.78
CA LYS A 177 -28.20 35.88 0.81
C LYS A 177 -26.81 35.86 0.16
N GLY A 178 -26.17 34.70 0.07
CA GLY A 178 -24.89 34.58 -0.62
C GLY A 178 -23.91 33.63 0.05
N VAL A 179 -22.84 33.26 -0.66
CA VAL A 179 -21.82 32.35 -0.12
C VAL A 179 -21.32 32.78 1.25
N GLY A 180 -20.92 34.04 1.36
CA GLY A 180 -20.36 34.59 2.59
C GLY A 180 -21.21 34.28 3.81
N LYS A 181 -22.50 34.54 3.71
CA LYS A 181 -23.37 34.37 4.86
C LYS A 181 -23.49 32.90 5.24
N ALA A 182 -23.77 32.05 4.27
CA ALA A 182 -23.78 30.60 4.49
C ALA A 182 -22.45 30.06 5.09
N PHE A 183 -21.33 30.50 4.54
CA PHE A 183 -20.01 30.14 5.04
C PHE A 183 -19.93 30.37 6.57
N ILE A 184 -20.35 31.54 7.00
CA ILE A 184 -20.31 31.91 8.40
C ILE A 184 -21.11 30.92 9.25
N THR A 185 -22.36 30.65 8.88
CA THR A 185 -23.19 29.76 9.70
C THR A 185 -22.67 28.30 9.71
N ALA A 186 -21.97 27.90 8.64
CA ALA A 186 -21.37 26.57 8.56
C ALA A 186 -20.05 26.49 9.33
N PHE A 187 -19.25 27.55 9.26
CA PHE A 187 -17.99 27.58 9.99
C PHE A 187 -18.22 27.73 11.50
N ARG A 188 -19.17 28.58 11.86
CA ARG A 188 -19.48 28.84 13.26
C ARG A 188 -19.90 27.55 13.92
N SER A 189 -20.71 26.80 13.18
CA SER A 189 -21.23 25.54 13.65
C SER A 189 -20.14 24.46 13.70
N GLY A 190 -19.25 24.47 12.70
CA GLY A 190 -18.09 23.61 12.70
C GLY A 190 -17.25 23.89 13.93
N ALA A 191 -17.22 25.16 14.32
CA ALA A 191 -16.48 25.57 15.51
C ALA A 191 -17.24 25.17 16.77
N VAL A 192 -18.56 25.05 16.68
CA VAL A 192 -19.32 24.59 17.83
C VAL A 192 -18.81 23.20 18.18
N MET A 193 -18.68 22.35 17.16
CA MET A 193 -18.20 21.00 17.36
C MET A 193 -16.73 20.95 17.84
N GLY A 194 -15.86 21.66 17.12
CA GLY A 194 -14.44 21.74 17.43
C GLY A 194 -14.18 22.13 18.86
N PHE A 195 -14.76 23.25 19.29
CA PHE A 195 -14.56 23.73 20.65
C PHE A 195 -15.16 22.84 21.74
N LEU A 196 -16.36 22.32 21.50
CA LEU A 196 -16.99 21.40 22.43
C LEU A 196 -16.14 20.16 22.65
N LEU A 197 -15.68 19.58 21.55
CA LEU A 197 -14.94 18.32 21.61
C LEU A 197 -13.59 18.47 22.32
N ALA A 198 -12.83 19.50 21.97
CA ALA A 198 -11.55 19.76 22.60
C ALA A 198 -11.67 20.06 24.10
N ALA A 199 -12.65 20.87 24.48
CA ALA A 199 -12.74 21.32 25.86
C ALA A 199 -13.22 20.18 26.73
N ASN A 200 -14.21 19.44 26.23
CA ASN A 200 -14.75 18.31 26.98
C ASN A 200 -13.74 17.17 27.15
N GLY A 201 -12.94 16.93 26.11
CA GLY A 201 -11.92 15.90 26.16
C GLY A 201 -10.81 16.29 27.14
N LEU A 202 -10.44 17.57 27.10
CA LEU A 202 -9.48 18.13 28.04
C LEU A 202 -9.99 17.98 29.46
N LEU A 203 -11.18 18.52 29.72
CA LEU A 203 -11.76 18.55 31.06
C LEU A 203 -11.87 17.17 31.69
N VAL A 204 -12.45 16.23 30.94
CA VAL A 204 -12.64 14.86 31.43
C VAL A 204 -11.32 14.25 31.86
N LEU A 205 -10.32 14.36 30.99
CA LEU A 205 -8.99 13.85 31.27
C LEU A 205 -8.44 14.49 32.55
N TYR A 206 -8.57 15.81 32.62
CA TYR A 206 -8.17 16.58 33.80
C TYR A 206 -8.89 16.06 35.05
N ILE A 207 -10.19 15.84 34.95
CA ILE A 207 -10.94 15.31 36.07
C ILE A 207 -10.42 13.91 36.43
N ALA A 208 -10.27 13.06 35.43
CA ALA A 208 -9.87 11.67 35.64
C ALA A 208 -8.54 11.60 36.38
N ILE A 209 -7.60 12.45 35.99
CA ILE A 209 -6.28 12.47 36.60
C ILE A 209 -6.38 12.86 38.07
N ASN A 210 -7.09 13.95 38.36
CA ASN A 210 -7.28 14.39 39.74
C ASN A 210 -8.04 13.36 40.59
N LEU A 211 -9.01 12.67 40.01
CA LEU A 211 -9.69 11.62 40.76
C LEU A 211 -8.75 10.43 41.02
N PHE A 212 -7.98 10.04 40.01
CA PHE A 212 -7.13 8.88 40.14
C PHE A 212 -6.05 9.18 41.18
N LYS A 213 -5.65 10.45 41.25
CA LYS A 213 -4.54 10.84 42.11
C LYS A 213 -4.87 10.67 43.60
N ILE A 214 -6.14 10.85 43.93
CA ILE A 214 -6.61 10.70 45.31
C ILE A 214 -6.23 9.34 45.87
N TYR A 215 -6.30 8.32 45.02
CA TYR A 215 -5.93 6.97 45.42
C TYR A 215 -4.44 6.73 45.25
N TYR A 216 -3.88 7.16 44.13
CA TYR A 216 -2.48 6.87 43.84
C TYR A 216 -1.49 7.67 44.70
N GLY A 217 -1.90 8.85 45.13
CA GLY A 217 -1.02 9.72 45.88
C GLY A 217 0.30 9.87 45.16
N ASP A 218 1.38 9.38 45.79
CA ASP A 218 2.74 9.54 45.27
C ASP A 218 3.12 8.57 44.14
N ASP A 219 2.35 7.51 43.95
CA ASP A 219 2.61 6.57 42.87
C ASP A 219 2.12 7.12 41.50
N TRP A 220 2.87 8.07 40.95
CA TRP A 220 2.47 8.71 39.71
C TRP A 220 2.58 7.82 38.48
N GLY A 221 3.57 6.93 38.46
CA GLY A 221 3.65 5.94 37.42
C GLY A 221 2.36 5.13 37.34
N GLY A 222 1.88 4.65 38.47
CA GLY A 222 0.64 3.89 38.48
C GLY A 222 -0.53 4.78 38.07
N LEU A 223 -0.52 6.02 38.55
CA LEU A 223 -1.55 7.00 38.27
C LEU A 223 -1.71 7.11 36.77
N PHE A 224 -0.61 7.47 36.12
CA PHE A 224 -0.63 7.79 34.70
C PHE A 224 -0.65 6.58 33.79
N HIS A 225 -0.11 5.47 34.26
CA HIS A 225 -0.26 4.22 33.52
C HIS A 225 -1.71 3.76 33.49
N ALA A 226 -2.44 3.97 34.57
CA ALA A 226 -3.87 3.66 34.60
C ALA A 226 -4.64 4.61 33.67
N ILE A 227 -4.20 5.86 33.66
CA ILE A 227 -4.88 6.91 32.92
C ILE A 227 -4.88 6.63 31.40
N THR A 228 -3.90 5.87 30.92
CA THR A 228 -3.81 5.58 29.49
C THR A 228 -4.98 4.75 28.93
N GLY A 229 -5.81 4.20 29.81
CA GLY A 229 -6.98 3.48 29.34
C GLY A 229 -7.90 4.43 28.61
N TYR A 230 -7.81 5.70 28.98
CA TYR A 230 -8.65 6.76 28.44
C TYR A 230 -8.54 6.82 26.91
N GLY A 231 -7.32 6.78 26.41
CA GLY A 231 -7.09 6.77 24.96
C GLY A 231 -7.45 5.43 24.35
N LEU A 232 -7.20 4.34 25.06
CA LEU A 232 -7.64 3.04 24.58
C LEU A 232 -9.15 3.06 24.44
N GLY A 233 -9.83 3.59 25.47
CA GLY A 233 -11.27 3.78 25.42
C GLY A 233 -11.69 4.58 24.19
N GLY A 234 -11.18 5.81 24.09
CA GLY A 234 -11.50 6.68 22.98
C GLY A 234 -11.40 6.05 21.61
N SER A 235 -10.28 5.38 21.37
CA SER A 235 -10.02 4.88 20.02
C SER A 235 -10.73 3.56 19.68
N SER A 236 -11.00 2.74 20.69
CA SER A 236 -11.78 1.54 20.43
C SER A 236 -13.16 1.93 19.95
N MET A 237 -13.79 2.82 20.68
CA MET A 237 -15.11 3.29 20.34
C MET A 237 -15.05 4.00 18.97
N ALA A 238 -14.01 4.80 18.76
CA ALA A 238 -13.82 5.48 17.47
C ALA A 238 -13.75 4.53 16.30
N LEU A 239 -13.01 3.44 16.45
CA LEU A 239 -12.89 2.48 15.36
C LEU A 239 -14.26 2.06 14.81
N PHE A 240 -15.12 1.57 15.69
CA PHE A 240 -16.46 1.18 15.28
C PHE A 240 -17.28 2.36 14.74
N GLY A 241 -17.18 3.51 15.41
CA GLY A 241 -17.83 4.72 14.94
C GLY A 241 -17.42 5.10 13.51
N ARG A 242 -16.14 4.95 13.18
CA ARG A 242 -15.65 5.34 11.86
C ARG A 242 -16.07 4.37 10.75
N VAL A 243 -16.06 3.08 11.07
CA VAL A 243 -16.31 2.06 10.07
C VAL A 243 -17.80 1.86 9.88
N GLY A 244 -18.52 1.74 11.00
CA GLY A 244 -19.98 1.73 10.99
C GLY A 244 -20.53 2.89 10.19
N GLY A 245 -20.34 4.11 10.70
CA GLY A 245 -20.73 5.31 10.00
C GLY A 245 -20.22 5.32 8.57
N GLY A 246 -18.97 4.92 8.40
CA GLY A 246 -18.35 4.90 7.11
C GLY A 246 -19.03 4.01 6.10
N ILE A 247 -19.44 2.82 6.54
CA ILE A 247 -20.15 1.90 5.63
C ILE A 247 -21.57 2.43 5.31
N TYR A 248 -22.27 2.84 6.36
CA TYR A 248 -23.59 3.44 6.24
C TYR A 248 -23.56 4.48 5.15
N THR A 249 -22.66 5.46 5.27
CA THR A 249 -22.77 6.59 4.37
C THR A 249 -22.37 6.27 2.91
N LYS A 250 -21.35 5.44 2.72
CA LYS A 250 -20.89 5.25 1.34
C LYS A 250 -21.80 4.34 0.52
N ALA A 251 -22.48 3.42 1.21
CA ALA A 251 -23.48 2.56 0.57
C ALA A 251 -24.56 3.43 -0.10
N ALA A 252 -25.02 4.45 0.60
CA ALA A 252 -26.04 5.37 0.09
C ALA A 252 -25.47 6.24 -1.03
N ASP A 253 -24.30 6.82 -0.76
CA ASP A 253 -23.65 7.77 -1.65
C ASP A 253 -23.37 7.19 -3.03
N VAL A 254 -22.80 5.99 -3.04
CA VAL A 254 -22.53 5.31 -4.30
C VAL A 254 -23.83 4.97 -5.03
N GLY A 255 -24.79 4.42 -4.30
CA GLY A 255 -26.06 4.03 -4.90
C GLY A 255 -26.84 5.21 -5.48
N ALA A 256 -27.00 6.25 -4.66
CA ALA A 256 -27.67 7.46 -5.10
C ALA A 256 -26.99 8.02 -6.35
N ASP A 257 -25.67 8.17 -6.29
CA ASP A 257 -24.95 8.83 -7.39
C ASP A 257 -24.96 8.02 -8.69
N LEU A 258 -24.72 6.72 -8.61
CA LEU A 258 -24.65 5.93 -9.85
C LEU A 258 -26.00 5.89 -10.59
N VAL A 259 -27.08 5.49 -9.92
CA VAL A 259 -28.38 5.40 -10.62
C VAL A 259 -28.90 6.79 -11.00
N GLY A 260 -29.06 7.66 -10.00
CA GLY A 260 -29.43 9.05 -10.22
C GLY A 260 -28.63 9.75 -11.30
N LYS A 261 -27.35 10.03 -11.06
CA LYS A 261 -26.54 10.86 -11.96
C LYS A 261 -26.06 10.16 -13.24
N VAL A 262 -25.60 8.92 -13.11
CA VAL A 262 -25.00 8.22 -14.24
C VAL A 262 -26.06 7.57 -15.09
N GLU A 263 -27.05 6.95 -14.45
CA GLU A 263 -28.10 6.18 -15.15
C GLU A 263 -29.32 7.01 -15.56
N ARG A 264 -29.98 7.63 -14.59
CA ARG A 264 -31.22 8.35 -14.82
C ARG A 264 -31.04 9.83 -15.15
N ASN A 265 -29.79 10.30 -15.27
CA ASN A 265 -29.56 11.68 -15.71
C ASN A 265 -30.33 12.77 -14.96
N ILE A 266 -30.46 12.63 -13.64
CA ILE A 266 -31.14 13.65 -12.82
C ILE A 266 -30.11 14.30 -11.88
N PRO A 267 -30.45 15.46 -11.28
CA PRO A 267 -29.49 16.13 -10.38
C PRO A 267 -29.00 15.28 -9.19
N GLU A 268 -27.93 15.72 -8.52
CA GLU A 268 -27.25 14.90 -7.53
C GLU A 268 -28.13 14.51 -6.33
N ASP A 269 -28.72 15.48 -5.66
CA ASP A 269 -29.44 15.12 -4.43
C ASP A 269 -30.94 15.24 -4.67
N ASP A 270 -31.35 14.83 -5.87
CA ASP A 270 -32.72 14.98 -6.34
C ASP A 270 -33.69 14.24 -5.43
N PRO A 271 -34.74 14.93 -4.96
CA PRO A 271 -35.70 14.31 -4.02
C PRO A 271 -36.43 13.13 -4.64
N ARG A 272 -36.34 12.97 -5.97
CA ARG A 272 -36.86 11.74 -6.58
C ARG A 272 -36.04 10.51 -6.21
N ASN A 273 -34.77 10.73 -5.90
CA ASN A 273 -33.85 9.63 -5.62
C ASN A 273 -34.09 9.09 -4.21
N PRO A 274 -34.47 7.80 -4.11
CA PRO A 274 -34.84 7.23 -2.80
C PRO A 274 -33.67 7.12 -1.83
N ALA A 275 -32.43 7.20 -2.30
CA ALA A 275 -31.27 7.08 -1.40
C ALA A 275 -30.71 8.42 -0.88
N VAL A 276 -31.30 9.54 -1.29
CA VAL A 276 -30.81 10.85 -0.89
C VAL A 276 -30.86 11.14 0.61
N ILE A 277 -31.96 10.79 1.26
CA ILE A 277 -32.05 10.95 2.71
C ILE A 277 -30.92 10.16 3.38
N ALA A 278 -30.78 8.89 2.98
CA ALA A 278 -29.73 8.06 3.56
C ALA A 278 -28.36 8.71 3.35
N ASP A 279 -28.14 9.25 2.16
CA ASP A 279 -26.89 9.93 1.80
C ASP A 279 -26.60 11.12 2.72
N ASN A 280 -27.56 12.03 2.82
CA ASN A 280 -27.37 13.18 3.71
C ASN A 280 -27.26 12.88 5.20
N VAL A 281 -28.01 11.87 5.67
CA VAL A 281 -27.89 11.42 7.04
C VAL A 281 -26.48 10.87 7.18
N GLY A 282 -26.07 10.14 6.16
CA GLY A 282 -24.74 9.55 6.09
C GLY A 282 -23.62 10.53 6.42
N ASP A 283 -23.75 11.77 5.95
CA ASP A 283 -22.74 12.78 6.20
C ASP A 283 -22.59 13.06 7.70
N ASN A 284 -23.69 13.02 8.44
CA ASN A 284 -23.63 13.36 9.86
C ASN A 284 -23.13 12.19 10.69
N VAL A 285 -23.32 11.02 10.12
CA VAL A 285 -23.19 9.77 10.85
C VAL A 285 -21.79 9.19 10.61
N GLY A 286 -21.21 9.52 9.45
CA GLY A 286 -19.83 9.16 9.14
C GLY A 286 -18.88 10.35 9.24
N ASP A 287 -19.02 11.30 8.30
CA ASP A 287 -18.08 12.41 8.19
C ASP A 287 -18.08 13.31 9.43
N ILE A 288 -19.11 13.18 10.26
CA ILE A 288 -19.20 13.99 11.47
C ILE A 288 -18.98 13.14 12.74
N ALA A 289 -19.94 12.27 13.04
CA ALA A 289 -19.91 11.49 14.28
C ALA A 289 -18.67 10.59 14.35
N GLY A 290 -18.39 9.86 13.28
CA GLY A 290 -17.24 8.96 13.22
C GLY A 290 -15.94 9.73 13.26
N MET A 291 -15.85 10.74 12.40
CA MET A 291 -14.72 11.67 12.40
C MET A 291 -14.48 12.29 13.76
N GLY A 292 -15.55 12.66 14.45
CA GLY A 292 -15.43 13.32 15.74
C GLY A 292 -14.80 12.40 16.75
N SER A 293 -15.28 11.16 16.79
CA SER A 293 -14.73 10.11 17.65
C SER A 293 -13.26 9.79 17.34
N ASP A 294 -12.99 9.57 16.05
CA ASP A 294 -11.66 9.40 15.48
C ASP A 294 -10.70 10.44 16.08
N LEU A 295 -11.01 11.72 15.92
CA LEU A 295 -10.11 12.75 16.44
C LEU A 295 -10.06 12.84 17.98
N PHE A 296 -11.15 12.53 18.68
CA PHE A 296 -11.06 12.49 20.15
C PHE A 296 -9.97 11.48 20.57
N GLY A 297 -9.98 10.30 19.94
CA GLY A 297 -9.00 9.27 20.21
C GLY A 297 -7.58 9.75 19.94
N SER A 298 -7.43 10.48 18.84
CA SER A 298 -6.17 11.17 18.58
C SER A 298 -5.78 12.07 19.75
N TYR A 299 -6.70 12.91 20.20
CA TYR A 299 -6.38 13.82 21.31
C TYR A 299 -6.03 13.03 22.60
N ALA A 300 -6.85 12.04 22.93
CA ALA A 300 -6.68 11.29 24.17
C ALA A 300 -5.37 10.53 24.19
N GLU A 301 -5.07 9.82 23.11
CA GLU A 301 -3.85 9.05 23.04
C GLU A 301 -2.59 9.91 23.14
N SER A 302 -2.52 10.96 22.34
CA SER A 302 -1.36 11.86 22.41
C SER A 302 -1.12 12.40 23.82
N SER A 303 -2.19 12.84 24.46
CA SER A 303 -2.08 13.35 25.83
C SER A 303 -1.54 12.22 26.70
N CYS A 304 -2.23 11.09 26.66
CA CYS A 304 -1.87 9.93 27.47
C CYS A 304 -0.42 9.47 27.25
N ALA A 305 0.06 9.51 26.02
CA ALA A 305 1.40 9.03 25.71
C ALA A 305 2.45 9.96 26.30
N ALA A 306 2.18 11.26 26.27
CA ALA A 306 3.05 12.22 26.90
C ALA A 306 3.06 12.01 28.42
N LEU A 307 1.87 11.81 29.00
CA LEU A 307 1.78 11.57 30.44
C LEU A 307 2.51 10.32 30.91
N VAL A 308 2.30 9.15 30.29
CA VAL A 308 2.98 7.95 30.80
C VAL A 308 4.49 8.09 30.85
N VAL A 309 5.07 8.72 29.82
CA VAL A 309 6.50 8.85 29.77
C VAL A 309 7.00 9.82 30.82
N ALA A 310 6.31 10.95 30.97
CA ALA A 310 6.66 11.91 32.00
C ALA A 310 6.46 11.30 33.37
N SER A 311 5.50 10.41 33.50
CA SER A 311 5.17 9.89 34.83
C SER A 311 6.39 9.23 35.49
N ILE A 312 7.23 8.60 34.69
CA ILE A 312 8.50 8.06 35.21
C ILE A 312 9.71 8.84 34.69
N SER A 313 9.51 10.13 34.40
CA SER A 313 10.63 11.02 34.14
C SER A 313 10.80 11.91 35.35
N SER A 314 11.65 12.94 35.26
CA SER A 314 11.90 13.77 36.43
C SER A 314 10.63 14.44 36.96
N PHE A 315 9.75 14.86 36.06
CA PHE A 315 8.47 15.48 36.43
C PHE A 315 7.64 14.59 37.35
N GLY A 316 7.53 13.30 37.01
CA GLY A 316 6.73 12.38 37.80
C GLY A 316 7.46 11.90 39.05
N LEU A 317 8.73 11.54 38.89
CA LEU A 317 9.51 11.06 40.03
C LEU A 317 9.59 12.14 41.12
N ASN A 318 9.85 13.38 40.71
CA ASN A 318 9.93 14.51 41.63
C ASN A 318 8.57 15.10 41.97
N HIS A 319 7.51 14.46 41.52
CA HIS A 319 6.13 14.91 41.75
C HIS A 319 5.87 16.39 41.44
N GLU A 320 6.32 16.84 40.26
CA GLU A 320 6.17 18.24 39.86
C GLU A 320 4.93 18.47 38.97
N LEU A 321 3.80 18.84 39.58
CA LEU A 321 2.51 18.81 38.90
C LEU A 321 2.42 19.65 37.61
N THR A 322 2.83 20.91 37.69
CA THR A 322 2.80 21.79 36.51
C THR A 322 3.49 21.15 35.29
N ALA A 323 4.73 20.70 35.46
CA ALA A 323 5.47 20.09 34.36
C ALA A 323 4.85 18.76 33.91
N MET A 324 4.34 18.02 34.87
CA MET A 324 3.67 16.76 34.58
C MET A 324 2.46 16.99 33.66
N LEU A 325 1.77 18.10 33.87
CA LEU A 325 0.55 18.41 33.14
C LEU A 325 0.82 19.33 31.95
N TYR A 326 2.10 19.46 31.59
CA TYR A 326 2.52 20.22 30.41
C TYR A 326 1.64 19.99 29.18
N PRO A 327 1.41 18.72 28.80
CA PRO A 327 0.55 18.53 27.63
C PRO A 327 -0.83 19.17 27.77
N LEU A 328 -1.47 19.01 28.93
CA LEU A 328 -2.79 19.61 29.15
C LEU A 328 -2.72 21.15 29.11
N ILE A 329 -1.60 21.70 29.57
CA ILE A 329 -1.45 23.15 29.52
C ILE A 329 -1.30 23.58 28.07
N VAL A 330 -0.58 22.80 27.27
CA VAL A 330 -0.44 23.09 25.85
C VAL A 330 -1.83 23.13 25.19
N SER A 331 -2.65 22.14 25.50
CA SER A 331 -3.98 22.03 24.94
C SER A 331 -4.90 23.15 25.41
N SER A 332 -4.72 23.59 26.64
CA SER A 332 -5.57 24.63 27.22
C SER A 332 -5.34 25.90 26.43
N VAL A 333 -4.06 26.16 26.15
CA VAL A 333 -3.64 27.33 25.39
C VAL A 333 -4.05 27.22 23.91
N GLY A 334 -4.04 26.00 23.39
CA GLY A 334 -4.57 25.75 22.06
C GLY A 334 -6.01 26.20 21.94
N ILE A 335 -6.81 25.94 22.97
CA ILE A 335 -8.23 26.33 22.97
C ILE A 335 -8.36 27.84 22.81
N LEU A 336 -7.54 28.56 23.56
CA LEU A 336 -7.51 30.03 23.56
C LEU A 336 -6.99 30.59 22.22
N VAL A 337 -5.88 30.05 21.73
CA VAL A 337 -5.36 30.44 20.42
C VAL A 337 -6.42 30.25 19.34
N CYS A 338 -7.07 29.09 19.35
CA CYS A 338 -8.04 28.73 18.33
C CYS A 338 -9.28 29.61 18.37
N LEU A 339 -9.66 30.04 19.57
CA LEU A 339 -10.74 30.99 19.76
C LEU A 339 -10.38 32.25 18.98
N LEU A 340 -9.16 32.75 19.21
CA LEU A 340 -8.67 33.94 18.53
C LEU A 340 -8.69 33.77 17.02
N THR A 341 -8.06 32.70 16.55
CA THR A 341 -8.00 32.37 15.13
C THR A 341 -9.41 32.35 14.52
N THR A 342 -10.35 31.82 15.29
CA THR A 342 -11.76 31.72 14.88
C THR A 342 -12.36 33.09 14.60
N LEU A 343 -12.06 34.06 15.47
CA LEU A 343 -12.59 35.42 15.34
C LEU A 343 -12.25 36.06 14.00
N PHE A 344 -11.08 35.74 13.45
CA PHE A 344 -10.69 36.23 12.12
C PHE A 344 -11.66 35.81 11.01
N ALA A 345 -12.00 34.52 10.95
CA ALA A 345 -12.89 34.01 9.90
C ALA A 345 -14.31 34.45 10.12
N THR A 346 -14.65 34.69 11.37
CA THR A 346 -16.04 34.89 11.76
C THR A 346 -16.44 36.38 11.74
N ASP A 347 -15.48 37.27 11.96
CA ASP A 347 -15.76 38.69 12.16
C ASP A 347 -14.86 39.64 11.37
N PHE A 348 -13.56 39.66 11.69
CA PHE A 348 -12.59 40.55 11.05
C PHE A 348 -12.55 40.44 9.52
N PHE A 349 -13.26 39.46 8.97
CA PHE A 349 -13.20 39.21 7.54
C PHE A 349 -14.48 38.66 6.94
N GLU A 350 -14.60 38.91 5.64
CA GLU A 350 -15.83 38.65 4.92
C GLU A 350 -15.50 38.01 3.59
N ILE A 351 -16.33 37.06 3.19
CA ILE A 351 -16.19 36.41 1.90
C ILE A 351 -17.27 37.00 0.99
N LYS A 352 -16.89 37.32 -0.25
CA LYS A 352 -17.81 37.92 -1.21
C LYS A 352 -17.86 37.07 -2.46
N ALA A 353 -16.76 36.37 -2.74
CA ALA A 353 -16.63 35.53 -3.92
C ALA A 353 -16.23 34.10 -3.56
N VAL A 354 -16.64 33.15 -4.39
CA VAL A 354 -16.29 31.74 -4.18
C VAL A 354 -14.77 31.48 -4.10
N LYS A 355 -13.97 32.17 -4.90
CA LYS A 355 -12.54 31.91 -4.90
C LYS A 355 -11.89 32.22 -3.53
N GLU A 356 -12.66 32.84 -2.62
CA GLU A 356 -12.18 33.22 -1.29
C GLU A 356 -12.36 32.14 -0.19
N ILE A 357 -13.27 31.20 -0.43
CA ILE A 357 -13.59 30.17 0.57
C ILE A 357 -12.40 29.33 1.03
N GLU A 358 -11.75 28.66 0.08
CA GLU A 358 -10.58 27.85 0.42
C GLU A 358 -9.46 28.63 1.09
N PRO A 359 -9.17 29.87 0.61
CA PRO A 359 -8.07 30.52 1.35
C PRO A 359 -8.53 31.01 2.73
N ALA A 360 -9.84 31.26 2.91
CA ALA A 360 -10.34 31.54 4.25
C ALA A 360 -9.98 30.38 5.17
N LEU A 361 -10.38 29.18 4.76
CA LEU A 361 -10.15 27.98 5.54
C LEU A 361 -8.67 27.78 5.80
N LYS A 362 -7.85 27.96 4.76
CA LYS A 362 -6.42 27.76 4.86
C LYS A 362 -5.75 28.74 5.84
N LYS A 363 -6.27 29.95 5.88
CA LYS A 363 -5.81 30.98 6.80
C LYS A 363 -6.05 30.61 8.26
N GLN A 364 -7.16 29.92 8.54
CA GLN A 364 -7.40 29.39 9.88
C GLN A 364 -6.23 28.51 10.33
N LEU A 365 -5.72 27.68 9.43
CA LEU A 365 -4.55 26.86 9.77
C LEU A 365 -3.30 27.73 9.94
N VAL A 366 -3.14 28.71 9.05
CA VAL A 366 -1.91 29.52 9.08
C VAL A 366 -1.84 30.34 10.36
N ILE A 367 -2.89 31.11 10.59
CA ILE A 367 -3.02 31.90 11.81
C ILE A 367 -2.85 31.07 13.09
N SER A 368 -3.61 29.99 13.23
CA SER A 368 -3.53 29.16 14.42
C SER A 368 -2.13 28.61 14.63
N THR A 369 -1.50 28.13 13.56
CA THR A 369 -0.12 27.62 13.64
C THR A 369 0.87 28.68 14.11
N VAL A 370 0.67 29.92 13.65
CA VAL A 370 1.56 31.02 14.02
C VAL A 370 1.31 31.44 15.47
N LEU A 371 0.05 31.73 15.81
CA LEU A 371 -0.29 32.08 17.17
C LEU A 371 0.11 30.98 18.17
N MET A 372 -0.13 29.71 17.79
CA MET A 372 0.21 28.60 18.67
C MET A 372 1.73 28.42 18.84
N THR A 373 2.50 28.74 17.81
CA THR A 373 3.95 28.71 17.93
C THR A 373 4.40 29.64 19.07
N ILE A 374 3.84 30.86 19.08
CA ILE A 374 4.04 31.78 20.20
C ILE A 374 3.49 31.19 21.51
N GLY A 375 2.31 30.57 21.46
CA GLY A 375 1.66 30.03 22.64
C GLY A 375 2.50 28.95 23.28
N VAL A 376 3.09 28.11 22.44
CA VAL A 376 3.88 27.02 22.95
C VAL A 376 5.17 27.57 23.55
N ALA A 377 5.74 28.60 22.91
CA ALA A 377 6.92 29.29 23.45
C ALA A 377 6.69 29.74 24.88
N VAL A 378 5.67 30.57 25.08
CA VAL A 378 5.25 30.98 26.41
C VAL A 378 5.06 29.78 27.36
N VAL A 379 4.23 28.83 26.99
CA VAL A 379 3.98 27.67 27.84
C VAL A 379 5.27 26.88 28.17
N SER A 380 6.17 26.80 27.21
CA SER A 380 7.42 26.10 27.44
C SER A 380 8.31 26.92 28.39
N PHE A 381 8.13 28.24 28.36
CA PHE A 381 8.88 29.14 29.24
C PHE A 381 8.43 29.03 30.70
N VAL A 382 7.12 29.05 30.94
CA VAL A 382 6.59 29.15 32.30
C VAL A 382 6.21 27.84 32.98
N ALA A 383 6.11 26.75 32.21
CA ALA A 383 5.62 25.48 32.77
C ALA A 383 6.69 24.38 32.82
N LEU A 384 7.88 24.73 32.36
CA LEU A 384 8.99 23.80 32.37
C LEU A 384 10.19 24.39 33.11
N PRO A 385 10.79 23.61 34.02
CA PRO A 385 12.10 24.07 34.51
C PRO A 385 13.04 24.00 33.32
N THR A 386 14.10 24.82 33.30
CA THR A 386 15.00 24.85 32.15
C THR A 386 15.74 23.52 31.95
N SER A 387 15.82 22.70 33.00
CA SER A 387 16.46 21.39 32.89
C SER A 387 15.69 20.30 33.63
N PHE A 388 15.71 19.10 33.06
CA PHE A 388 14.99 17.97 33.61
C PHE A 388 15.47 16.72 32.89
N THR A 389 14.95 15.57 33.31
CA THR A 389 15.31 14.35 32.63
C THR A 389 14.09 13.65 32.08
N ILE A 390 14.23 13.06 30.91
CA ILE A 390 13.17 12.28 30.30
C ILE A 390 13.60 10.84 30.29
N PHE A 391 12.79 9.97 30.89
CA PHE A 391 13.01 8.54 30.79
C PHE A 391 13.29 8.16 29.35
N ASN A 392 14.30 7.32 29.15
CA ASN A 392 14.75 6.91 27.82
C ASN A 392 15.31 5.49 27.86
N PHE A 393 14.41 4.51 27.81
CA PHE A 393 14.78 3.11 27.75
C PHE A 393 15.64 2.68 28.93
N GLY A 394 15.32 3.22 30.11
CA GLY A 394 15.95 2.80 31.35
C GLY A 394 16.89 3.82 31.94
N VAL A 395 17.16 4.89 31.21
CA VAL A 395 18.15 5.85 31.62
C VAL A 395 17.53 7.24 31.58
N GLN A 396 17.80 8.06 32.60
CA GLN A 396 17.31 9.42 32.59
C GLN A 396 18.11 10.27 31.62
N LYS A 397 17.50 10.66 30.50
CA LYS A 397 18.13 11.51 29.51
C LYS A 397 17.95 12.97 29.92
N ASP A 398 19.02 13.75 29.86
CA ASP A 398 18.97 15.15 30.23
C ASP A 398 18.35 15.90 29.06
N VAL A 399 17.33 16.70 29.35
CA VAL A 399 16.64 17.46 28.30
C VAL A 399 16.41 18.89 28.77
N LYS A 400 16.56 19.86 27.85
CA LYS A 400 16.35 21.28 28.15
C LYS A 400 14.99 21.74 27.63
N SER A 401 14.39 22.74 28.30
CA SER A 401 13.06 23.21 27.91
C SER A 401 12.94 23.81 26.50
N TRP A 402 14.04 24.31 25.94
CA TRP A 402 13.99 24.81 24.57
C TRP A 402 14.06 23.66 23.58
N GLN A 403 14.66 22.54 23.97
CA GLN A 403 14.56 21.36 23.12
C GLN A 403 13.11 20.84 23.06
N LEU A 404 12.42 20.89 24.19
CA LEU A 404 11.03 20.48 24.23
C LEU A 404 10.16 21.37 23.37
N PHE A 405 10.45 22.67 23.38
CA PHE A 405 9.65 23.62 22.58
C PHE A 405 9.73 23.19 21.13
N LEU A 406 10.95 22.88 20.69
CA LEU A 406 11.15 22.41 19.34
C LEU A 406 10.43 21.09 19.04
N CYS A 407 10.30 20.22 20.05
CA CYS A 407 9.55 18.97 19.87
C CYS A 407 8.09 19.21 19.47
N VAL A 408 7.38 20.02 20.25
CA VAL A 408 5.99 20.32 19.94
C VAL A 408 5.87 21.23 18.73
N ALA A 409 6.85 22.11 18.55
CA ALA A 409 6.79 23.02 17.41
C ALA A 409 6.99 22.25 16.11
N VAL A 410 7.85 21.22 16.14
CA VAL A 410 8.08 20.50 14.89
C VAL A 410 6.86 19.69 14.43
N GLY A 411 6.05 19.22 15.38
CA GLY A 411 4.82 18.51 15.05
C GLY A 411 3.79 19.48 14.55
N LEU A 412 3.72 20.61 15.24
CA LEU A 412 2.75 21.65 14.89
C LEU A 412 3.03 22.18 13.48
N TRP A 413 4.30 22.31 13.13
CA TRP A 413 4.65 22.77 11.79
C TRP A 413 4.57 21.68 10.71
N ALA A 414 4.86 20.44 11.09
CA ALA A 414 4.69 19.31 10.18
C ALA A 414 3.20 19.24 9.80
N GLY A 415 2.33 19.51 10.77
CA GLY A 415 0.90 19.49 10.53
C GLY A 415 0.55 20.48 9.44
N LEU A 416 1.04 21.71 9.58
CA LEU A 416 0.74 22.75 8.62
C LEU A 416 1.26 22.39 7.24
N ILE A 417 2.50 21.90 7.18
CA ILE A 417 3.06 21.50 5.89
C ILE A 417 2.13 20.50 5.26
N ILE A 418 1.71 19.51 6.06
CA ILE A 418 0.83 18.46 5.60
C ILE A 418 -0.48 19.05 5.05
N GLY A 419 -1.03 20.04 5.73
CA GLY A 419 -2.21 20.73 5.24
C GLY A 419 -2.02 21.31 3.84
N PHE A 420 -0.90 22.01 3.63
CA PHE A 420 -0.60 22.67 2.37
C PHE A 420 -0.47 21.70 1.22
N VAL A 421 0.34 20.67 1.44
CA VAL A 421 0.56 19.61 0.45
C VAL A 421 -0.74 18.90 0.10
N THR A 422 -1.55 18.65 1.12
CA THR A 422 -2.80 17.94 0.91
C THR A 422 -3.76 18.82 0.13
N GLU A 423 -3.77 20.11 0.44
CA GLU A 423 -4.56 21.06 -0.32
C GLU A 423 -4.13 21.05 -1.79
N TYR A 424 -2.82 21.00 -2.02
CA TYR A 424 -2.31 21.06 -3.38
C TYR A 424 -2.76 19.85 -4.17
N TYR A 425 -2.98 18.73 -3.49
CA TYR A 425 -3.30 17.50 -4.19
C TYR A 425 -4.79 17.21 -4.33
N THR A 426 -5.62 17.92 -3.56
CA THR A 426 -7.06 17.62 -3.56
C THR A 426 -7.99 18.77 -4.02
N SER A 427 -7.43 19.99 -4.06
CA SER A 427 -8.17 21.17 -4.52
C SER A 427 -8.17 21.28 -6.05
N ASN A 428 -9.35 21.62 -6.63
CA ASN A 428 -9.43 21.80 -8.09
C ASN A 428 -8.89 23.16 -8.55
N ALA A 429 -8.28 23.91 -7.63
CA ALA A 429 -7.58 25.15 -7.97
C ALA A 429 -6.21 24.86 -8.54
N TYR A 430 -5.73 23.62 -8.39
CA TYR A 430 -4.37 23.27 -8.76
C TYR A 430 -4.33 22.20 -9.84
N SER A 431 -3.17 22.03 -10.46
CA SER A 431 -3.07 21.20 -11.66
C SER A 431 -3.30 19.67 -11.48
N PRO A 432 -2.86 19.08 -10.33
CA PRO A 432 -3.08 17.63 -10.17
C PRO A 432 -4.53 17.21 -10.41
N VAL A 433 -5.46 17.85 -9.71
CA VAL A 433 -6.86 17.46 -9.80
C VAL A 433 -7.43 17.86 -11.17
N GLN A 434 -7.01 19.02 -11.65
CA GLN A 434 -7.42 19.51 -12.96
C GLN A 434 -7.04 18.55 -14.08
N ASP A 435 -5.85 17.97 -13.95
CA ASP A 435 -5.40 16.94 -14.87
C ASP A 435 -6.26 15.70 -14.71
N VAL A 436 -6.61 15.39 -13.47
CA VAL A 436 -7.47 14.24 -13.22
C VAL A 436 -8.82 14.43 -13.89
N ALA A 437 -9.42 15.60 -13.68
CA ALA A 437 -10.66 15.98 -14.37
C ALA A 437 -10.43 15.91 -15.86
N ASP A 438 -9.34 16.52 -16.32
CA ASP A 438 -9.04 16.50 -17.74
C ASP A 438 -8.94 15.10 -18.34
N SER A 439 -8.46 14.14 -17.55
CA SER A 439 -8.29 12.77 -18.02
C SER A 439 -9.65 12.12 -18.26
N CYS A 440 -10.69 12.67 -17.64
CA CYS A 440 -12.05 12.19 -17.92
C CYS A 440 -12.39 12.21 -19.42
N ARG A 441 -11.74 13.10 -20.16
CA ARG A 441 -11.94 13.21 -21.62
C ARG A 441 -11.65 11.93 -22.38
N THR A 442 -10.94 11.00 -21.73
CA THR A 442 -10.75 9.69 -22.34
C THR A 442 -11.46 8.58 -21.59
N GLY A 443 -12.35 8.96 -20.65
CA GLY A 443 -13.23 8.01 -20.00
C GLY A 443 -12.86 7.67 -18.56
N ALA A 444 -13.68 6.81 -17.94
CA ALA A 444 -13.46 6.41 -16.55
C ALA A 444 -12.09 5.79 -16.28
N ALA A 445 -11.64 4.93 -17.19
CA ALA A 445 -10.42 4.17 -16.98
C ALA A 445 -9.20 5.09 -16.76
N THR A 446 -9.10 6.15 -17.57
CA THR A 446 -8.00 7.10 -17.42
C THR A 446 -8.18 7.96 -16.19
N ASN A 447 -9.41 8.39 -15.91
CA ASN A 447 -9.73 9.06 -14.65
C ASN A 447 -9.18 8.29 -13.44
N VAL A 448 -9.49 6.99 -13.41
CA VAL A 448 -9.09 6.17 -12.29
C VAL A 448 -7.58 6.02 -12.22
N ILE A 449 -6.96 5.80 -13.39
CA ILE A 449 -5.51 5.63 -13.42
C ILE A 449 -4.84 6.89 -12.87
N PHE A 450 -5.23 8.04 -13.41
CA PHE A 450 -4.69 9.31 -12.93
C PHE A 450 -4.95 9.53 -11.43
N GLY A 451 -6.16 9.19 -10.98
CA GLY A 451 -6.53 9.36 -9.58
C GLY A 451 -5.67 8.53 -8.65
N LEU A 452 -5.50 7.26 -8.99
CA LEU A 452 -4.65 6.36 -8.21
C LEU A 452 -3.22 6.89 -8.17
N ALA A 453 -2.74 7.30 -9.34
CA ALA A 453 -1.39 7.80 -9.49
C ALA A 453 -1.20 9.02 -8.60
N LEU A 454 -2.24 9.85 -8.53
CA LEU A 454 -2.19 11.11 -7.76
C LEU A 454 -2.01 10.84 -6.29
N GLY A 455 -2.86 9.95 -5.77
CA GLY A 455 -2.81 9.56 -4.37
C GLY A 455 -1.46 8.97 -3.97
N TYR A 456 -0.90 8.11 -4.82
CA TYR A 456 0.42 7.51 -4.57
C TYR A 456 1.46 8.60 -4.44
N LYS A 457 1.43 9.52 -5.40
CA LYS A 457 2.35 10.65 -5.43
C LYS A 457 2.24 11.50 -4.19
N SER A 458 1.01 11.70 -3.71
CA SER A 458 0.75 12.63 -2.60
C SER A 458 1.40 12.23 -1.25
N VAL A 459 1.86 10.98 -1.13
CA VAL A 459 2.41 10.56 0.16
C VAL A 459 3.79 11.15 0.42
N ILE A 460 4.51 11.47 -0.66
CA ILE A 460 5.94 11.74 -0.54
C ILE A 460 6.28 12.78 0.52
N ILE A 461 5.72 13.98 0.38
CA ILE A 461 6.05 15.05 1.33
C ILE A 461 5.56 14.87 2.77
N PRO A 462 4.30 14.44 2.99
CA PRO A 462 3.88 14.17 4.39
C PRO A 462 4.79 13.16 5.11
N ILE A 463 5.19 12.12 4.40
CA ILE A 463 6.11 11.13 4.97
C ILE A 463 7.42 11.80 5.38
N PHE A 464 8.00 12.61 4.49
CA PHE A 464 9.20 13.37 4.87
C PHE A 464 8.90 14.27 6.06
N ALA A 465 7.78 15.00 6.03
CA ALA A 465 7.46 15.86 7.18
C ALA A 465 7.40 15.03 8.46
N ILE A 466 6.78 13.87 8.37
CA ILE A 466 6.65 12.99 9.53
C ILE A 466 8.02 12.52 9.96
N ALA A 467 8.82 12.06 9.00
CA ALA A 467 10.16 11.54 9.30
C ALA A 467 11.02 12.60 9.98
N ILE A 468 10.94 13.82 9.48
CA ILE A 468 11.67 14.93 10.08
C ILE A 468 11.17 15.15 11.51
N SER A 469 9.86 15.23 11.69
CA SER A 469 9.28 15.36 13.03
C SER A 469 9.79 14.30 13.98
N ILE A 470 9.81 13.06 13.52
CA ILE A 470 10.26 11.98 14.35
C ILE A 470 11.68 12.29 14.71
N PHE A 471 12.51 12.52 13.70
CA PHE A 471 13.95 12.64 13.96
C PHE A 471 14.31 13.72 14.96
N VAL A 472 13.78 14.93 14.76
CA VAL A 472 13.98 16.00 15.72
C VAL A 472 13.49 15.57 17.11
N SER A 473 12.20 15.24 17.23
CA SER A 473 11.60 14.99 18.53
C SER A 473 12.18 13.77 19.28
N PHE A 474 12.57 12.74 18.53
CA PHE A 474 13.17 11.51 19.05
C PHE A 474 14.54 11.89 19.62
N THR A 475 15.34 12.61 18.81
CA THR A 475 16.68 13.02 19.23
C THR A 475 16.65 13.83 20.53
N PHE A 476 15.81 14.86 20.60
CA PHE A 476 15.76 15.72 21.79
C PHE A 476 15.21 15.02 23.03
N ALA A 477 14.17 14.21 22.89
CA ALA A 477 13.54 13.72 24.11
C ALA A 477 12.88 12.36 24.02
N ALA A 478 13.45 11.48 23.20
CA ALA A 478 12.97 10.10 23.08
C ALA A 478 11.46 10.03 22.89
N MET A 479 10.82 9.02 23.47
CA MET A 479 9.38 8.79 23.27
C MET A 479 8.55 9.95 23.75
N TYR A 480 9.01 10.63 24.79
CA TYR A 480 8.24 11.75 25.30
C TYR A 480 8.18 12.87 24.25
N GLY A 481 9.33 13.16 23.64
CA GLY A 481 9.41 14.18 22.62
C GLY A 481 8.50 13.87 21.43
N ILE A 482 8.46 12.60 21.05
CA ILE A 482 7.67 12.17 19.92
C ILE A 482 6.18 12.38 20.23
N ALA A 483 5.77 11.95 21.43
CA ALA A 483 4.37 12.11 21.89
C ALA A 483 3.99 13.59 21.93
N VAL A 484 4.92 14.43 22.34
CA VAL A 484 4.66 15.87 22.44
C VAL A 484 4.65 16.53 21.05
N ALA A 485 5.30 15.90 20.08
CA ALA A 485 5.22 16.35 18.70
C ALA A 485 3.81 16.04 18.17
N ALA A 486 3.33 14.83 18.50
CA ALA A 486 1.98 14.43 18.09
C ALA A 486 1.00 15.44 18.65
N LEU A 487 1.07 15.68 19.96
CA LEU A 487 0.19 16.66 20.58
C LEU A 487 0.37 18.06 19.99
N GLY A 488 1.57 18.38 19.55
CA GLY A 488 1.80 19.67 18.91
C GLY A 488 1.03 19.75 17.62
N MET A 489 1.05 18.66 16.86
CA MET A 489 0.31 18.60 15.62
C MET A 489 -1.19 18.69 15.88
N LEU A 490 -1.57 18.42 17.13
CA LEU A 490 -2.99 18.44 17.48
C LEU A 490 -3.30 19.54 18.49
N SER A 491 -2.41 20.51 18.61
CA SER A 491 -2.59 21.59 19.58
C SER A 491 -3.68 22.57 19.12
N THR A 492 -3.97 22.56 17.83
CA THR A 492 -4.95 23.48 17.25
C THR A 492 -6.13 22.68 16.76
N ILE A 493 -6.45 21.64 17.52
CA ILE A 493 -7.49 20.68 17.20
C ILE A 493 -8.88 21.33 17.11
N ALA A 494 -9.09 22.39 17.91
CA ALA A 494 -10.36 23.10 17.88
C ALA A 494 -10.64 23.63 16.46
N THR A 495 -9.62 24.28 15.91
CA THR A 495 -9.67 24.86 14.58
C THR A 495 -9.66 23.81 13.48
N GLY A 496 -8.80 22.80 13.65
CA GLY A 496 -8.77 21.68 12.73
C GLY A 496 -10.18 21.11 12.58
N LEU A 497 -10.81 20.81 13.71
CA LEU A 497 -12.16 20.28 13.68
C LEU A 497 -13.15 21.24 13.03
N ALA A 498 -13.05 22.53 13.33
CA ALA A 498 -14.00 23.50 12.77
C ALA A 498 -13.91 23.48 11.26
N ILE A 499 -12.71 23.68 10.70
CA ILE A 499 -12.60 23.71 9.26
C ILE A 499 -13.07 22.40 8.64
N ASP A 500 -12.82 21.30 9.33
CA ASP A 500 -13.30 19.99 8.84
C ASP A 500 -14.82 19.80 8.94
N ALA A 501 -15.38 20.01 10.13
CA ALA A 501 -16.81 19.85 10.36
C ALA A 501 -17.61 20.80 9.49
N TYR A 502 -16.99 21.92 9.13
CA TYR A 502 -17.57 22.86 8.19
C TYR A 502 -18.07 22.16 6.92
N GLY A 503 -17.33 21.14 6.47
CA GLY A 503 -17.62 20.47 5.21
C GLY A 503 -18.91 19.64 5.15
N PRO A 504 -19.09 18.69 6.08
CA PRO A 504 -20.32 17.92 5.99
C PRO A 504 -21.57 18.78 6.16
N ILE A 505 -21.48 19.82 6.98
CA ILE A 505 -22.61 20.74 7.13
C ILE A 505 -22.94 21.40 5.76
N SER A 506 -21.90 21.90 5.09
CA SER A 506 -22.04 22.45 3.74
C SER A 506 -22.54 21.42 2.73
N ASP A 507 -22.17 20.15 2.92
CA ASP A 507 -22.66 19.05 2.09
C ASP A 507 -24.16 18.92 2.23
N ASN A 508 -24.64 18.80 3.48
CA ASN A 508 -26.08 18.69 3.73
C ASN A 508 -26.85 19.90 3.17
N ALA A 509 -26.25 21.08 3.29
CA ALA A 509 -26.88 22.34 2.87
C ALA A 509 -27.32 22.32 1.40
N GLY A 510 -26.46 21.78 0.54
CA GLY A 510 -26.76 21.66 -0.87
C GLY A 510 -27.71 20.51 -1.13
N GLY A 511 -27.60 19.48 -0.31
CA GLY A 511 -28.49 18.34 -0.38
C GLY A 511 -29.89 18.83 -0.08
N ILE A 512 -30.02 19.61 0.99
CA ILE A 512 -31.32 20.15 1.39
C ILE A 512 -31.84 21.16 0.34
N ALA A 513 -30.93 21.94 -0.25
CA ALA A 513 -31.33 22.89 -1.29
C ALA A 513 -31.97 22.18 -2.49
N GLU A 514 -31.35 21.09 -2.97
CA GLU A 514 -31.89 20.36 -4.11
C GLU A 514 -33.21 19.68 -3.76
N MET A 515 -33.30 19.19 -2.53
CA MET A 515 -34.49 18.48 -2.11
C MET A 515 -35.64 19.44 -1.89
N ALA A 516 -35.30 20.69 -1.57
CA ALA A 516 -36.31 21.72 -1.33
C ALA A 516 -36.71 22.49 -2.61
N GLY A 517 -36.27 22.02 -3.77
CA GLY A 517 -36.52 22.69 -5.03
C GLY A 517 -36.11 24.14 -5.05
N MET A 518 -35.04 24.49 -4.35
CA MET A 518 -34.61 25.88 -4.36
C MET A 518 -33.94 26.22 -5.69
N SER A 519 -33.71 27.51 -5.91
CA SER A 519 -33.22 28.00 -7.18
C SER A 519 -31.76 27.61 -7.43
N HIS A 520 -31.35 27.61 -8.70
CA HIS A 520 -30.01 27.16 -9.10
C HIS A 520 -28.91 27.95 -8.41
N ARG A 521 -29.20 29.21 -8.09
CA ARG A 521 -28.25 30.08 -7.42
C ARG A 521 -27.81 29.51 -6.06
N ILE A 522 -28.73 28.86 -5.36
CA ILE A 522 -28.42 28.26 -4.06
C ILE A 522 -27.46 27.08 -4.20
N ARG A 523 -27.80 26.14 -5.08
CA ARG A 523 -26.95 24.96 -5.32
C ARG A 523 -25.53 25.34 -5.75
N GLU A 524 -25.39 26.40 -6.53
CA GLU A 524 -24.07 26.80 -7.01
C GLU A 524 -23.22 27.27 -5.83
N ARG A 525 -23.88 27.93 -4.89
CA ARG A 525 -23.23 28.42 -3.69
C ARG A 525 -22.80 27.27 -2.76
N THR A 526 -23.74 26.37 -2.46
CA THR A 526 -23.46 25.20 -1.66
C THR A 526 -22.41 24.32 -2.34
N ASP A 527 -22.45 24.24 -3.67
CA ASP A 527 -21.43 23.46 -4.39
C ASP A 527 -20.06 24.08 -4.20
N ALA A 528 -20.03 25.39 -3.99
CA ALA A 528 -18.74 26.05 -3.79
C ALA A 528 -18.22 25.74 -2.39
N LEU A 529 -19.13 25.82 -1.41
CA LEU A 529 -18.79 25.53 -0.03
C LEU A 529 -18.35 24.07 0.10
N ASP A 530 -19.14 23.19 -0.51
CA ASP A 530 -18.96 21.75 -0.41
C ASP A 530 -17.64 21.27 -1.02
N ALA A 531 -17.25 21.90 -2.12
CA ALA A 531 -15.97 21.57 -2.75
C ALA A 531 -14.83 21.92 -1.82
N ALA A 532 -14.94 23.06 -1.14
CA ALA A 532 -13.89 23.47 -0.20
C ALA A 532 -13.87 22.48 0.98
N GLY A 533 -15.06 22.09 1.42
CA GLY A 533 -15.22 21.00 2.38
C GLY A 533 -14.48 19.72 2.00
N ASN A 534 -14.41 19.39 0.71
CA ASN A 534 -13.70 18.18 0.33
C ASN A 534 -12.22 18.29 0.64
N THR A 535 -11.68 19.48 0.41
CA THR A 535 -10.26 19.70 0.62
C THR A 535 -9.99 19.69 2.12
N THR A 536 -10.78 20.47 2.85
CA THR A 536 -10.73 20.54 4.30
C THR A 536 -10.80 19.15 4.94
N ALA A 537 -11.54 18.24 4.32
CA ALA A 537 -11.67 16.89 4.85
C ALA A 537 -10.39 16.09 4.60
N ALA A 538 -9.84 16.24 3.41
CA ALA A 538 -8.57 15.59 3.12
C ALA A 538 -7.53 16.08 4.13
N ILE A 539 -7.55 17.39 4.39
CA ILE A 539 -6.61 17.99 5.32
C ILE A 539 -6.73 17.38 6.72
N GLY A 540 -7.96 17.29 7.24
CA GLY A 540 -8.19 16.69 8.55
C GLY A 540 -7.69 15.27 8.63
N LYS A 541 -7.89 14.53 7.54
CA LYS A 541 -7.40 13.17 7.44
C LYS A 541 -5.89 13.15 7.54
N GLY A 542 -5.23 14.11 6.87
CA GLY A 542 -3.79 14.26 6.88
C GLY A 542 -3.26 14.47 8.28
N PHE A 543 -3.87 15.40 9.02
CA PHE A 543 -3.52 15.60 10.41
C PHE A 543 -3.74 14.33 11.23
N ALA A 544 -4.86 13.66 10.99
CA ALA A 544 -5.13 12.42 11.72
C ALA A 544 -4.03 11.39 11.48
N ILE A 545 -3.59 11.27 10.23
CA ILE A 545 -2.60 10.27 9.90
C ILE A 545 -1.24 10.65 10.46
N GLY A 546 -0.83 11.89 10.21
CA GLY A 546 0.42 12.41 10.73
C GLY A 546 0.51 12.28 12.24
N SER A 547 -0.50 12.71 12.97
CA SER A 547 -0.41 12.64 14.42
C SER A 547 -0.42 11.16 14.86
N ALA A 548 -1.21 10.36 14.16
CA ALA A 548 -1.31 8.95 14.50
C ALA A 548 0.03 8.26 14.34
N ALA A 549 0.80 8.64 13.32
CA ALA A 549 2.10 8.02 13.12
C ALA A 549 3.03 8.39 14.28
N LEU A 550 3.02 9.66 14.68
CA LEU A 550 3.79 10.12 15.82
C LEU A 550 3.43 9.41 17.14
N VAL A 551 2.16 9.50 17.55
CA VAL A 551 1.74 8.92 18.83
C VAL A 551 2.00 7.42 18.86
N SER A 552 1.82 6.76 17.71
CA SER A 552 2.00 5.33 17.64
C SER A 552 3.45 4.95 17.87
N LEU A 553 4.39 5.74 17.34
CA LEU A 553 5.80 5.48 17.55
C LEU A 553 6.14 5.63 19.03
N ALA A 554 5.66 6.71 19.64
CA ALA A 554 5.86 6.95 21.06
C ALA A 554 5.30 5.78 21.86
N LEU A 555 4.04 5.43 21.61
CA LEU A 555 3.41 4.32 22.33
C LEU A 555 4.16 3.01 22.11
N PHE A 556 4.73 2.85 20.92
CA PHE A 556 5.49 1.66 20.59
C PHE A 556 6.70 1.59 21.53
N GLY A 557 7.43 2.70 21.64
CA GLY A 557 8.57 2.79 22.52
C GLY A 557 8.20 2.48 23.96
N ALA A 558 7.11 3.10 24.42
CA ALA A 558 6.64 2.90 25.79
C ALA A 558 6.30 1.44 26.02
N PHE A 559 5.61 0.84 25.05
CA PHE A 559 5.28 -0.57 25.09
C PHE A 559 6.53 -1.43 25.29
N VAL A 560 7.62 -1.03 24.65
CA VAL A 560 8.82 -1.83 24.65
C VAL A 560 9.43 -1.92 26.05
N SER A 561 9.56 -0.77 26.73
CA SER A 561 9.97 -0.75 28.13
C SER A 561 9.01 -1.57 28.99
N ARG A 562 7.73 -1.30 28.86
CA ARG A 562 6.75 -1.96 29.71
C ARG A 562 6.75 -3.47 29.51
N ALA A 563 7.22 -3.92 28.34
CA ALA A 563 7.24 -5.36 28.06
C ALA A 563 8.60 -5.94 28.46
N SER A 564 9.45 -5.09 29.03
CA SER A 564 10.81 -5.50 29.41
C SER A 564 11.57 -6.07 28.24
N ILE A 565 11.37 -5.48 27.06
CA ILE A 565 12.17 -5.85 25.91
C ILE A 565 13.45 -5.04 25.97
N THR A 566 14.58 -5.74 25.85
CA THR A 566 15.87 -5.07 25.86
C THR A 566 16.16 -4.42 24.50
N THR A 567 15.87 -5.13 23.42
CA THR A 567 16.09 -4.59 22.08
C THR A 567 15.10 -5.13 21.06
N VAL A 568 14.50 -4.20 20.31
CA VAL A 568 13.74 -4.54 19.13
C VAL A 568 14.72 -4.60 17.96
N ASP A 569 15.21 -5.80 17.67
CA ASP A 569 16.19 -6.01 16.63
C ASP A 569 15.47 -6.52 15.37
N VAL A 570 15.53 -5.75 14.28
CA VAL A 570 14.76 -6.16 13.09
C VAL A 570 15.23 -7.48 12.53
N LEU A 571 16.49 -7.81 12.80
CA LEU A 571 17.09 -9.00 12.20
C LEU A 571 17.02 -10.20 13.12
N THR A 572 15.93 -10.30 13.87
CA THR A 572 15.61 -11.51 14.61
C THR A 572 14.29 -12.03 14.06
N PRO A 573 14.18 -13.37 13.95
CA PRO A 573 13.01 -14.00 13.33
C PRO A 573 11.68 -13.55 13.93
N LYS A 574 11.64 -13.38 15.26
CA LYS A 574 10.42 -12.98 15.95
C LYS A 574 10.00 -11.57 15.60
N VAL A 575 10.96 -10.65 15.57
CA VAL A 575 10.62 -9.28 15.18
C VAL A 575 10.24 -9.24 13.72
N PHE A 576 10.99 -9.96 12.87
CA PHE A 576 10.76 -9.76 11.46
C PHE A 576 9.43 -10.32 10.96
N ILE A 577 9.00 -11.47 11.47
CA ILE A 577 7.72 -11.99 11.05
C ILE A 577 6.63 -11.04 11.52
N GLY A 578 6.79 -10.44 12.70
CA GLY A 578 5.84 -9.43 13.14
C GLY A 578 5.79 -8.22 12.20
N LEU A 579 6.97 -7.75 11.78
CA LEU A 579 7.05 -6.58 10.92
C LEU A 579 6.29 -6.79 9.62
N ILE A 580 6.50 -7.93 8.99
CA ILE A 580 5.89 -8.18 7.69
C ILE A 580 4.40 -8.46 7.82
N VAL A 581 4.00 -9.12 8.90
CA VAL A 581 2.59 -9.40 9.12
C VAL A 581 1.89 -8.10 9.50
N GLY A 582 2.53 -7.32 10.36
CA GLY A 582 2.02 -6.00 10.70
C GLY A 582 1.80 -5.15 9.47
N ALA A 583 2.68 -5.26 8.47
CA ALA A 583 2.58 -4.41 7.29
C ALA A 583 1.41 -4.84 6.39
N MET A 584 0.94 -6.08 6.59
CA MET A 584 -0.16 -6.60 5.80
C MET A 584 -1.54 -6.21 6.39
N LEU A 585 -1.62 -6.12 7.71
CA LEU A 585 -2.92 -5.79 8.35
C LEU A 585 -3.71 -4.62 7.72
N PRO A 586 -3.03 -3.50 7.43
CA PRO A 586 -3.76 -2.39 6.80
C PRO A 586 -4.44 -2.80 5.50
N TYR A 587 -3.82 -3.72 4.76
CA TYR A 587 -4.39 -4.23 3.52
C TYR A 587 -5.53 -5.21 3.77
N TRP A 588 -5.35 -6.07 4.77
CA TRP A 588 -6.41 -6.97 5.23
C TRP A 588 -7.64 -6.14 5.58
N PHE A 589 -7.41 -5.09 6.36
CA PHE A 589 -8.46 -4.20 6.84
C PHE A 589 -9.14 -3.50 5.67
N SER A 590 -8.33 -2.99 4.72
CA SER A 590 -8.92 -2.35 3.54
C SER A 590 -9.74 -3.31 2.69
N ALA A 591 -9.29 -4.56 2.60
CA ALA A 591 -10.03 -5.59 1.87
C ALA A 591 -11.43 -5.73 2.43
N MET A 592 -11.55 -5.76 3.75
CA MET A 592 -12.85 -5.94 4.38
C MET A 592 -13.80 -4.76 4.18
N THR A 593 -13.39 -3.60 4.65
CA THR A 593 -14.14 -2.36 4.46
C THR A 593 -14.48 -2.02 3.00
N MET A 594 -13.56 -2.23 2.07
CA MET A 594 -13.89 -1.96 0.67
C MET A 594 -14.99 -2.91 0.21
N LYS A 595 -14.90 -4.17 0.65
CA LYS A 595 -15.84 -5.19 0.20
C LYS A 595 -17.23 -4.91 0.75
N SER A 596 -17.30 -4.43 1.99
CA SER A 596 -18.57 -4.05 2.60
C SER A 596 -19.29 -2.96 1.82
N VAL A 597 -18.60 -1.84 1.62
CA VAL A 597 -19.15 -0.74 0.85
C VAL A 597 -19.54 -1.26 -0.52
N GLY A 598 -18.65 -1.99 -1.16
CA GLY A 598 -18.90 -2.51 -2.49
C GLY A 598 -20.17 -3.34 -2.55
N SER A 599 -20.34 -4.23 -1.57
CA SER A 599 -21.54 -5.05 -1.51
C SER A 599 -22.82 -4.28 -1.18
N ALA A 600 -22.76 -3.40 -0.18
CA ALA A 600 -23.95 -2.65 0.21
C ALA A 600 -24.39 -1.71 -0.90
N ALA A 601 -23.42 -1.12 -1.60
CA ALA A 601 -23.73 -0.23 -2.71
C ALA A 601 -24.39 -0.99 -3.87
N LEU A 602 -23.94 -2.23 -4.10
CA LEU A 602 -24.56 -3.08 -5.11
C LEU A 602 -26.06 -3.27 -4.80
N LYS A 603 -26.36 -3.63 -3.56
CA LYS A 603 -27.74 -3.65 -3.07
C LYS A 603 -28.46 -2.32 -3.30
N MET A 604 -27.89 -1.23 -2.79
CA MET A 604 -28.52 0.08 -2.94
C MET A 604 -28.91 0.41 -4.39
N VAL A 605 -28.01 0.11 -5.33
CA VAL A 605 -28.26 0.40 -6.73
C VAL A 605 -29.46 -0.41 -7.26
N GLU A 606 -29.56 -1.66 -6.83
CA GLU A 606 -30.67 -2.53 -7.23
C GLU A 606 -31.97 -1.98 -6.67
N GLU A 607 -31.92 -1.53 -5.42
CA GLU A 607 -33.05 -0.87 -4.79
C GLU A 607 -33.49 0.42 -5.51
N VAL A 608 -32.53 1.27 -5.85
CA VAL A 608 -32.84 2.54 -6.47
C VAL A 608 -33.42 2.33 -7.86
N ARG A 609 -32.80 1.44 -8.62
CA ARG A 609 -33.26 1.12 -9.97
C ARG A 609 -34.72 0.66 -9.89
N ARG A 610 -34.97 -0.26 -8.96
CA ARG A 610 -36.29 -0.85 -8.79
C ARG A 610 -37.36 0.21 -8.61
N GLN A 611 -37.09 1.20 -7.75
CA GLN A 611 -38.09 2.24 -7.49
C GLN A 611 -38.35 3.13 -8.71
N PHE A 612 -37.29 3.47 -9.45
CA PHE A 612 -37.45 4.18 -10.71
C PHE A 612 -38.17 3.32 -11.75
N ASN A 613 -37.91 2.03 -11.71
CA ASN A 613 -38.47 1.11 -12.67
C ASN A 613 -39.91 0.68 -12.39
N THR A 614 -40.35 0.78 -11.14
CA THR A 614 -41.67 0.24 -10.78
C THR A 614 -42.63 1.18 -10.04
N ILE A 615 -42.18 2.36 -9.65
CA ILE A 615 -43.08 3.30 -8.99
C ILE A 615 -43.56 4.35 -9.99
N PRO A 616 -44.83 4.21 -10.43
CA PRO A 616 -45.41 5.11 -11.44
C PRO A 616 -45.41 6.54 -10.94
N GLY A 617 -44.83 7.45 -11.72
CA GLY A 617 -44.81 8.85 -11.33
C GLY A 617 -43.54 9.33 -10.65
N LEU A 618 -42.63 8.40 -10.28
CA LEU A 618 -41.40 8.76 -9.59
C LEU A 618 -40.50 9.61 -10.48
N MET A 619 -40.10 9.06 -11.63
CA MET A 619 -39.31 9.81 -12.60
C MET A 619 -40.07 11.07 -12.99
N GLU A 620 -41.39 10.92 -13.07
CA GLU A 620 -42.29 11.99 -13.50
C GLU A 620 -42.38 13.11 -12.47
N GLY A 621 -42.04 12.81 -11.21
CA GLY A 621 -42.01 13.83 -10.18
C GLY A 621 -43.32 13.97 -9.41
N THR A 622 -44.25 13.06 -9.67
CA THR A 622 -45.56 13.15 -9.05
C THR A 622 -45.67 12.16 -7.89
N ALA A 623 -44.82 11.15 -7.90
CA ALA A 623 -44.86 10.17 -6.85
C ALA A 623 -43.64 10.30 -5.93
N LYS A 624 -43.88 10.08 -4.64
CA LYS A 624 -42.86 10.21 -3.62
C LYS A 624 -42.14 8.87 -3.42
N PRO A 625 -40.79 8.89 -3.34
CA PRO A 625 -40.06 7.62 -3.25
C PRO A 625 -40.04 7.09 -1.83
N ASP A 626 -39.60 5.83 -1.69
CA ASP A 626 -39.44 5.22 -0.39
C ASP A 626 -38.00 5.39 0.15
N TYR A 627 -37.82 6.37 1.03
CA TYR A 627 -36.49 6.66 1.59
C TYR A 627 -36.08 5.63 2.66
N ALA A 628 -37.05 5.16 3.46
CA ALA A 628 -36.78 4.25 4.56
C ALA A 628 -36.06 2.97 4.14
N THR A 629 -36.48 2.40 3.01
CA THR A 629 -35.86 1.16 2.50
C THR A 629 -34.35 1.34 2.27
N CYS A 630 -33.96 2.49 1.70
CA CYS A 630 -32.55 2.80 1.49
C CYS A 630 -31.79 3.02 2.81
N VAL A 631 -32.40 3.80 3.71
CA VAL A 631 -31.88 3.91 5.07
C VAL A 631 -31.67 2.53 5.65
N LYS A 632 -32.61 1.63 5.40
CA LYS A 632 -32.56 0.29 5.98
C LYS A 632 -31.38 -0.53 5.44
N ILE A 633 -31.14 -0.42 4.14
CA ILE A 633 -30.02 -1.13 3.51
C ILE A 633 -28.66 -0.70 4.06
N SER A 634 -28.48 0.60 4.28
CA SER A 634 -27.19 1.03 4.77
C SER A 634 -27.07 0.85 6.29
N THR A 635 -28.19 0.90 7.00
CA THR A 635 -28.22 0.49 8.43
C THR A 635 -27.87 -0.99 8.67
N ASP A 636 -28.47 -1.87 7.89
CA ASP A 636 -28.25 -3.31 8.07
C ASP A 636 -26.81 -3.70 7.77
N ALA A 637 -26.25 -3.14 6.70
CA ALA A 637 -24.88 -3.44 6.26
C ALA A 637 -23.84 -2.85 7.19
N SER A 638 -24.06 -1.64 7.67
CA SER A 638 -23.03 -1.02 8.48
C SER A 638 -22.94 -1.68 9.85
N ILE A 639 -24.09 -1.80 10.51
CA ILE A 639 -24.13 -2.40 11.85
C ILE A 639 -23.50 -3.80 11.88
N LYS A 640 -23.78 -4.59 10.86
CA LYS A 640 -23.20 -5.92 10.76
C LYS A 640 -21.72 -5.91 10.39
N GLU A 641 -21.38 -5.16 9.35
CA GLU A 641 -20.05 -5.26 8.74
C GLU A 641 -18.97 -4.46 9.46
N MET A 642 -19.35 -3.68 10.47
CA MET A 642 -18.37 -2.99 11.29
C MET A 642 -17.69 -3.94 12.28
N ILE A 643 -18.27 -5.13 12.44
CA ILE A 643 -17.77 -6.06 13.46
C ILE A 643 -16.44 -6.77 13.09
N PRO A 644 -16.37 -7.38 11.89
CA PRO A 644 -15.09 -8.04 11.58
C PRO A 644 -13.85 -7.12 11.57
N PRO A 645 -13.91 -5.93 10.92
CA PRO A 645 -12.70 -5.11 10.97
C PRO A 645 -12.42 -4.59 12.37
N GLY A 646 -13.45 -4.36 13.16
CA GLY A 646 -13.23 -3.90 14.51
C GLY A 646 -12.52 -4.99 15.27
N ALA A 647 -12.97 -6.23 15.01
CA ALA A 647 -12.40 -7.39 15.67
C ALA A 647 -10.95 -7.61 15.25
N LEU A 648 -10.67 -7.51 13.95
CA LEU A 648 -9.31 -7.68 13.43
C LEU A 648 -8.35 -6.80 14.21
N VAL A 649 -8.60 -5.50 14.16
CA VAL A 649 -7.80 -4.54 14.91
C VAL A 649 -7.70 -4.92 16.37
N MET A 650 -8.84 -5.04 17.05
CA MET A 650 -8.83 -5.21 18.49
C MET A 650 -8.26 -6.55 19.00
N LEU A 651 -8.42 -7.61 18.21
CA LEU A 651 -7.95 -8.94 18.62
C LEU A 651 -6.48 -9.17 18.32
N THR A 652 -5.99 -8.50 17.28
CA THR A 652 -4.60 -8.66 16.83
C THR A 652 -3.54 -8.54 17.94
N PRO A 653 -3.57 -7.45 18.74
CA PRO A 653 -2.54 -7.38 19.79
C PRO A 653 -2.69 -8.53 20.77
N LEU A 654 -3.93 -8.90 21.07
CA LEU A 654 -4.20 -9.98 22.00
C LEU A 654 -3.66 -11.33 21.50
N VAL A 655 -4.10 -11.73 20.32
CA VAL A 655 -3.66 -12.95 19.68
C VAL A 655 -2.13 -13.01 19.52
N VAL A 656 -1.54 -11.95 18.97
CA VAL A 656 -0.10 -11.92 18.75
C VAL A 656 0.69 -11.93 20.08
N GLY A 657 0.28 -11.10 21.03
CA GLY A 657 0.95 -11.01 22.31
C GLY A 657 0.89 -12.33 23.09
N ILE A 658 -0.30 -12.93 23.14
CA ILE A 658 -0.48 -14.22 23.82
C ILE A 658 0.23 -15.38 23.09
N LEU A 659 -0.05 -15.59 21.82
CA LEU A 659 0.60 -16.70 21.11
C LEU A 659 2.10 -16.53 20.84
N PHE A 660 2.49 -15.41 20.23
CA PHE A 660 3.85 -15.22 19.77
C PHE A 660 4.70 -14.38 20.72
N GLY A 661 4.09 -13.43 21.43
CA GLY A 661 4.85 -12.68 22.42
C GLY A 661 5.21 -11.25 22.06
N VAL A 662 5.90 -10.56 22.97
CA VAL A 662 6.12 -9.13 22.85
C VAL A 662 7.13 -8.70 21.79
N GLU A 663 8.10 -9.55 21.47
CA GLU A 663 9.08 -9.20 20.44
C GLU A 663 8.39 -9.19 19.06
N THR A 664 7.50 -10.15 18.88
CA THR A 664 6.80 -10.31 17.63
C THR A 664 5.77 -9.19 17.49
N LEU A 665 5.10 -8.90 18.60
CA LEU A 665 4.10 -7.84 18.61
C LEU A 665 4.79 -6.52 18.29
N SER A 666 6.00 -6.36 18.83
CA SER A 666 6.88 -5.27 18.47
C SER A 666 6.93 -5.06 16.97
N GLY A 667 7.27 -6.13 16.24
CA GLY A 667 7.35 -6.05 14.79
C GLY A 667 6.03 -5.61 14.17
N VAL A 668 4.92 -6.16 14.67
CA VAL A 668 3.58 -5.83 14.19
C VAL A 668 3.26 -4.36 14.42
N LEU A 669 3.73 -3.81 15.52
CA LEU A 669 3.47 -2.38 15.75
C LEU A 669 4.23 -1.51 14.74
N ALA A 670 5.51 -1.81 14.54
CA ALA A 670 6.33 -1.07 13.58
C ALA A 670 5.80 -1.21 12.15
N GLY A 671 5.45 -2.43 11.78
CA GLY A 671 5.02 -2.72 10.42
C GLY A 671 3.69 -2.09 10.06
N SER A 672 2.72 -2.15 10.96
CA SER A 672 1.43 -1.57 10.63
C SER A 672 1.56 -0.06 10.61
N LEU A 673 2.51 0.47 11.38
CA LEU A 673 2.75 1.91 11.35
C LEU A 673 3.27 2.33 9.97
N VAL A 674 4.45 1.86 9.62
CA VAL A 674 5.09 2.35 8.39
C VAL A 674 4.33 1.96 7.14
N SER A 675 3.57 0.86 7.22
CA SER A 675 2.84 0.40 6.06
C SER A 675 1.45 1.01 5.97
N GLY A 676 0.76 1.12 7.09
CA GLY A 676 -0.61 1.60 7.10
C GLY A 676 -0.68 3.04 6.63
N VAL A 677 0.33 3.78 7.04
CA VAL A 677 0.37 5.21 6.81
C VAL A 677 0.36 5.58 5.31
N GLN A 678 1.01 4.76 4.49
CA GLN A 678 1.09 5.03 3.06
C GLN A 678 -0.25 4.86 2.40
N ILE A 679 -0.92 3.76 2.76
CA ILE A 679 -2.21 3.45 2.18
C ILE A 679 -3.31 4.39 2.71
N ALA A 680 -3.20 4.76 3.98
CA ALA A 680 -4.14 5.72 4.57
C ALA A 680 -4.10 7.07 3.83
N ILE A 681 -2.89 7.57 3.56
CA ILE A 681 -2.74 8.83 2.86
C ILE A 681 -3.22 8.77 1.40
N SER A 682 -2.78 7.77 0.65
CA SER A 682 -3.09 7.73 -0.78
C SER A 682 -4.56 7.48 -1.05
N ALA A 683 -5.23 6.77 -0.13
CA ALA A 683 -6.65 6.49 -0.29
C ALA A 683 -7.44 7.75 -0.04
N SER A 684 -7.12 8.47 1.04
CA SER A 684 -7.91 9.65 1.38
C SER A 684 -7.73 10.74 0.34
N ASN A 685 -6.53 10.86 -0.22
CA ASN A 685 -6.27 11.91 -1.22
C ASN A 685 -6.81 11.55 -2.61
N THR A 686 -6.64 10.27 -2.99
CA THR A 686 -7.20 9.83 -4.25
C THR A 686 -8.73 10.06 -4.23
N GLY A 687 -9.36 9.68 -3.12
CA GLY A 687 -10.79 9.90 -2.96
C GLY A 687 -11.16 11.36 -3.08
N GLY A 688 -10.38 12.22 -2.43
CA GLY A 688 -10.63 13.66 -2.45
C GLY A 688 -10.44 14.22 -3.85
N ALA A 689 -9.34 13.81 -4.50
CA ALA A 689 -9.04 14.32 -5.84
C ALA A 689 -10.18 14.03 -6.82
N TRP A 690 -10.72 12.80 -6.79
CA TRP A 690 -11.81 12.42 -7.67
C TRP A 690 -13.06 13.25 -7.42
N ASP A 691 -13.36 13.45 -6.13
CA ASP A 691 -14.57 14.17 -5.76
C ASP A 691 -14.51 15.58 -6.37
N ASN A 692 -13.47 16.34 -6.00
CA ASN A 692 -13.26 17.68 -6.53
C ASN A 692 -12.96 17.79 -8.03
N ALA A 693 -12.47 16.72 -8.66
CA ALA A 693 -12.30 16.77 -10.10
C ALA A 693 -13.72 16.76 -10.71
N LYS A 694 -14.62 16.05 -10.06
CA LYS A 694 -16.01 16.05 -10.46
C LYS A 694 -16.64 17.40 -10.17
N LYS A 695 -16.32 17.99 -9.02
CA LYS A 695 -16.90 19.29 -8.67
C LYS A 695 -16.51 20.34 -9.72
N TYR A 696 -15.26 20.23 -10.16
CA TYR A 696 -14.70 21.11 -11.18
C TYR A 696 -15.54 21.04 -12.45
N ILE A 697 -15.92 19.83 -12.84
CA ILE A 697 -16.75 19.68 -14.02
C ILE A 697 -18.16 20.17 -13.76
N GLU A 698 -18.70 19.85 -12.59
CA GLU A 698 -20.05 20.26 -12.26
C GLU A 698 -20.22 21.78 -12.15
N ALA A 699 -19.13 22.48 -11.84
CA ALA A 699 -19.18 23.93 -11.60
C ALA A 699 -18.93 24.74 -12.88
N GLY A 700 -18.28 24.13 -13.86
CA GLY A 700 -17.82 24.78 -15.07
C GLY A 700 -17.52 26.27 -14.93
N ALA A 701 -16.58 26.62 -14.05
CA ALA A 701 -16.24 28.01 -13.78
C ALA A 701 -14.92 28.40 -14.41
N SER A 702 -14.62 27.79 -15.55
CA SER A 702 -13.47 28.20 -16.34
C SER A 702 -13.67 27.56 -17.70
N GLU A 703 -12.91 27.99 -18.69
CA GLU A 703 -13.10 27.43 -20.03
C GLU A 703 -12.88 25.92 -20.03
N HIS A 704 -11.81 25.50 -19.38
CA HIS A 704 -11.44 24.08 -19.31
C HIS A 704 -12.57 23.28 -18.68
N ALA A 705 -12.89 23.63 -17.44
CA ALA A 705 -14.05 23.07 -16.78
C ALA A 705 -15.29 22.94 -17.72
N ARG A 706 -15.68 24.02 -18.37
CA ARG A 706 -16.89 24.01 -19.22
C ARG A 706 -16.75 23.07 -20.39
N SER A 707 -15.56 23.00 -20.98
CA SER A 707 -15.33 22.13 -22.13
C SER A 707 -15.40 20.67 -21.71
N LEU A 708 -15.40 20.42 -20.40
CA LEU A 708 -15.60 19.08 -19.89
C LEU A 708 -17.10 18.83 -19.68
N GLY A 709 -17.85 19.91 -19.43
CA GLY A 709 -19.29 19.78 -19.22
C GLY A 709 -20.09 19.52 -20.49
N PRO A 710 -21.41 19.74 -20.41
CA PRO A 710 -22.05 20.13 -19.16
C PRO A 710 -22.38 18.89 -18.35
N LYS A 711 -23.09 19.05 -17.24
CA LYS A 711 -23.53 17.91 -16.44
C LYS A 711 -24.24 16.91 -17.35
N GLY A 712 -23.86 15.65 -17.27
CA GLY A 712 -24.49 14.64 -18.09
C GLY A 712 -23.56 14.18 -19.20
N SER A 713 -22.54 15.00 -19.47
CA SER A 713 -21.58 14.65 -20.51
C SER A 713 -20.87 13.34 -20.16
N ASP A 714 -20.17 12.77 -21.15
CA ASP A 714 -19.39 11.56 -20.93
C ASP A 714 -18.23 11.85 -19.96
N CYS A 715 -17.62 13.02 -20.12
CA CYS A 715 -16.60 13.48 -19.20
C CYS A 715 -17.13 13.51 -17.77
N HIS A 716 -18.30 14.09 -17.59
CA HIS A 716 -18.83 14.27 -16.24
C HIS A 716 -19.11 12.93 -15.57
N LYS A 717 -19.66 12.00 -16.34
CA LYS A 717 -20.02 10.70 -15.79
C LYS A 717 -18.75 9.90 -15.48
N ALA A 718 -17.69 10.14 -16.26
CA ALA A 718 -16.41 9.52 -15.97
C ALA A 718 -15.92 10.01 -14.59
N ALA A 719 -15.99 11.32 -14.35
CA ALA A 719 -15.69 11.89 -13.04
C ALA A 719 -16.54 11.27 -11.92
N VAL A 720 -17.85 11.18 -12.14
CA VAL A 720 -18.75 10.52 -11.18
C VAL A 720 -18.31 9.08 -10.84
N ILE A 721 -17.86 8.34 -11.85
CA ILE A 721 -17.34 7.00 -11.62
C ILE A 721 -16.12 7.08 -10.70
N GLY A 722 -15.20 7.99 -10.99
CA GLY A 722 -14.04 8.16 -10.16
C GLY A 722 -14.44 8.54 -8.75
N ASP A 723 -15.40 9.44 -8.64
CA ASP A 723 -15.76 9.99 -7.35
C ASP A 723 -16.31 8.87 -6.48
N THR A 724 -17.04 8.01 -7.15
CA THR A 724 -17.82 6.97 -6.54
C THR A 724 -16.90 5.84 -6.08
N ILE A 725 -15.88 5.54 -6.89
CA ILE A 725 -14.83 4.63 -6.44
C ILE A 725 -14.07 5.24 -5.26
N GLY A 726 -13.79 6.54 -5.31
CA GLY A 726 -13.09 7.22 -4.23
C GLY A 726 -13.90 7.22 -2.95
N ASP A 727 -15.23 7.16 -3.07
CA ASP A 727 -16.11 7.23 -1.90
C ASP A 727 -15.68 6.30 -0.71
N PRO A 728 -15.59 4.98 -0.94
CA PRO A 728 -15.18 4.15 0.22
C PRO A 728 -13.70 4.36 0.57
N LEU A 729 -12.88 4.66 -0.44
CA LEU A 729 -11.46 4.91 -0.23
C LEU A 729 -11.22 6.01 0.82
N LYS A 730 -11.87 7.16 0.65
CA LYS A 730 -11.62 8.31 1.52
C LYS A 730 -12.59 8.42 2.71
N ASP A 731 -13.57 7.54 2.80
CA ASP A 731 -14.61 7.74 3.82
C ASP A 731 -14.85 6.53 4.69
N THR A 732 -14.35 5.37 4.26
CA THR A 732 -14.51 4.17 5.07
C THR A 732 -13.15 3.56 5.48
N SER A 733 -12.40 3.06 4.51
CA SER A 733 -11.12 2.41 4.80
C SER A 733 -10.03 3.41 5.15
N GLY A 734 -9.67 4.26 4.17
CA GLY A 734 -8.69 5.32 4.32
C GLY A 734 -8.60 5.93 5.71
N PRO A 735 -9.66 6.63 6.14
CA PRO A 735 -9.56 7.37 7.40
C PRO A 735 -9.55 6.46 8.63
N SER A 736 -10.05 5.25 8.51
CA SER A 736 -10.07 4.34 9.67
C SER A 736 -8.70 3.69 9.90
N LEU A 737 -7.90 3.63 8.84
CA LEU A 737 -6.55 3.12 8.92
C LEU A 737 -5.72 3.81 10.01
N ASN A 738 -5.90 5.12 10.19
CA ASN A 738 -5.14 5.81 11.23
C ASN A 738 -5.60 5.35 12.61
N ILE A 739 -6.84 4.89 12.69
CA ILE A 739 -7.32 4.32 13.95
C ILE A 739 -6.70 2.94 14.17
N LEU A 740 -6.64 2.13 13.12
CA LEU A 740 -5.99 0.81 13.19
C LEU A 740 -4.62 0.96 13.85
N ILE A 741 -3.83 1.90 13.33
CA ILE A 741 -2.45 2.07 13.77
C ILE A 741 -2.35 2.53 15.22
N LYS A 742 -2.99 3.65 15.56
CA LYS A 742 -2.90 4.16 16.92
C LYS A 742 -3.61 3.28 17.97
N LEU A 743 -4.62 2.52 17.56
CA LEU A 743 -5.38 1.70 18.51
C LEU A 743 -4.55 0.51 18.94
N MET A 744 -4.01 -0.22 17.97
CA MET A 744 -3.15 -1.36 18.26
C MET A 744 -2.01 -0.93 19.18
N ALA A 745 -1.61 0.33 19.08
CA ALA A 745 -0.49 0.77 19.91
C ALA A 745 -0.83 1.04 21.38
N VAL A 746 -1.97 1.66 21.68
CA VAL A 746 -2.28 1.87 23.10
C VAL A 746 -2.66 0.54 23.69
N GLU A 747 -3.43 -0.24 22.92
CA GLU A 747 -3.84 -1.59 23.36
C GLU A 747 -2.62 -2.41 23.82
N SER A 748 -1.61 -2.44 22.98
CA SER A 748 -0.38 -3.13 23.29
C SER A 748 0.25 -2.55 24.58
N LEU A 749 0.33 -1.23 24.69
CA LEU A 749 0.93 -0.65 25.90
C LEU A 749 0.14 -1.03 27.17
N VAL A 750 -1.18 -1.06 27.04
CA VAL A 750 -2.03 -1.32 28.19
C VAL A 750 -1.88 -2.77 28.66
N PHE A 751 -1.84 -3.70 27.71
CA PHE A 751 -1.63 -5.12 28.02
C PHE A 751 -0.15 -5.57 28.09
N ALA A 752 0.80 -4.64 28.01
CA ALA A 752 2.23 -5.02 27.98
C ALA A 752 2.69 -5.99 29.10
N PRO A 753 2.48 -5.63 30.40
CA PRO A 753 2.87 -6.56 31.48
C PRO A 753 2.20 -7.92 31.36
N PHE A 754 0.96 -7.96 30.88
CA PHE A 754 0.27 -9.22 30.74
C PHE A 754 0.87 -10.08 29.62
N PHE A 755 1.28 -9.45 28.53
CA PHE A 755 1.97 -10.19 27.46
C PHE A 755 3.39 -10.58 27.90
N ALA A 756 4.05 -9.69 28.64
CA ALA A 756 5.37 -9.97 29.20
C ALA A 756 5.32 -11.24 30.05
N THR A 757 4.30 -11.32 30.88
CA THR A 757 4.24 -12.34 31.91
C THR A 757 3.59 -13.63 31.43
N HIS A 758 2.44 -13.53 30.76
CA HIS A 758 1.71 -14.74 30.37
C HIS A 758 1.69 -15.00 28.87
N GLY A 759 2.39 -14.17 28.09
CA GLY A 759 2.35 -14.28 26.63
C GLY A 759 3.48 -15.11 26.01
N GLY A 760 3.43 -15.25 24.69
CA GLY A 760 4.47 -15.98 23.96
C GLY A 760 4.34 -17.47 24.14
N LEU A 761 3.10 -17.95 24.23
CA LEU A 761 2.80 -19.35 24.51
C LEU A 761 3.46 -20.31 23.55
N LEU A 762 3.19 -20.16 22.26
CA LEU A 762 3.78 -20.99 21.22
C LEU A 762 5.31 -21.21 21.39
N PHE A 763 6.02 -20.27 22.01
CA PHE A 763 7.46 -20.45 22.25
C PHE A 763 7.75 -21.14 23.57
N LYS A 764 6.82 -21.02 24.50
CA LYS A 764 6.95 -21.64 25.80
C LYS A 764 6.67 -23.15 25.72
N ILE A 765 5.57 -23.53 25.07
CA ILE A 765 5.28 -24.95 24.95
C ILE A 765 6.31 -25.68 24.07
N PHE A 766 6.78 -25.04 22.99
CA PHE A 766 7.87 -25.60 22.19
C PHE A 766 9.20 -24.93 22.55
N GLY B 2 34.36 -31.82 8.24
CA GLY B 2 33.88 -32.85 7.34
C GLY B 2 33.64 -32.33 5.93
N ALA B 3 33.37 -33.25 5.01
CA ALA B 3 33.03 -32.90 3.62
C ALA B 3 31.91 -33.80 3.10
N ALA B 4 31.63 -33.68 1.81
CA ALA B 4 30.44 -34.29 1.21
C ALA B 4 30.74 -35.51 0.33
N ILE B 5 29.75 -36.37 0.17
CA ILE B 5 29.86 -37.55 -0.69
C ILE B 5 30.36 -37.22 -2.09
N LEU B 6 29.84 -36.17 -2.69
CA LEU B 6 30.15 -35.82 -4.07
C LEU B 6 31.40 -34.97 -4.19
N PRO B 7 32.45 -35.51 -4.84
CA PRO B 7 33.77 -34.87 -5.02
C PRO B 7 33.73 -33.54 -5.77
N ASP B 8 34.64 -32.62 -5.44
CA ASP B 8 34.71 -31.32 -6.11
C ASP B 8 34.74 -31.47 -7.64
N LEU B 9 35.49 -32.47 -8.10
CA LEU B 9 35.67 -32.68 -9.53
C LEU B 9 34.35 -33.04 -10.19
N GLY B 10 33.52 -33.82 -9.49
CA GLY B 10 32.20 -34.18 -9.98
C GLY B 10 31.27 -32.98 -10.11
N THR B 11 31.27 -32.15 -9.07
CA THR B 11 30.52 -30.90 -9.07
C THR B 11 30.91 -30.01 -10.25
N GLU B 12 32.20 -29.90 -10.53
CA GLU B 12 32.67 -29.10 -11.66
C GLU B 12 32.19 -29.63 -13.01
N ILE B 13 31.84 -30.91 -13.05
CA ILE B 13 31.38 -31.57 -14.27
C ILE B 13 29.85 -31.53 -14.37
N LEU B 14 29.21 -31.94 -13.28
CA LEU B 14 27.76 -32.02 -13.18
C LEU B 14 27.04 -30.74 -13.63
N ILE B 15 27.40 -29.62 -13.02
CA ILE B 15 26.76 -28.35 -13.30
C ILE B 15 26.62 -27.99 -14.80
N PRO B 16 27.75 -27.88 -15.55
CA PRO B 16 27.59 -27.47 -16.95
C PRO B 16 26.91 -28.53 -17.80
N VAL B 17 27.03 -29.80 -17.42
CA VAL B 17 26.32 -30.86 -18.12
C VAL B 17 24.81 -30.60 -18.08
N CYS B 18 24.29 -30.45 -16.87
CA CYS B 18 22.90 -30.04 -16.68
C CYS B 18 22.57 -28.78 -17.48
N ALA B 19 23.45 -27.79 -17.46
CA ALA B 19 23.22 -26.58 -18.23
C ALA B 19 23.15 -26.94 -19.72
N VAL B 20 24.13 -27.71 -20.19
CA VAL B 20 24.18 -28.11 -21.58
C VAL B 20 22.93 -28.92 -21.95
N ILE B 21 22.53 -29.79 -21.03
CA ILE B 21 21.29 -30.57 -21.21
C ILE B 21 20.11 -29.63 -21.37
N GLY B 22 20.00 -28.65 -20.47
CA GLY B 22 18.93 -27.68 -20.53
C GLY B 22 18.92 -26.93 -21.85
N ILE B 23 20.09 -26.62 -22.39
CA ILE B 23 20.16 -25.96 -23.68
C ILE B 23 19.84 -26.94 -24.80
N ALA B 24 20.31 -28.17 -24.67
CA ALA B 24 20.01 -29.22 -25.63
C ALA B 24 18.50 -29.43 -25.70
N PHE B 25 17.85 -29.42 -24.55
CA PHE B 25 16.41 -29.64 -24.50
C PHE B 25 15.64 -28.44 -25.09
N ALA B 26 16.18 -27.24 -24.91
CA ALA B 26 15.52 -26.03 -25.41
C ALA B 26 15.49 -25.99 -26.95
N LEU B 27 16.67 -26.13 -27.55
CA LEU B 27 16.81 -26.10 -29.00
C LEU B 27 15.92 -27.17 -29.64
N PHE B 28 15.88 -28.34 -29.00
CA PHE B 28 15.06 -29.44 -29.46
C PHE B 28 13.60 -29.01 -29.60
N GLN B 29 13.02 -28.53 -28.50
CA GLN B 29 11.66 -28.01 -28.50
C GLN B 29 11.46 -26.96 -29.58
N TRP B 30 12.46 -26.11 -29.78
CA TRP B 30 12.36 -25.10 -30.82
C TRP B 30 12.23 -25.76 -32.20
N LEU B 31 13.02 -26.81 -32.40
CA LEU B 31 13.01 -27.52 -33.68
C LEU B 31 11.62 -28.07 -33.98
N LEU B 32 11.04 -28.76 -33.00
CA LEU B 32 9.65 -29.22 -33.13
C LEU B 32 8.71 -28.08 -33.51
N VAL B 33 8.91 -26.91 -32.93
CA VAL B 33 8.06 -25.79 -33.23
C VAL B 33 8.28 -25.35 -34.67
N SER B 34 9.51 -25.48 -35.16
CA SER B 34 9.81 -25.18 -36.55
C SER B 34 9.04 -26.08 -37.53
N LYS B 35 8.68 -27.29 -37.08
CA LYS B 35 7.83 -28.18 -37.86
C LYS B 35 6.58 -27.48 -38.37
N VAL B 36 5.86 -26.80 -37.47
CA VAL B 36 4.75 -25.98 -37.93
C VAL B 36 5.31 -24.93 -38.87
N LYS B 37 5.27 -25.24 -40.17
CA LYS B 37 5.86 -24.41 -41.19
C LYS B 37 4.86 -23.37 -41.70
N LEU B 38 5.41 -22.23 -42.13
CA LEU B 38 4.63 -21.13 -42.67
C LEU B 38 5.62 -20.14 -43.30
N SER B 39 5.11 -19.23 -44.13
CA SER B 39 5.96 -18.21 -44.77
C SER B 39 5.11 -17.13 -45.44
N ALA B 40 5.75 -16.03 -45.84
CA ALA B 40 5.03 -14.84 -46.33
C ALA B 40 5.31 -14.46 -47.79
N VAL B 41 6.58 -14.16 -48.07
CA VAL B 41 6.99 -13.66 -49.39
C VAL B 41 6.58 -14.59 -50.54
N ASP B 67 -8.25 -22.50 -47.88
CA ASP B 67 -7.62 -21.35 -47.24
C ASP B 67 -6.13 -21.54 -46.97
N HIS B 68 -5.32 -20.89 -47.78
CA HIS B 68 -3.89 -20.79 -47.55
C HIS B 68 -3.57 -19.31 -47.52
N ASN B 69 -4.55 -18.52 -47.99
CA ASN B 69 -4.49 -17.06 -47.94
C ASN B 69 -4.29 -16.59 -46.50
N VAL B 70 -4.85 -17.36 -45.56
CA VAL B 70 -4.63 -17.18 -44.13
C VAL B 70 -3.13 -17.21 -43.79
N VAL B 71 -2.48 -18.33 -44.11
CA VAL B 71 -1.08 -18.55 -43.80
C VAL B 71 -0.18 -17.39 -44.27
N VAL B 72 -0.50 -16.81 -45.41
CA VAL B 72 0.26 -15.66 -45.89
C VAL B 72 -0.02 -14.40 -45.06
N LYS B 73 -1.28 -14.19 -44.72
CA LYS B 73 -1.68 -13.08 -43.86
C LYS B 73 -1.07 -13.21 -42.44
N CYS B 74 -1.23 -14.39 -41.84
CA CYS B 74 -0.61 -14.70 -40.54
C CYS B 74 0.87 -14.35 -40.56
N ALA B 75 1.59 -14.89 -41.54
CA ALA B 75 3.03 -14.64 -41.67
C ALA B 75 3.33 -13.18 -42.00
N GLU B 76 2.36 -12.48 -42.60
CA GLU B 76 2.52 -11.06 -42.83
C GLU B 76 2.38 -10.35 -41.49
N ILE B 77 1.33 -10.72 -40.75
CA ILE B 77 1.05 -10.16 -39.43
C ILE B 77 2.22 -10.41 -38.46
N GLN B 78 2.60 -11.68 -38.33
CA GLN B 78 3.74 -12.08 -37.51
C GLN B 78 4.97 -11.22 -37.79
N ASN B 79 5.14 -10.77 -39.04
CA ASN B 79 6.32 -9.99 -39.39
C ASN B 79 6.26 -8.54 -38.92
N ALA B 80 5.08 -7.95 -38.94
CA ALA B 80 4.93 -6.60 -38.41
C ALA B 80 5.33 -6.60 -36.94
N ILE B 81 4.86 -7.62 -36.22
CA ILE B 81 5.10 -7.77 -34.79
C ILE B 81 6.57 -8.04 -34.50
N SER B 82 7.13 -9.03 -35.18
CA SER B 82 8.52 -9.40 -35.00
C SER B 82 9.45 -8.23 -35.29
N GLU B 83 9.12 -7.44 -36.29
CA GLU B 83 9.88 -6.24 -36.60
C GLU B 83 9.73 -5.19 -35.50
N GLY B 84 8.52 -5.07 -34.96
CA GLY B 84 8.24 -4.09 -33.92
C GLY B 84 8.94 -4.39 -32.60
N ALA B 85 8.79 -5.64 -32.14
CA ALA B 85 9.46 -6.08 -30.93
C ALA B 85 10.97 -5.84 -31.03
N THR B 86 11.60 -6.42 -32.05
CA THR B 86 13.03 -6.24 -32.32
C THR B 86 13.46 -4.77 -32.39
N SER B 87 12.70 -3.96 -33.12
CA SER B 87 13.06 -2.55 -33.27
C SER B 87 13.07 -1.80 -31.93
N PHE B 88 12.19 -2.19 -31.02
CA PHE B 88 12.08 -1.48 -29.76
C PHE B 88 13.17 -1.89 -28.76
N LEU B 89 13.35 -3.20 -28.59
CA LEU B 89 14.39 -3.72 -27.73
C LEU B 89 15.77 -3.12 -28.04
N PHE B 90 16.16 -3.11 -29.32
CA PHE B 90 17.44 -2.53 -29.72
C PHE B 90 17.49 -1.10 -29.24
N THR B 91 16.44 -0.34 -29.52
CA THR B 91 16.34 1.03 -29.04
C THR B 91 16.50 1.08 -27.53
N GLU B 92 15.66 0.31 -26.85
CA GLU B 92 15.66 0.23 -25.39
C GLU B 92 17.00 -0.22 -24.86
N TYR B 93 17.57 -1.25 -25.47
CA TYR B 93 18.82 -1.84 -25.00
C TYR B 93 20.02 -0.91 -25.25
N LYS B 94 19.89 -0.05 -26.25
CA LYS B 94 20.90 0.97 -26.49
C LYS B 94 21.04 1.87 -25.26
N TYR B 95 19.91 2.36 -24.75
CA TYR B 95 19.93 3.24 -23.58
C TYR B 95 20.38 2.52 -22.31
N VAL B 96 19.78 1.36 -22.07
CA VAL B 96 20.13 0.56 -20.92
C VAL B 96 21.62 0.21 -20.95
N GLY B 97 22.12 -0.16 -22.12
CA GLY B 97 23.51 -0.53 -22.28
C GLY B 97 24.45 0.61 -21.91
N ILE B 98 24.11 1.80 -22.39
CA ILE B 98 24.89 2.99 -22.06
C ILE B 98 24.89 3.18 -20.55
N PHE B 99 23.71 3.19 -19.95
CA PHE B 99 23.57 3.33 -18.50
C PHE B 99 24.37 2.25 -17.77
N MET B 100 24.29 1.03 -18.30
CA MET B 100 25.02 -0.12 -17.76
C MET B 100 26.51 0.19 -17.71
N VAL B 101 26.97 1.00 -18.66
CA VAL B 101 28.37 1.37 -18.72
C VAL B 101 28.68 2.44 -17.69
N ALA B 102 27.86 3.48 -17.66
CA ALA B 102 28.02 4.53 -16.66
C ALA B 102 28.04 3.94 -15.24
N PHE B 103 27.04 3.13 -14.92
CA PHE B 103 26.94 2.65 -13.55
C PHE B 103 28.15 1.80 -13.20
N ALA B 104 28.62 1.01 -14.16
CA ALA B 104 29.80 0.17 -13.94
C ALA B 104 31.01 1.02 -13.50
N ILE B 105 31.11 2.22 -14.04
CA ILE B 105 32.18 3.13 -13.63
C ILE B 105 32.05 3.49 -12.15
N LEU B 106 30.84 3.90 -11.72
CA LEU B 106 30.57 4.16 -10.31
C LEU B 106 30.96 2.97 -9.45
N ILE B 107 30.55 1.78 -9.89
CA ILE B 107 30.91 0.57 -9.18
C ILE B 107 32.43 0.49 -8.98
N PHE B 108 33.19 0.85 -10.01
CA PHE B 108 34.63 0.81 -9.90
C PHE B 108 35.22 1.91 -9.03
N LEU B 109 34.76 3.15 -9.26
CA LEU B 109 35.22 4.28 -8.47
C LEU B 109 34.93 4.10 -6.98
N PHE B 110 33.65 3.97 -6.67
CA PHE B 110 33.20 3.87 -5.27
C PHE B 110 33.84 2.70 -4.52
N LEU B 111 33.85 1.52 -5.13
CA LEU B 111 34.47 0.37 -4.49
C LEU B 111 35.98 0.55 -4.40
N GLY B 112 36.56 1.14 -5.44
CA GLY B 112 37.98 1.40 -5.45
C GLY B 112 38.38 2.32 -4.32
N SER B 113 37.54 3.30 -4.02
CA SER B 113 37.89 4.34 -3.05
C SER B 113 37.92 3.83 -1.60
N VAL B 114 37.54 2.58 -1.40
CA VAL B 114 37.46 2.01 -0.06
C VAL B 114 38.81 2.01 0.63
N GLU B 115 39.80 1.41 -0.02
CA GLU B 115 41.15 1.44 0.52
C GLU B 115 42.07 2.28 -0.36
N GLY B 116 41.60 3.47 -0.73
CA GLY B 116 42.39 4.41 -1.48
C GLY B 116 43.01 3.86 -2.75
N PHE B 117 42.35 2.89 -3.37
CA PHE B 117 42.82 2.31 -4.62
C PHE B 117 44.18 1.68 -4.46
N SER B 118 44.52 1.28 -3.24
CA SER B 118 45.76 0.58 -2.97
C SER B 118 45.86 -0.69 -3.82
N THR B 119 47.07 -1.23 -3.94
CA THR B 119 47.27 -2.47 -4.67
C THR B 119 47.82 -3.53 -3.73
N SER B 120 48.11 -3.11 -2.50
CA SER B 120 48.60 -4.04 -1.50
C SER B 120 47.50 -4.96 -0.99
N PRO B 121 47.86 -6.18 -0.62
CA PRO B 121 46.89 -7.03 0.07
C PRO B 121 46.52 -6.41 1.43
N GLN B 122 45.64 -7.09 2.16
CA GLN B 122 45.04 -6.53 3.36
C GLN B 122 44.52 -7.72 4.13
N ALA B 123 44.41 -7.58 5.44
CA ALA B 123 43.83 -8.63 6.27
C ALA B 123 42.39 -8.89 5.83
N CYS B 124 42.02 -10.17 5.73
CA CYS B 124 40.66 -10.56 5.43
C CYS B 124 39.66 -9.95 6.42
N SER B 125 38.51 -9.50 5.90
CA SER B 125 37.47 -8.90 6.72
C SER B 125 36.96 -9.87 7.77
N TYR B 126 36.92 -11.14 7.40
CA TYR B 126 36.27 -12.18 8.19
C TYR B 126 37.23 -12.97 9.07
N ASP B 127 38.50 -12.95 8.70
CA ASP B 127 39.53 -13.67 9.45
C ASP B 127 40.82 -12.89 9.38
N LYS B 128 41.03 -12.04 10.39
CA LYS B 128 42.21 -11.18 10.51
C LYS B 128 43.55 -11.94 10.45
N THR B 129 43.54 -13.21 10.83
CA THR B 129 44.79 -13.97 10.83
C THR B 129 45.26 -14.18 9.41
N LYS B 130 44.30 -14.21 8.48
CA LYS B 130 44.62 -14.51 7.09
C LYS B 130 44.72 -13.27 6.22
N THR B 131 45.41 -13.41 5.09
CA THR B 131 45.61 -12.29 4.17
C THR B 131 44.70 -12.44 2.93
N CYS B 132 44.12 -11.33 2.49
CA CYS B 132 43.16 -11.37 1.38
C CYS B 132 43.53 -10.41 0.26
N LYS B 133 42.96 -10.65 -0.91
CA LYS B 133 43.27 -9.86 -2.09
C LYS B 133 42.97 -8.39 -1.85
N PRO B 134 43.54 -7.50 -2.67
CA PRO B 134 43.27 -6.08 -2.46
C PRO B 134 41.79 -5.77 -2.69
N ALA B 135 41.25 -4.80 -1.97
CA ALA B 135 39.91 -4.33 -2.20
C ALA B 135 39.77 -3.88 -3.66
N LEU B 136 40.81 -3.24 -4.18
CA LEU B 136 40.81 -2.75 -5.57
C LEU B 136 40.54 -3.87 -6.57
N ALA B 137 41.09 -5.05 -6.30
CA ALA B 137 40.90 -6.19 -7.17
C ALA B 137 39.42 -6.53 -7.24
N THR B 138 38.81 -6.47 -6.06
CA THR B 138 37.39 -6.74 -5.95
C THR B 138 36.57 -5.63 -6.60
N ALA B 139 37.05 -4.38 -6.51
CA ALA B 139 36.35 -3.28 -7.16
C ALA B 139 36.24 -3.55 -8.66
N ILE B 140 37.27 -4.22 -9.18
CA ILE B 140 37.38 -4.54 -10.59
C ILE B 140 36.50 -5.74 -10.98
N PHE B 141 36.62 -6.84 -10.24
CA PHE B 141 35.81 -8.00 -10.52
C PHE B 141 34.32 -7.77 -10.30
N SER B 142 33.98 -6.83 -9.43
CA SER B 142 32.59 -6.55 -9.13
C SER B 142 31.99 -5.84 -10.33
N THR B 143 32.84 -5.05 -10.99
CA THR B 143 32.45 -4.40 -12.23
C THR B 143 32.31 -5.43 -13.35
N VAL B 144 33.21 -6.41 -13.34
CA VAL B 144 33.21 -7.47 -14.35
C VAL B 144 31.96 -8.34 -14.25
N SER B 145 31.63 -8.79 -13.05
CA SER B 145 30.43 -9.60 -12.86
C SER B 145 29.15 -8.77 -13.09
N PHE B 146 29.18 -7.49 -12.74
CA PHE B 146 28.03 -6.62 -12.94
C PHE B 146 27.66 -6.54 -14.42
N LEU B 147 28.66 -6.23 -15.25
CA LEU B 147 28.44 -6.13 -16.69
C LEU B 147 28.08 -7.49 -17.24
N LEU B 148 28.74 -8.52 -16.72
CA LEU B 148 28.42 -9.89 -17.09
C LEU B 148 26.94 -10.16 -16.81
N GLY B 149 26.45 -9.63 -15.69
CA GLY B 149 25.07 -9.78 -15.30
C GLY B 149 24.12 -8.99 -16.19
N GLY B 150 24.48 -7.75 -16.49
CA GLY B 150 23.66 -6.91 -17.35
C GLY B 150 23.49 -7.50 -18.73
N VAL B 151 24.57 -8.03 -19.27
CA VAL B 151 24.56 -8.65 -20.57
C VAL B 151 23.77 -9.97 -20.58
N THR B 152 23.92 -10.77 -19.53
CA THR B 152 23.17 -12.02 -19.45
C THR B 152 21.69 -11.74 -19.22
N SER B 153 21.38 -10.57 -18.68
CA SER B 153 19.98 -10.20 -18.52
C SER B 153 19.37 -9.82 -19.87
N LEU B 154 20.10 -9.01 -20.64
CA LEU B 154 19.64 -8.57 -21.95
C LEU B 154 19.48 -9.73 -22.91
N VAL B 155 20.38 -10.71 -22.84
CA VAL B 155 20.26 -11.87 -23.70
C VAL B 155 19.01 -12.69 -23.31
N SER B 156 18.69 -12.70 -22.02
CA SER B 156 17.55 -13.47 -21.53
C SER B 156 16.23 -12.94 -22.07
N GLY B 157 16.13 -11.61 -22.16
CA GLY B 157 14.91 -10.97 -22.60
C GLY B 157 14.81 -11.04 -24.11
N PHE B 158 15.96 -10.95 -24.76
CA PHE B 158 16.01 -10.97 -26.21
C PHE B 158 15.70 -12.36 -26.76
N LEU B 159 16.34 -13.39 -26.19
CA LEU B 159 16.05 -14.75 -26.61
C LEU B 159 14.57 -15.10 -26.38
N GLY B 160 13.98 -14.55 -25.33
CA GLY B 160 12.59 -14.83 -25.02
C GLY B 160 11.66 -14.17 -26.03
N MET B 161 12.03 -12.96 -26.45
CA MET B 161 11.23 -12.25 -27.43
C MET B 161 11.28 -13.00 -28.76
N LYS B 162 12.46 -13.51 -29.10
CA LYS B 162 12.65 -14.20 -30.38
C LYS B 162 11.82 -15.47 -30.50
N ILE B 163 11.86 -16.31 -29.48
CA ILE B 163 11.02 -17.50 -29.51
C ILE B 163 9.54 -17.12 -29.52
N ALA B 164 9.16 -16.13 -28.73
CA ALA B 164 7.76 -15.73 -28.62
C ALA B 164 7.25 -15.21 -29.96
N THR B 165 8.04 -14.34 -30.58
CA THR B 165 7.68 -13.77 -31.87
C THR B 165 7.72 -14.81 -32.99
N TYR B 166 8.32 -15.96 -32.71
CA TYR B 166 8.41 -17.04 -33.66
C TYR B 166 7.27 -18.02 -33.44
N ALA B 167 6.80 -18.10 -32.20
CA ALA B 167 5.81 -19.12 -31.84
C ALA B 167 4.36 -18.66 -31.94
N ASN B 168 4.14 -17.35 -31.94
CA ASN B 168 2.78 -16.83 -31.85
C ASN B 168 1.90 -17.29 -33.02
N ALA B 169 2.30 -16.93 -34.24
CA ALA B 169 1.60 -17.34 -35.45
C ALA B 169 1.55 -18.87 -35.63
N ARG B 170 2.55 -19.58 -35.11
CA ARG B 170 2.52 -21.05 -35.20
C ARG B 170 1.43 -21.61 -34.29
N THR B 171 1.18 -20.90 -33.20
CA THR B 171 0.13 -21.28 -32.27
C THR B 171 -1.24 -20.95 -32.89
N THR B 172 -1.30 -19.89 -33.68
CA THR B 172 -2.56 -19.51 -34.33
C THR B 172 -2.99 -20.58 -35.31
N LEU B 173 -2.05 -20.97 -36.19
CA LEU B 173 -2.30 -21.93 -37.26
C LEU B 173 -2.73 -23.32 -36.77
N GLU B 174 -2.09 -23.80 -35.72
CA GLU B 174 -2.38 -25.13 -35.18
C GLU B 174 -3.66 -25.14 -34.34
N ALA B 175 -4.23 -23.97 -34.14
CA ALA B 175 -5.49 -23.87 -33.41
C ALA B 175 -6.66 -24.31 -34.30
N ARG B 176 -6.41 -24.35 -35.61
CA ARG B 176 -7.37 -24.89 -36.58
C ARG B 176 -7.64 -26.38 -36.34
N LYS B 177 -6.80 -27.01 -35.51
CA LYS B 177 -7.00 -28.43 -35.19
C LYS B 177 -7.35 -28.64 -33.71
N GLY B 178 -8.08 -27.69 -33.13
CA GLY B 178 -8.45 -27.79 -31.72
C GLY B 178 -7.46 -27.11 -30.78
N VAL B 179 -7.88 -26.96 -29.52
CA VAL B 179 -7.06 -26.28 -28.51
C VAL B 179 -5.81 -27.07 -28.12
N GLY B 180 -5.97 -28.38 -27.94
CA GLY B 180 -4.88 -29.25 -27.52
C GLY B 180 -3.59 -29.12 -28.31
N LYS B 181 -3.71 -29.04 -29.64
CA LYS B 181 -2.53 -28.97 -30.49
C LYS B 181 -1.93 -27.56 -30.47
N ALA B 182 -2.80 -26.56 -30.37
CA ALA B 182 -2.36 -25.17 -30.21
C ALA B 182 -1.70 -24.93 -28.85
N PHE B 183 -2.10 -25.71 -27.85
CA PHE B 183 -1.60 -25.59 -26.50
C PHE B 183 -0.15 -26.06 -26.41
N ILE B 184 0.14 -27.20 -27.04
CA ILE B 184 1.47 -27.77 -27.02
C ILE B 184 2.48 -26.85 -27.72
N THR B 185 2.15 -26.39 -28.93
CA THR B 185 3.06 -25.50 -29.64
C THR B 185 3.35 -24.27 -28.78
N ALA B 186 2.32 -23.82 -28.06
CA ALA B 186 2.45 -22.70 -27.14
C ALA B 186 3.30 -23.07 -25.93
N PHE B 187 3.00 -24.21 -25.30
CA PHE B 187 3.72 -24.63 -24.12
C PHE B 187 5.16 -25.07 -24.40
N ARG B 188 5.36 -25.79 -25.51
CA ARG B 188 6.71 -26.12 -25.98
C ARG B 188 7.51 -24.85 -26.10
N SER B 189 6.92 -23.84 -26.74
CA SER B 189 7.58 -22.56 -26.95
C SER B 189 7.88 -21.86 -25.63
N GLY B 190 6.99 -22.03 -24.64
CA GLY B 190 7.19 -21.46 -23.33
C GLY B 190 8.36 -22.17 -22.68
N ALA B 191 8.39 -23.49 -22.83
CA ALA B 191 9.50 -24.29 -22.34
C ALA B 191 10.83 -23.86 -22.95
N VAL B 192 10.80 -23.41 -24.21
CA VAL B 192 12.03 -22.98 -24.86
C VAL B 192 12.64 -21.81 -24.12
N MET B 193 11.82 -20.81 -23.79
CA MET B 193 12.31 -19.67 -23.03
C MET B 193 12.75 -20.05 -21.61
N GLY B 194 12.04 -20.99 -20.99
CA GLY B 194 12.31 -21.36 -19.62
C GLY B 194 13.59 -22.14 -19.44
N PHE B 195 13.91 -23.01 -20.39
CA PHE B 195 15.12 -23.81 -20.27
C PHE B 195 16.35 -23.04 -20.76
N LEU B 196 16.16 -22.13 -21.70
CA LEU B 196 17.28 -21.28 -22.11
C LEU B 196 17.69 -20.34 -20.99
N LEU B 197 16.72 -19.67 -20.37
CA LEU B 197 17.03 -18.75 -19.28
C LEU B 197 17.64 -19.46 -18.08
N ALA B 198 17.00 -20.54 -17.65
CA ALA B 198 17.49 -21.26 -16.48
C ALA B 198 18.89 -21.83 -16.72
N ALA B 199 19.14 -22.36 -17.92
CA ALA B 199 20.44 -22.98 -18.22
C ALA B 199 21.55 -21.96 -18.53
N ASN B 200 21.20 -20.86 -19.18
CA ASN B 200 22.21 -19.87 -19.49
C ASN B 200 22.71 -19.08 -18.27
N GLY B 201 21.80 -18.77 -17.35
CA GLY B 201 22.15 -18.00 -16.17
C GLY B 201 23.05 -18.85 -15.29
N LEU B 202 22.74 -20.15 -15.25
CA LEU B 202 23.52 -21.13 -14.51
C LEU B 202 24.94 -21.26 -15.09
N LEU B 203 25.02 -21.47 -16.40
CA LEU B 203 26.31 -21.70 -17.06
C LEU B 203 27.29 -20.53 -16.95
N VAL B 204 26.81 -19.33 -17.22
CA VAL B 204 27.59 -18.10 -17.08
C VAL B 204 28.09 -17.88 -15.65
N LEU B 205 27.21 -18.13 -14.68
CA LEU B 205 27.57 -17.94 -13.28
C LEU B 205 28.70 -18.89 -12.94
N TYR B 206 28.47 -20.17 -13.22
CA TYR B 206 29.47 -21.22 -13.04
C TYR B 206 30.80 -20.81 -13.68
N ILE B 207 30.74 -20.39 -14.95
CA ILE B 207 31.92 -19.91 -15.63
C ILE B 207 32.57 -18.77 -14.85
N ALA B 208 31.82 -17.69 -14.62
CA ALA B 208 32.32 -16.52 -13.89
C ALA B 208 33.03 -16.90 -12.57
N ILE B 209 32.42 -17.81 -11.81
CA ILE B 209 33.00 -18.26 -10.57
C ILE B 209 34.38 -18.88 -10.80
N ASN B 210 34.44 -19.90 -11.65
CA ASN B 210 35.70 -20.57 -11.95
C ASN B 210 36.72 -19.59 -12.52
N LEU B 211 36.28 -18.75 -13.45
CA LEU B 211 37.13 -17.68 -13.96
C LEU B 211 37.62 -16.79 -12.82
N PHE B 212 36.72 -16.35 -11.96
CA PHE B 212 37.13 -15.48 -10.86
C PHE B 212 38.09 -16.21 -9.93
N LYS B 213 37.92 -17.51 -9.79
CA LYS B 213 38.73 -18.28 -8.84
C LYS B 213 40.21 -18.19 -9.17
N ILE B 214 40.52 -18.26 -10.46
CA ILE B 214 41.90 -18.17 -10.93
C ILE B 214 42.61 -17.03 -10.26
N TYR B 215 41.96 -15.87 -10.17
CA TYR B 215 42.59 -14.74 -9.50
C TYR B 215 42.58 -14.89 -7.99
N TYR B 216 41.43 -15.27 -7.44
CA TYR B 216 41.26 -15.20 -5.99
C TYR B 216 41.96 -16.32 -5.24
N GLY B 217 42.09 -17.46 -5.89
CA GLY B 217 42.73 -18.61 -5.28
C GLY B 217 42.06 -19.03 -3.99
N ASP B 218 42.69 -18.71 -2.86
CA ASP B 218 42.19 -19.15 -1.57
C ASP B 218 41.26 -18.12 -0.91
N ASP B 219 41.21 -16.90 -1.45
CA ASP B 219 40.33 -15.84 -0.95
C ASP B 219 38.89 -16.01 -1.48
N TRP B 220 38.17 -17.00 -0.97
CA TRP B 220 36.81 -17.25 -1.43
C TRP B 220 35.82 -16.16 -1.05
N GLY B 221 36.08 -15.50 0.08
CA GLY B 221 35.27 -14.38 0.51
C GLY B 221 35.30 -13.31 -0.55
N GLY B 222 36.51 -12.96 -0.99
CA GLY B 222 36.66 -11.95 -2.04
C GLY B 222 36.03 -12.37 -3.36
N LEU B 223 36.12 -13.67 -3.66
CA LEU B 223 35.65 -14.23 -4.91
C LEU B 223 34.14 -14.02 -5.05
N PHE B 224 33.41 -14.53 -4.06
CA PHE B 224 31.97 -14.55 -4.09
C PHE B 224 31.32 -13.22 -3.72
N HIS B 225 32.05 -12.36 -3.02
CA HIS B 225 31.60 -10.98 -2.86
C HIS B 225 31.76 -10.27 -4.20
N ALA B 226 32.78 -10.66 -4.96
CA ALA B 226 32.94 -10.13 -6.32
C ALA B 226 31.83 -10.66 -7.24
N ILE B 227 31.42 -11.91 -7.01
CA ILE B 227 30.43 -12.54 -7.85
C ILE B 227 29.06 -11.87 -7.71
N THR B 228 28.79 -11.24 -6.57
CA THR B 228 27.47 -10.63 -6.35
C THR B 228 27.07 -9.56 -7.35
N GLY B 229 28.06 -8.91 -7.97
CA GLY B 229 27.78 -7.90 -8.98
C GLY B 229 26.89 -8.48 -10.06
N TYR B 230 27.08 -9.77 -10.32
CA TYR B 230 26.28 -10.51 -11.27
C TYR B 230 24.78 -10.26 -11.09
N GLY B 231 24.30 -10.37 -9.86
CA GLY B 231 22.89 -10.18 -9.59
C GLY B 231 22.50 -8.72 -9.65
N LEU B 232 23.39 -7.86 -9.16
CA LEU B 232 23.18 -6.43 -9.27
C LEU B 232 23.00 -6.04 -10.73
N GLY B 233 23.78 -6.66 -11.61
CA GLY B 233 23.68 -6.39 -13.03
C GLY B 233 22.37 -6.89 -13.62
N GLY B 234 22.02 -8.13 -13.29
CA GLY B 234 20.80 -8.74 -13.80
C GLY B 234 19.56 -7.96 -13.42
N SER B 235 19.47 -7.52 -12.18
CA SER B 235 18.29 -6.79 -11.74
C SER B 235 18.29 -5.36 -12.26
N SER B 236 19.49 -4.84 -12.54
CA SER B 236 19.62 -3.50 -13.06
C SER B 236 19.10 -3.41 -14.48
N MET B 237 19.48 -4.38 -15.31
CA MET B 237 19.09 -4.38 -16.72
C MET B 237 17.71 -5.01 -16.87
N ALA B 238 17.10 -5.36 -15.72
CA ALA B 238 15.71 -5.84 -15.68
C ALA B 238 14.75 -4.76 -15.19
N LEU B 239 15.19 -3.90 -14.27
CA LEU B 239 14.34 -2.81 -13.84
C LEU B 239 13.88 -2.01 -15.04
N PHE B 240 14.83 -1.60 -15.87
CA PHE B 240 14.49 -0.82 -17.05
C PHE B 240 13.68 -1.61 -18.11
N GLY B 241 13.98 -2.89 -18.28
CA GLY B 241 13.23 -3.70 -19.23
C GLY B 241 11.78 -3.96 -18.83
N ARG B 242 11.56 -4.11 -17.52
CA ARG B 242 10.22 -4.30 -16.98
C ARG B 242 9.43 -3.00 -17.05
N VAL B 243 10.02 -1.92 -16.56
CA VAL B 243 9.36 -0.62 -16.61
C VAL B 243 9.19 -0.12 -18.04
N GLY B 244 10.27 -0.09 -18.80
CA GLY B 244 10.24 0.38 -20.19
C GLY B 244 9.25 -0.44 -21.01
N GLY B 245 9.48 -1.75 -21.09
CA GLY B 245 8.61 -2.62 -21.85
C GLY B 245 7.20 -2.57 -21.31
N GLY B 246 7.06 -2.51 -20.00
CA GLY B 246 5.76 -2.39 -19.35
C GLY B 246 5.01 -1.12 -19.72
N ILE B 247 5.72 -0.06 -20.08
CA ILE B 247 5.06 1.18 -20.49
C ILE B 247 4.68 1.17 -21.98
N TYR B 248 5.55 0.61 -22.81
CA TYR B 248 5.28 0.44 -24.24
C TYR B 248 3.96 -0.31 -24.38
N THR B 249 3.96 -1.59 -23.98
CA THR B 249 2.70 -2.30 -23.81
C THR B 249 1.92 -1.52 -22.76
N LYS B 250 0.59 -1.56 -22.80
CA LYS B 250 -0.28 -0.89 -21.80
C LYS B 250 -0.73 0.50 -22.23
N ALA B 251 0.20 1.32 -22.71
CA ALA B 251 -0.21 2.51 -23.44
C ALA B 251 -0.99 2.02 -24.69
N ALA B 252 -0.36 1.12 -25.44
CA ALA B 252 -1.00 0.47 -26.57
C ALA B 252 -2.28 -0.23 -26.15
N ASP B 253 -2.18 -1.03 -25.08
CA ASP B 253 -3.28 -1.87 -24.63
C ASP B 253 -4.50 -1.04 -24.22
N VAL B 254 -4.27 -0.03 -23.40
CA VAL B 254 -5.37 0.79 -22.93
C VAL B 254 -6.00 1.57 -24.09
N GLY B 255 -5.17 2.10 -24.98
CA GLY B 255 -5.65 2.83 -26.13
C GLY B 255 -6.52 1.98 -27.02
N ALA B 256 -5.94 0.92 -27.58
CA ALA B 256 -6.65 0.00 -28.44
C ALA B 256 -7.99 -0.47 -27.85
N ASP B 257 -7.99 -0.89 -26.59
CA ASP B 257 -9.23 -1.43 -26.00
C ASP B 257 -10.33 -0.40 -25.70
N LEU B 258 -9.95 0.82 -25.35
CA LEU B 258 -10.93 1.81 -24.95
C LEU B 258 -11.66 2.37 -26.18
N VAL B 259 -10.89 2.64 -27.23
CA VAL B 259 -11.48 3.14 -28.46
C VAL B 259 -12.15 1.99 -29.21
N GLY B 260 -11.40 0.92 -29.42
CA GLY B 260 -11.92 -0.27 -30.08
C GLY B 260 -13.21 -0.76 -29.46
N LYS B 261 -13.11 -1.37 -28.29
CA LYS B 261 -14.25 -2.07 -27.68
C LYS B 261 -15.31 -1.18 -26.99
N VAL B 262 -14.86 -0.13 -26.31
CA VAL B 262 -15.78 0.68 -25.51
C VAL B 262 -16.40 1.76 -26.37
N GLU B 263 -15.59 2.43 -27.18
CA GLU B 263 -16.09 3.51 -28.02
C GLU B 263 -16.72 3.07 -29.37
N ARG B 264 -15.99 2.30 -30.17
CA ARG B 264 -16.39 1.99 -31.54
C ARG B 264 -16.99 0.60 -31.71
N ASN B 265 -17.13 -0.14 -30.61
CA ASN B 265 -17.84 -1.41 -30.63
C ASN B 265 -17.29 -2.48 -31.58
N ILE B 266 -16.02 -2.38 -31.94
CA ILE B 266 -15.42 -3.39 -32.81
C ILE B 266 -14.72 -4.41 -31.94
N PRO B 267 -14.52 -5.63 -32.47
CA PRO B 267 -13.84 -6.66 -31.68
C PRO B 267 -12.42 -6.27 -31.26
N GLU B 268 -12.00 -6.81 -30.13
CA GLU B 268 -10.65 -6.62 -29.63
C GLU B 268 -9.64 -7.12 -30.66
N ASP B 269 -8.56 -6.36 -30.83
CA ASP B 269 -7.50 -6.66 -31.81
C ASP B 269 -7.94 -6.56 -33.27
N ASP B 270 -8.96 -5.74 -33.53
CA ASP B 270 -9.42 -5.57 -34.88
C ASP B 270 -8.39 -4.74 -35.66
N PRO B 271 -7.91 -5.28 -36.80
CA PRO B 271 -6.92 -4.63 -37.69
C PRO B 271 -7.34 -3.22 -38.13
N ARG B 272 -8.59 -2.86 -37.87
CA ARG B 272 -8.98 -1.48 -38.08
C ARG B 272 -8.28 -0.59 -37.07
N ASN B 273 -8.22 -1.07 -35.83
CA ASN B 273 -7.62 -0.32 -34.73
C ASN B 273 -6.11 -0.11 -34.89
N PRO B 274 -5.71 1.16 -35.14
CA PRO B 274 -4.31 1.49 -35.38
C PRO B 274 -3.37 1.12 -34.23
N ALA B 275 -3.89 0.70 -33.08
CA ALA B 275 -3.03 0.38 -31.92
C ALA B 275 -2.80 -1.11 -31.69
N VAL B 276 -3.38 -1.95 -32.53
CA VAL B 276 -3.29 -3.41 -32.37
C VAL B 276 -1.87 -3.98 -32.59
N ILE B 277 -1.09 -3.36 -33.47
CA ILE B 277 0.24 -3.87 -33.78
C ILE B 277 1.17 -3.64 -32.58
N ALA B 278 1.15 -2.40 -32.09
CA ALA B 278 1.88 -2.04 -30.89
C ALA B 278 1.47 -2.94 -29.73
N ASP B 279 0.16 -3.12 -29.56
CA ASP B 279 -0.38 -3.93 -28.47
C ASP B 279 0.17 -5.36 -28.51
N ASN B 280 0.14 -5.98 -29.68
CA ASN B 280 0.65 -7.36 -29.80
C ASN B 280 2.17 -7.44 -29.71
N VAL B 281 2.85 -6.36 -30.13
CA VAL B 281 4.30 -6.21 -29.97
C VAL B 281 4.58 -6.08 -28.48
N GLY B 282 3.79 -5.24 -27.82
CA GLY B 282 3.87 -5.03 -26.39
C GLY B 282 3.84 -6.27 -25.51
N ASP B 283 3.07 -7.28 -25.89
CA ASP B 283 3.06 -8.52 -25.13
C ASP B 283 4.45 -9.15 -25.11
N ASN B 284 5.17 -8.97 -26.21
CA ASN B 284 6.47 -9.58 -26.37
C ASN B 284 7.54 -8.74 -25.71
N VAL B 285 7.37 -7.44 -25.84
CA VAL B 285 8.35 -6.48 -25.38
C VAL B 285 8.26 -6.27 -23.87
N GLY B 286 7.09 -6.50 -23.29
CA GLY B 286 6.88 -6.36 -21.86
C GLY B 286 6.76 -7.69 -21.15
N ASP B 287 5.60 -8.34 -21.32
CA ASP B 287 5.29 -9.58 -20.63
C ASP B 287 6.24 -10.74 -20.92
N ILE B 288 6.98 -10.65 -22.02
CA ILE B 288 7.97 -11.69 -22.34
C ILE B 288 9.38 -11.23 -21.98
N ALA B 289 9.85 -10.17 -22.63
CA ALA B 289 11.22 -9.70 -22.45
C ALA B 289 11.42 -9.21 -21.01
N GLY B 290 10.69 -8.16 -20.63
CA GLY B 290 10.75 -7.65 -19.27
C GLY B 290 10.67 -8.72 -18.20
N MET B 291 9.62 -9.53 -18.28
CA MET B 291 9.43 -10.58 -17.29
C MET B 291 10.60 -11.56 -17.30
N GLY B 292 11.16 -11.82 -18.48
CA GLY B 292 12.29 -12.71 -18.61
C GLY B 292 13.49 -12.19 -17.83
N SER B 293 13.72 -10.89 -17.92
CA SER B 293 14.82 -10.26 -17.21
C SER B 293 14.60 -10.17 -15.71
N ASP B 294 13.36 -9.85 -15.33
CA ASP B 294 12.90 -9.86 -13.94
C ASP B 294 13.35 -11.15 -13.27
N LEU B 295 12.98 -12.28 -13.86
CA LEU B 295 13.18 -13.55 -13.19
C LEU B 295 14.63 -13.97 -13.28
N PHE B 296 15.35 -13.43 -14.25
CA PHE B 296 16.79 -13.65 -14.30
C PHE B 296 17.40 -13.05 -13.04
N GLY B 297 17.04 -11.79 -12.77
CA GLY B 297 17.50 -11.10 -11.57
C GLY B 297 17.19 -11.94 -10.34
N SER B 298 15.95 -12.39 -10.25
CA SER B 298 15.55 -13.21 -9.11
C SER B 298 16.49 -14.40 -8.93
N TYR B 299 16.86 -15.06 -10.03
CA TYR B 299 17.70 -16.26 -9.93
C TYR B 299 19.15 -15.92 -9.54
N ALA B 300 19.71 -14.91 -10.21
CA ALA B 300 21.08 -14.47 -9.98
C ALA B 300 21.27 -14.01 -8.54
N GLU B 301 20.33 -13.22 -8.05
CA GLU B 301 20.41 -12.70 -6.69
C GLU B 301 20.34 -13.81 -5.64
N SER B 302 19.39 -14.73 -5.81
CA SER B 302 19.27 -15.86 -4.90
C SER B 302 20.53 -16.70 -4.84
N SER B 303 21.13 -16.97 -5.99
CA SER B 303 22.37 -17.71 -6.00
C SER B 303 23.46 -16.89 -5.30
N CYS B 304 23.67 -15.67 -5.79
CA CYS B 304 24.71 -14.82 -5.23
C CYS B 304 24.60 -14.64 -3.71
N ALA B 305 23.38 -14.44 -3.24
CA ALA B 305 23.13 -14.28 -1.81
C ALA B 305 23.53 -15.52 -1.05
N ALA B 306 23.20 -16.68 -1.61
CA ALA B 306 23.51 -17.93 -0.93
C ALA B 306 25.02 -18.09 -0.91
N LEU B 307 25.65 -17.71 -2.02
CA LEU B 307 27.08 -17.82 -2.19
C LEU B 307 27.86 -16.97 -1.18
N VAL B 308 27.47 -15.72 -0.99
CA VAL B 308 28.25 -14.88 -0.09
C VAL B 308 28.22 -15.30 1.36
N VAL B 309 27.07 -15.77 1.85
CA VAL B 309 27.04 -16.18 3.24
C VAL B 309 27.82 -17.47 3.36
N ALA B 310 27.70 -18.32 2.35
CA ALA B 310 28.42 -19.59 2.35
C ALA B 310 29.94 -19.35 2.26
N SER B 311 30.34 -18.30 1.56
CA SER B 311 31.76 -18.06 1.33
C SER B 311 32.50 -17.77 2.63
N ILE B 312 31.81 -17.19 3.61
CA ILE B 312 32.40 -16.98 4.94
C ILE B 312 31.80 -17.93 6.00
N SER B 313 31.15 -18.99 5.54
CA SER B 313 30.74 -20.05 6.44
C SER B 313 31.81 -21.15 6.38
N SER B 314 31.56 -22.30 6.98
CA SER B 314 32.59 -23.33 6.97
C SER B 314 32.89 -23.82 5.55
N PHE B 315 31.92 -23.70 4.65
CA PHE B 315 32.11 -24.07 3.26
C PHE B 315 33.20 -23.23 2.58
N GLY B 316 33.26 -21.94 2.89
CA GLY B 316 34.21 -21.04 2.26
C GLY B 316 35.55 -20.95 3.00
N LEU B 317 35.49 -21.10 4.32
CA LEU B 317 36.69 -21.05 5.13
C LEU B 317 37.56 -22.29 4.84
N ASN B 318 36.92 -23.45 4.86
CA ASN B 318 37.59 -24.73 4.63
C ASN B 318 37.73 -25.11 3.15
N HIS B 319 37.40 -24.17 2.27
CA HIS B 319 37.49 -24.37 0.82
C HIS B 319 36.89 -25.69 0.30
N GLU B 320 35.63 -25.95 0.65
CA GLU B 320 34.93 -27.14 0.20
C GLU B 320 34.02 -26.83 -0.99
N LEU B 321 34.49 -27.12 -2.20
CA LEU B 321 33.84 -26.59 -3.42
C LEU B 321 32.43 -27.11 -3.64
N THR B 322 32.24 -28.42 -3.58
CA THR B 322 30.91 -29.02 -3.78
C THR B 322 29.84 -28.34 -2.92
N ALA B 323 30.02 -28.39 -1.60
CA ALA B 323 29.11 -27.72 -0.69
C ALA B 323 29.00 -26.22 -0.98
N MET B 324 30.11 -25.60 -1.36
CA MET B 324 30.11 -24.17 -1.67
C MET B 324 29.14 -23.84 -2.82
N LEU B 325 28.98 -24.79 -3.74
CA LEU B 325 28.18 -24.55 -4.93
C LEU B 325 26.86 -25.30 -4.83
N TYR B 326 26.53 -25.70 -3.60
CA TYR B 326 25.23 -26.30 -3.28
C TYR B 326 24.07 -25.58 -4.00
N PRO B 327 23.97 -24.24 -3.87
CA PRO B 327 22.95 -23.55 -4.67
C PRO B 327 22.99 -23.87 -6.16
N LEU B 328 24.16 -23.87 -6.79
CA LEU B 328 24.22 -24.16 -8.22
C LEU B 328 23.88 -25.63 -8.50
N ILE B 329 24.13 -26.50 -7.51
CA ILE B 329 23.74 -27.91 -7.65
C ILE B 329 22.22 -28.10 -7.54
N VAL B 330 21.57 -27.30 -6.71
CA VAL B 330 20.13 -27.36 -6.59
C VAL B 330 19.50 -26.96 -7.92
N SER B 331 19.96 -25.83 -8.47
CA SER B 331 19.53 -25.35 -9.77
C SER B 331 19.75 -26.39 -10.85
N SER B 332 20.84 -27.16 -10.73
CA SER B 332 21.20 -28.12 -11.76
C SER B 332 20.22 -29.27 -11.83
N VAL B 333 19.89 -29.81 -10.67
CA VAL B 333 18.85 -30.85 -10.59
C VAL B 333 17.49 -30.24 -10.93
N GLY B 334 17.32 -28.97 -10.61
CA GLY B 334 16.13 -28.22 -10.98
C GLY B 334 15.81 -28.38 -12.45
N ILE B 335 16.80 -28.15 -13.32
CA ILE B 335 16.60 -28.27 -14.76
C ILE B 335 16.09 -29.66 -15.13
N LEU B 336 16.85 -30.67 -14.71
CA LEU B 336 16.53 -32.07 -14.97
C LEU B 336 15.11 -32.38 -14.57
N VAL B 337 14.77 -32.07 -13.32
CA VAL B 337 13.42 -32.27 -12.80
C VAL B 337 12.37 -31.60 -13.70
N CYS B 338 12.58 -30.33 -14.01
CA CYS B 338 11.67 -29.56 -14.86
C CYS B 338 11.56 -30.14 -16.27
N LEU B 339 12.67 -30.69 -16.76
CA LEU B 339 12.67 -31.39 -18.04
C LEU B 339 11.67 -32.55 -17.98
N LEU B 340 11.86 -33.45 -17.02
CA LEU B 340 10.94 -34.56 -16.79
C LEU B 340 9.48 -34.09 -16.70
N THR B 341 9.24 -33.10 -15.85
CA THR B 341 7.91 -32.57 -15.61
C THR B 341 7.27 -32.10 -16.92
N THR B 342 8.07 -31.43 -17.74
CA THR B 342 7.58 -30.92 -19.01
C THR B 342 7.01 -32.03 -19.91
N LEU B 343 7.65 -33.20 -19.88
CA LEU B 343 7.22 -34.34 -20.69
C LEU B 343 5.76 -34.70 -20.43
N PHE B 344 5.37 -34.61 -19.16
CA PHE B 344 3.99 -34.91 -18.74
C PHE B 344 2.95 -34.09 -19.50
N ALA B 345 3.31 -32.88 -19.91
CA ALA B 345 2.38 -32.02 -20.65
C ALA B 345 2.60 -32.13 -22.15
N THR B 346 3.82 -32.53 -22.54
CA THR B 346 4.20 -32.56 -23.94
C THR B 346 3.90 -33.92 -24.58
N ASP B 347 3.93 -34.98 -23.77
CA ASP B 347 3.78 -36.36 -24.25
C ASP B 347 2.77 -37.15 -23.39
N PHE B 348 3.11 -37.34 -22.12
CA PHE B 348 2.44 -38.30 -21.26
C PHE B 348 0.94 -38.08 -21.00
N PHE B 349 0.35 -37.01 -21.53
CA PHE B 349 -1.03 -36.65 -21.19
C PHE B 349 -1.56 -35.53 -22.09
N GLU B 350 -2.76 -35.73 -22.66
CA GLU B 350 -3.29 -34.78 -23.64
C GLU B 350 -4.58 -34.03 -23.25
N ILE B 351 -4.87 -32.98 -24.01
CA ILE B 351 -5.79 -31.93 -23.64
C ILE B 351 -6.86 -31.72 -24.71
N LYS B 352 -8.12 -31.91 -24.35
CA LYS B 352 -9.22 -31.76 -25.29
C LYS B 352 -10.10 -30.58 -24.88
N ALA B 353 -10.74 -30.71 -23.71
CA ALA B 353 -11.61 -29.65 -23.19
C ALA B 353 -10.79 -28.46 -22.73
N VAL B 354 -11.28 -27.26 -23.04
CA VAL B 354 -10.70 -26.03 -22.48
C VAL B 354 -10.72 -26.10 -20.94
N LYS B 355 -11.68 -26.85 -20.41
CA LYS B 355 -11.72 -27.20 -18.98
C LYS B 355 -10.37 -27.72 -18.47
N GLU B 356 -9.56 -28.26 -19.39
CA GLU B 356 -8.33 -28.97 -19.03
C GLU B 356 -7.04 -28.12 -18.97
N ILE B 357 -7.01 -27.04 -19.75
CA ILE B 357 -5.82 -26.19 -19.88
C ILE B 357 -5.25 -25.71 -18.56
N GLU B 358 -6.03 -24.90 -17.84
CA GLU B 358 -5.64 -24.47 -16.49
C GLU B 358 -5.14 -25.60 -15.58
N PRO B 359 -5.85 -26.76 -15.52
CA PRO B 359 -5.31 -27.92 -14.80
C PRO B 359 -3.98 -28.44 -15.34
N ALA B 360 -3.79 -28.41 -16.67
CA ALA B 360 -2.52 -28.84 -17.25
C ALA B 360 -1.40 -27.94 -16.78
N LEU B 361 -1.63 -26.63 -16.87
CA LEU B 361 -0.66 -25.65 -16.44
C LEU B 361 -0.35 -25.84 -14.96
N LYS B 362 -1.39 -26.01 -14.16
CA LYS B 362 -1.20 -26.15 -12.72
C LYS B 362 -0.58 -27.49 -12.35
N LYS B 363 -0.71 -28.48 -13.23
CA LYS B 363 -0.06 -29.77 -13.01
C LYS B 363 1.44 -29.59 -13.07
N GLN B 364 1.88 -28.71 -13.98
CA GLN B 364 3.29 -28.40 -14.14
C GLN B 364 3.91 -27.89 -12.85
N LEU B 365 3.16 -27.07 -12.11
CA LEU B 365 3.65 -26.59 -10.81
C LEU B 365 3.71 -27.73 -9.81
N VAL B 366 2.66 -28.52 -9.74
CA VAL B 366 2.57 -29.58 -8.73
C VAL B 366 3.61 -30.67 -8.93
N ILE B 367 3.74 -31.16 -10.16
CA ILE B 367 4.66 -32.24 -10.49
C ILE B 367 6.11 -31.83 -10.23
N SER B 368 6.51 -30.70 -10.79
CA SER B 368 7.86 -30.17 -10.58
C SER B 368 8.16 -29.97 -9.10
N THR B 369 7.17 -29.50 -8.33
CA THR B 369 7.38 -29.30 -6.90
C THR B 369 7.64 -30.61 -6.15
N VAL B 370 6.95 -31.67 -6.56
CA VAL B 370 7.10 -32.97 -5.90
C VAL B 370 8.45 -33.62 -6.24
N LEU B 371 8.73 -33.75 -7.53
CA LEU B 371 9.99 -34.30 -7.99
C LEU B 371 11.17 -33.54 -7.37
N MET B 372 11.15 -32.22 -7.51
CA MET B 372 12.21 -31.37 -6.96
C MET B 372 12.34 -31.46 -5.43
N THR B 373 11.26 -31.84 -4.73
CA THR B 373 11.40 -32.08 -3.28
C THR B 373 12.31 -33.27 -3.04
N ILE B 374 12.10 -34.33 -3.81
CA ILE B 374 12.99 -35.48 -3.79
C ILE B 374 14.38 -35.05 -4.26
N GLY B 375 14.39 -34.25 -5.33
CA GLY B 375 15.63 -33.76 -5.90
C GLY B 375 16.50 -33.07 -4.87
N VAL B 376 15.93 -32.11 -4.15
CA VAL B 376 16.69 -31.39 -3.14
C VAL B 376 17.12 -32.31 -2.00
N ALA B 377 16.33 -33.35 -1.75
CA ALA B 377 16.71 -34.33 -0.73
C ALA B 377 17.97 -35.08 -1.18
N VAL B 378 17.97 -35.48 -2.45
CA VAL B 378 19.13 -36.17 -3.02
C VAL B 378 20.35 -35.26 -2.89
N VAL B 379 20.28 -34.11 -3.54
CA VAL B 379 21.34 -33.10 -3.48
C VAL B 379 21.83 -32.80 -2.06
N SER B 380 20.91 -32.65 -1.12
CA SER B 380 21.28 -32.35 0.26
C SER B 380 22.00 -33.55 0.89
N PHE B 381 21.64 -34.75 0.48
CA PHE B 381 22.28 -35.94 1.01
C PHE B 381 23.68 -36.15 0.44
N VAL B 382 23.91 -35.75 -0.81
CA VAL B 382 25.19 -36.02 -1.45
C VAL B 382 26.16 -34.83 -1.49
N ALA B 383 25.63 -33.61 -1.39
CA ALA B 383 26.48 -32.45 -1.62
C ALA B 383 26.80 -31.63 -0.36
N LEU B 384 26.37 -32.12 0.80
CA LEU B 384 26.63 -31.43 2.07
C LEU B 384 27.18 -32.39 3.11
N PRO B 385 28.18 -31.93 3.89
CA PRO B 385 28.59 -32.64 5.09
C PRO B 385 27.44 -32.60 6.08
N THR B 386 27.19 -33.70 6.81
CA THR B 386 26.08 -33.75 7.75
C THR B 386 26.12 -32.64 8.81
N SER B 387 27.29 -32.11 9.09
CA SER B 387 27.37 -30.98 10.00
C SER B 387 28.31 -29.95 9.44
N PHE B 388 28.02 -28.68 9.71
CA PHE B 388 28.89 -27.58 9.28
C PHE B 388 28.51 -26.34 10.07
N THR B 389 29.08 -25.21 9.68
CA THR B 389 28.70 -23.96 10.34
C THR B 389 28.31 -22.89 9.34
N ILE B 390 27.32 -22.09 9.71
CA ILE B 390 26.90 -21.01 8.86
C ILE B 390 27.23 -19.69 9.53
N PHE B 391 27.80 -18.76 8.78
CA PHE B 391 28.07 -17.44 9.33
C PHE B 391 26.74 -16.87 9.86
N ASN B 392 26.80 -16.27 11.04
CA ASN B 392 25.60 -15.75 11.70
C ASN B 392 25.91 -14.48 12.47
N PHE B 393 26.05 -13.38 11.75
CA PHE B 393 26.28 -12.09 12.38
C PHE B 393 27.49 -12.08 13.30
N GLY B 394 28.58 -12.71 12.83
CA GLY B 394 29.89 -12.60 13.46
C GLY B 394 30.33 -13.88 14.16
N VAL B 395 29.51 -14.91 14.03
CA VAL B 395 29.64 -16.14 14.81
C VAL B 395 29.31 -17.35 13.93
N GLN B 396 30.04 -18.45 14.06
CA GLN B 396 29.70 -19.65 13.30
C GLN B 396 28.59 -20.47 13.97
N LYS B 397 27.47 -20.63 13.28
CA LYS B 397 26.32 -21.34 13.83
C LYS B 397 26.26 -22.78 13.33
N ASP B 398 26.17 -23.74 14.25
CA ASP B 398 26.10 -25.15 13.86
C ASP B 398 24.80 -25.44 13.12
N VAL B 399 24.93 -26.07 11.95
CA VAL B 399 23.78 -26.41 11.11
C VAL B 399 23.92 -27.84 10.55
N LYS B 400 22.81 -28.56 10.48
CA LYS B 400 22.80 -29.94 10.01
C LYS B 400 22.20 -29.99 8.60
N SER B 401 22.70 -30.89 7.75
CA SER B 401 22.27 -30.87 6.35
C SER B 401 20.76 -31.11 6.16
N TRP B 402 20.13 -31.76 7.12
CA TRP B 402 18.69 -31.99 7.01
C TRP B 402 17.93 -30.70 7.31
N GLN B 403 18.54 -29.81 8.08
CA GLN B 403 17.97 -28.50 8.32
C GLN B 403 18.05 -27.65 7.06
N LEU B 404 19.20 -27.70 6.38
CA LEU B 404 19.33 -27.06 5.09
C LEU B 404 18.32 -27.63 4.10
N PHE B 405 18.06 -28.93 4.19
CA PHE B 405 17.04 -29.51 3.33
C PHE B 405 15.70 -28.79 3.54
N LEU B 406 15.35 -28.63 4.80
CA LEU B 406 14.10 -27.97 5.17
C LEU B 406 14.03 -26.52 4.66
N CYS B 407 15.13 -25.77 4.81
CA CYS B 407 15.20 -24.39 4.32
C CYS B 407 14.84 -24.27 2.85
N VAL B 408 15.41 -25.10 2.00
CA VAL B 408 15.09 -24.92 0.59
C VAL B 408 13.71 -25.44 0.25
N ALA B 409 13.30 -26.52 0.93
CA ALA B 409 11.99 -27.13 0.70
C ALA B 409 10.86 -26.19 1.13
N VAL B 410 11.02 -25.52 2.26
CA VAL B 410 9.99 -24.59 2.73
C VAL B 410 9.75 -23.49 1.70
N GLY B 411 10.81 -22.99 1.08
CA GLY B 411 10.70 -21.98 0.05
C GLY B 411 10.09 -22.60 -1.19
N LEU B 412 10.45 -23.85 -1.44
CA LEU B 412 9.90 -24.60 -2.57
C LEU B 412 8.38 -24.77 -2.41
N TRP B 413 7.94 -25.06 -1.20
CA TRP B 413 6.53 -25.31 -0.97
C TRP B 413 5.74 -24.02 -0.81
N ALA B 414 6.34 -23.02 -0.18
CA ALA B 414 5.77 -21.68 -0.13
C ALA B 414 5.41 -21.20 -1.54
N GLY B 415 6.26 -21.56 -2.50
CA GLY B 415 6.04 -21.20 -3.89
C GLY B 415 4.76 -21.81 -4.39
N LEU B 416 4.56 -23.09 -4.09
CA LEU B 416 3.35 -23.78 -4.54
C LEU B 416 2.12 -23.18 -3.87
N ILE B 417 2.17 -22.98 -2.55
CA ILE B 417 1.06 -22.37 -1.84
C ILE B 417 0.68 -21.05 -2.51
N ILE B 418 1.68 -20.19 -2.73
CA ILE B 418 1.46 -18.89 -3.36
C ILE B 418 0.79 -19.05 -4.72
N GLY B 419 1.22 -20.04 -5.48
CA GLY B 419 0.65 -20.30 -6.79
C GLY B 419 -0.83 -20.63 -6.70
N PHE B 420 -1.17 -21.59 -5.82
CA PHE B 420 -2.55 -22.00 -5.60
C PHE B 420 -3.43 -20.81 -5.23
N VAL B 421 -3.05 -20.11 -4.16
CA VAL B 421 -3.81 -18.93 -3.72
C VAL B 421 -3.97 -17.89 -4.82
N THR B 422 -2.92 -17.66 -5.60
CA THR B 422 -3.00 -16.70 -6.70
C THR B 422 -4.03 -17.14 -7.75
N GLU B 423 -4.14 -18.45 -7.94
CA GLU B 423 -5.14 -19.00 -8.87
C GLU B 423 -6.56 -18.75 -8.35
N TYR B 424 -6.74 -18.97 -7.05
CA TYR B 424 -8.03 -18.77 -6.40
C TYR B 424 -8.55 -17.35 -6.60
N TYR B 425 -7.66 -16.38 -6.53
CA TYR B 425 -8.05 -14.98 -6.60
C TYR B 425 -8.00 -14.41 -8.00
N THR B 426 -7.47 -15.16 -8.96
CA THR B 426 -7.32 -14.60 -10.31
C THR B 426 -7.96 -15.40 -11.46
N SER B 427 -8.31 -16.65 -11.21
CA SER B 427 -8.96 -17.49 -12.24
C SER B 427 -10.49 -17.28 -12.24
N ASN B 428 -11.11 -17.20 -13.42
CA ASN B 428 -12.57 -17.08 -13.45
C ASN B 428 -13.31 -18.40 -13.30
N ALA B 429 -12.65 -19.38 -12.70
CA ALA B 429 -13.27 -20.66 -12.36
C ALA B 429 -13.63 -20.66 -10.88
N TYR B 430 -13.36 -19.57 -10.17
CA TYR B 430 -13.68 -19.48 -8.75
C TYR B 430 -14.49 -18.22 -8.43
N SER B 431 -15.03 -18.15 -7.22
CA SER B 431 -15.97 -17.09 -6.88
C SER B 431 -15.42 -15.64 -6.85
N PRO B 432 -14.21 -15.42 -6.27
CA PRO B 432 -13.74 -14.04 -6.14
C PRO B 432 -13.82 -13.28 -7.47
N VAL B 433 -13.32 -13.89 -8.53
CA VAL B 433 -13.31 -13.21 -9.83
C VAL B 433 -14.72 -13.19 -10.41
N GLN B 434 -15.48 -14.24 -10.13
CA GLN B 434 -16.84 -14.33 -10.65
C GLN B 434 -17.74 -13.27 -10.04
N ASP B 435 -17.59 -13.05 -8.73
CA ASP B 435 -18.27 -11.95 -8.07
C ASP B 435 -17.85 -10.60 -8.66
N VAL B 436 -16.55 -10.43 -8.91
CA VAL B 436 -16.07 -9.22 -9.55
C VAL B 436 -16.76 -9.00 -10.90
N ALA B 437 -16.80 -10.05 -11.73
CA ALA B 437 -17.52 -9.93 -13.01
C ALA B 437 -18.99 -9.60 -12.77
N ASP B 438 -19.58 -10.29 -11.79
CA ASP B 438 -20.97 -10.08 -11.44
C ASP B 438 -21.26 -8.63 -11.06
N SER B 439 -20.32 -8.03 -10.33
CA SER B 439 -20.45 -6.65 -9.89
C SER B 439 -20.50 -5.66 -11.06
N CYS B 440 -20.15 -6.11 -12.27
CA CYS B 440 -20.29 -5.26 -13.45
C CYS B 440 -21.75 -4.90 -13.75
N ARG B 441 -22.68 -5.71 -13.23
CA ARG B 441 -24.12 -5.47 -13.42
C ARG B 441 -24.49 -4.09 -12.90
N THR B 442 -23.79 -3.63 -11.86
CA THR B 442 -24.09 -2.31 -11.30
C THR B 442 -23.11 -1.22 -11.75
N GLY B 443 -22.37 -1.51 -12.82
CA GLY B 443 -21.50 -0.53 -13.45
C GLY B 443 -20.02 -0.64 -13.11
N ALA B 444 -19.20 0.10 -13.86
CA ALA B 444 -17.74 0.08 -13.73
C ALA B 444 -17.21 0.39 -12.33
N ALA B 445 -17.88 1.28 -11.61
CA ALA B 445 -17.46 1.65 -10.26
C ALA B 445 -17.46 0.46 -9.30
N THR B 446 -18.57 -0.28 -9.23
CA THR B 446 -18.65 -1.47 -8.38
C THR B 446 -17.65 -2.54 -8.82
N ASN B 447 -17.45 -2.67 -10.13
CA ASN B 447 -16.38 -3.51 -10.65
C ASN B 447 -15.00 -3.12 -10.05
N VAL B 448 -14.70 -1.83 -10.08
CA VAL B 448 -13.41 -1.36 -9.58
C VAL B 448 -13.31 -1.49 -8.06
N ILE B 449 -14.38 -1.13 -7.34
CA ILE B 449 -14.35 -1.28 -5.89
C ILE B 449 -14.12 -2.75 -5.50
N PHE B 450 -14.88 -3.65 -6.13
CA PHE B 450 -14.76 -5.08 -5.86
C PHE B 450 -13.37 -5.58 -6.22
N GLY B 451 -12.89 -5.22 -7.41
CA GLY B 451 -11.55 -5.61 -7.84
C GLY B 451 -10.44 -5.16 -6.89
N LEU B 452 -10.53 -3.89 -6.47
CA LEU B 452 -9.59 -3.37 -5.49
C LEU B 452 -9.62 -4.20 -4.21
N ALA B 453 -10.82 -4.48 -3.71
CA ALA B 453 -10.97 -5.23 -2.48
C ALA B 453 -10.36 -6.62 -2.59
N LEU B 454 -10.60 -7.26 -3.74
CA LEU B 454 -10.09 -8.60 -4.01
C LEU B 454 -8.56 -8.66 -3.82
N GLY B 455 -7.87 -7.69 -4.44
CA GLY B 455 -6.41 -7.63 -4.47
C GLY B 455 -5.83 -7.49 -3.07
N TYR B 456 -6.36 -6.53 -2.32
CA TYR B 456 -6.05 -6.36 -0.91
C TYR B 456 -6.21 -7.66 -0.18
N LYS B 457 -7.37 -8.27 -0.39
CA LYS B 457 -7.72 -9.53 0.24
C LYS B 457 -6.64 -10.54 -0.08
N SER B 458 -6.22 -10.56 -1.34
CA SER B 458 -5.41 -11.67 -1.83
C SER B 458 -4.05 -11.74 -1.18
N VAL B 459 -3.59 -10.65 -0.55
CA VAL B 459 -2.24 -10.65 0.03
C VAL B 459 -2.11 -11.49 1.28
N ILE B 460 -3.22 -11.83 1.92
CA ILE B 460 -3.11 -12.42 3.26
C ILE B 460 -2.33 -13.74 3.29
N ILE B 461 -2.86 -14.79 2.67
CA ILE B 461 -2.15 -16.08 2.68
C ILE B 461 -0.68 -16.04 2.16
N PRO B 462 -0.41 -15.30 1.06
CA PRO B 462 0.99 -15.29 0.59
C PRO B 462 1.94 -14.70 1.63
N ILE B 463 1.52 -13.62 2.29
CA ILE B 463 2.36 -13.03 3.33
C ILE B 463 2.63 -14.07 4.42
N PHE B 464 1.58 -14.80 4.80
CA PHE B 464 1.73 -15.83 5.82
C PHE B 464 2.72 -16.90 5.39
N ALA B 465 2.62 -17.32 4.12
CA ALA B 465 3.56 -18.29 3.55
C ALA B 465 4.98 -17.77 3.68
N ILE B 466 5.18 -16.56 3.17
CA ILE B 466 6.45 -15.86 3.30
C ILE B 466 6.92 -15.77 4.76
N ALA B 467 6.05 -15.31 5.66
CA ALA B 467 6.42 -15.27 7.10
C ALA B 467 6.88 -16.64 7.64
N ILE B 468 6.11 -17.71 7.35
CA ILE B 468 6.50 -19.04 7.78
C ILE B 468 7.85 -19.45 7.18
N SER B 469 8.07 -19.20 5.89
CA SER B 469 9.33 -19.52 5.24
C SER B 469 10.47 -18.82 5.93
N ILE B 470 10.25 -17.56 6.27
CA ILE B 470 11.27 -16.81 6.95
C ILE B 470 11.55 -17.42 8.32
N PHE B 471 10.52 -17.67 9.11
CA PHE B 471 10.78 -18.16 10.47
C PHE B 471 11.56 -19.47 10.42
N VAL B 472 11.12 -20.39 9.59
CA VAL B 472 11.77 -21.69 9.50
C VAL B 472 13.20 -21.58 9.00
N SER B 473 13.41 -20.82 7.92
CA SER B 473 14.72 -20.80 7.29
C SER B 473 15.73 -20.02 8.12
N PHE B 474 15.28 -18.91 8.69
CA PHE B 474 16.09 -17.99 9.51
C PHE B 474 16.63 -18.73 10.73
N THR B 475 15.75 -19.45 11.41
CA THR B 475 16.15 -20.19 12.61
C THR B 475 17.24 -21.23 12.30
N PHE B 476 16.96 -22.14 11.38
CA PHE B 476 17.91 -23.19 10.98
C PHE B 476 19.29 -22.70 10.53
N ALA B 477 19.34 -21.69 9.65
CA ALA B 477 20.58 -21.37 8.94
C ALA B 477 20.79 -19.89 8.65
N ALA B 478 20.10 -19.05 9.41
CA ALA B 478 20.30 -17.61 9.34
C ALA B 478 20.13 -17.10 7.90
N MET B 479 20.86 -16.05 7.54
CA MET B 479 20.81 -15.51 6.17
C MET B 479 21.09 -16.56 5.09
N TYR B 480 21.82 -17.62 5.40
CA TYR B 480 22.07 -18.63 4.37
C TYR B 480 20.80 -19.43 4.07
N GLY B 481 20.11 -19.83 5.13
CA GLY B 481 18.88 -20.58 4.98
C GLY B 481 17.86 -19.78 4.20
N ILE B 482 17.63 -18.53 4.61
CA ILE B 482 16.69 -17.67 3.93
C ILE B 482 17.01 -17.56 2.44
N ALA B 483 18.29 -17.40 2.12
CA ALA B 483 18.73 -17.21 0.73
C ALA B 483 18.53 -18.51 -0.03
N VAL B 484 18.75 -19.60 0.68
CA VAL B 484 18.59 -20.91 0.09
C VAL B 484 17.07 -21.22 -0.01
N ALA B 485 16.27 -20.55 0.81
CA ALA B 485 14.81 -20.70 0.71
C ALA B 485 14.32 -19.96 -0.53
N ALA B 486 14.98 -18.86 -0.88
CA ALA B 486 14.64 -18.13 -2.09
C ALA B 486 14.95 -18.99 -3.30
N LEU B 487 16.05 -19.71 -3.23
CA LEU B 487 16.47 -20.52 -4.36
C LEU B 487 15.55 -21.70 -4.44
N GLY B 488 15.13 -22.18 -3.27
CA GLY B 488 14.15 -23.25 -3.21
C GLY B 488 12.86 -22.89 -3.93
N MET B 489 12.40 -21.65 -3.72
CA MET B 489 11.21 -21.16 -4.39
C MET B 489 11.46 -21.01 -5.89
N LEU B 490 12.73 -20.88 -6.26
CA LEU B 490 13.07 -20.63 -7.67
C LEU B 490 13.71 -21.87 -8.29
N SER B 491 13.71 -22.98 -7.57
CA SER B 491 14.43 -24.17 -8.00
C SER B 491 13.84 -24.77 -9.26
N THR B 492 12.59 -24.42 -9.54
CA THR B 492 11.82 -24.99 -10.64
C THR B 492 11.51 -23.92 -11.66
N ILE B 493 12.32 -22.86 -11.64
CA ILE B 493 12.16 -21.71 -12.51
C ILE B 493 11.97 -22.04 -14.01
N ALA B 494 12.53 -23.17 -14.47
CA ALA B 494 12.42 -23.54 -15.88
C ALA B 494 10.96 -23.81 -16.26
N THR B 495 10.24 -24.49 -15.35
CA THR B 495 8.82 -24.73 -15.53
C THR B 495 8.05 -23.42 -15.33
N GLY B 496 8.37 -22.72 -14.24
CA GLY B 496 7.74 -21.45 -13.93
C GLY B 496 7.70 -20.52 -15.12
N LEU B 497 8.84 -20.41 -15.80
CA LEU B 497 8.93 -19.55 -16.97
C LEU B 497 8.15 -20.11 -18.14
N ALA B 498 8.14 -21.43 -18.27
CA ALA B 498 7.42 -22.09 -19.34
C ALA B 498 5.93 -21.76 -19.29
N ILE B 499 5.30 -22.04 -18.14
CA ILE B 499 3.87 -21.77 -18.01
C ILE B 499 3.57 -20.28 -18.22
N ASP B 500 4.46 -19.41 -17.73
CA ASP B 500 4.24 -17.97 -17.83
C ASP B 500 4.40 -17.45 -19.26
N ALA B 501 5.51 -17.78 -19.92
CA ALA B 501 5.77 -17.31 -21.28
C ALA B 501 4.69 -17.80 -22.24
N TYR B 502 4.15 -18.97 -21.95
CA TYR B 502 3.08 -19.58 -22.70
C TYR B 502 1.93 -18.58 -22.92
N GLY B 503 1.63 -17.81 -21.88
CA GLY B 503 0.55 -16.85 -21.91
C GLY B 503 0.63 -15.82 -23.03
N PRO B 504 1.62 -14.92 -22.99
CA PRO B 504 1.82 -13.93 -24.05
C PRO B 504 1.90 -14.54 -25.44
N ILE B 505 2.44 -15.75 -25.55
CA ILE B 505 2.46 -16.45 -26.83
C ILE B 505 1.03 -16.72 -27.32
N SER B 506 0.21 -17.25 -26.41
CA SER B 506 -1.22 -17.41 -26.62
C SER B 506 -1.94 -16.11 -26.87
N ASP B 507 -1.59 -15.06 -26.12
CA ASP B 507 -2.21 -13.74 -26.29
C ASP B 507 -1.99 -13.21 -27.71
N ASN B 508 -0.74 -13.26 -28.17
CA ASN B 508 -0.42 -12.89 -29.55
C ASN B 508 -1.21 -13.76 -30.55
N ALA B 509 -1.27 -15.06 -30.29
CA ALA B 509 -1.91 -16.04 -31.16
C ALA B 509 -3.39 -15.73 -31.44
N GLY B 510 -4.05 -15.10 -30.47
CA GLY B 510 -5.43 -14.68 -30.64
C GLY B 510 -5.48 -13.36 -31.38
N GLY B 511 -4.55 -12.47 -31.08
CA GLY B 511 -4.51 -11.19 -31.77
C GLY B 511 -4.25 -11.37 -33.25
N ILE B 512 -3.44 -12.36 -33.61
CA ILE B 512 -3.10 -12.62 -34.99
C ILE B 512 -4.28 -13.23 -35.72
N ALA B 513 -4.95 -14.19 -35.08
CA ALA B 513 -6.19 -14.77 -35.60
C ALA B 513 -7.20 -13.68 -36.00
N GLU B 514 -7.53 -12.78 -35.08
CA GLU B 514 -8.45 -11.69 -35.38
C GLU B 514 -7.95 -10.86 -36.56
N MET B 515 -6.69 -10.49 -36.50
CA MET B 515 -6.09 -9.64 -37.51
C MET B 515 -6.01 -10.31 -38.89
N ALA B 516 -5.98 -11.65 -38.87
CA ALA B 516 -5.98 -12.44 -40.09
C ALA B 516 -7.42 -12.73 -40.51
N GLY B 517 -8.35 -12.40 -39.63
CA GLY B 517 -9.76 -12.61 -39.91
C GLY B 517 -10.10 -14.07 -40.09
N MET B 518 -9.54 -14.93 -39.25
CA MET B 518 -9.93 -16.35 -39.26
C MET B 518 -11.32 -16.49 -38.63
N SER B 519 -11.79 -17.72 -38.41
CA SER B 519 -13.15 -17.91 -37.88
C SER B 519 -13.33 -17.61 -36.39
N HIS B 520 -14.57 -17.42 -35.97
CA HIS B 520 -14.92 -17.19 -34.56
C HIS B 520 -14.38 -18.30 -33.67
N ARG B 521 -14.36 -19.51 -34.22
CA ARG B 521 -14.00 -20.70 -33.48
C ARG B 521 -12.50 -20.69 -33.20
N ILE B 522 -11.75 -20.04 -34.07
CA ILE B 522 -10.32 -19.89 -33.86
C ILE B 522 -10.06 -18.99 -32.66
N ARG B 523 -10.61 -17.77 -32.70
CA ARG B 523 -10.47 -16.81 -31.60
C ARG B 523 -10.97 -17.38 -30.26
N GLU B 524 -12.05 -18.13 -30.31
CA GLU B 524 -12.68 -18.65 -29.11
C GLU B 524 -11.77 -19.66 -28.41
N ARG B 525 -10.95 -20.34 -29.20
CA ARG B 525 -9.97 -21.29 -28.68
C ARG B 525 -8.78 -20.57 -28.03
N THR B 526 -8.24 -19.58 -28.74
CA THR B 526 -7.11 -18.82 -28.23
C THR B 526 -7.51 -18.03 -26.99
N ASP B 527 -8.75 -17.55 -26.97
CA ASP B 527 -9.28 -16.83 -25.81
C ASP B 527 -9.20 -17.70 -24.55
N ALA B 528 -9.40 -19.00 -24.72
CA ALA B 528 -9.33 -19.93 -23.59
C ALA B 528 -7.88 -20.13 -23.16
N LEU B 529 -6.99 -20.27 -24.15
CA LEU B 529 -5.55 -20.34 -23.90
C LEU B 529 -5.07 -19.07 -23.21
N ASP B 530 -5.51 -17.92 -23.73
CA ASP B 530 -5.14 -16.61 -23.18
C ASP B 530 -5.61 -16.46 -21.74
N ALA B 531 -6.82 -16.92 -21.45
CA ALA B 531 -7.39 -16.82 -20.11
C ALA B 531 -6.55 -17.61 -19.12
N ALA B 532 -6.17 -18.83 -19.52
CA ALA B 532 -5.24 -19.62 -18.73
C ALA B 532 -3.93 -18.85 -18.49
N GLY B 533 -3.47 -18.14 -19.52
CA GLY B 533 -2.25 -17.34 -19.44
C GLY B 533 -2.35 -16.20 -18.43
N ASN B 534 -3.54 -15.61 -18.32
CA ASN B 534 -3.74 -14.55 -17.33
C ASN B 534 -3.47 -15.02 -15.90
N THR B 535 -4.08 -16.13 -15.52
CA THR B 535 -3.89 -16.69 -14.19
C THR B 535 -2.42 -17.11 -14.00
N THR B 536 -1.86 -17.61 -15.09
CA THR B 536 -0.50 -18.11 -15.10
C THR B 536 0.52 -16.99 -14.91
N ALA B 537 0.16 -15.78 -15.37
CA ALA B 537 1.07 -14.64 -15.29
C ALA B 537 0.99 -14.02 -13.90
N ALA B 538 -0.18 -14.14 -13.28
CA ALA B 538 -0.35 -13.73 -11.89
C ALA B 538 0.51 -14.62 -11.00
N ILE B 539 0.43 -15.93 -11.22
CA ILE B 539 1.25 -16.88 -10.47
C ILE B 539 2.74 -16.57 -10.58
N GLY B 540 3.21 -16.29 -11.80
CA GLY B 540 4.61 -15.92 -12.00
C GLY B 540 4.97 -14.71 -11.18
N LYS B 541 4.00 -13.81 -11.04
CA LYS B 541 4.17 -12.58 -10.26
C LYS B 541 4.29 -12.92 -8.78
N GLY B 542 3.45 -13.85 -8.31
CA GLY B 542 3.56 -14.36 -6.94
C GLY B 542 4.93 -14.94 -6.63
N PHE B 543 5.42 -15.80 -7.52
CA PHE B 543 6.75 -16.38 -7.33
C PHE B 543 7.81 -15.29 -7.30
N ALA B 544 7.67 -14.31 -8.20
CA ALA B 544 8.63 -13.23 -8.26
C ALA B 544 8.62 -12.44 -6.95
N ILE B 545 7.42 -12.09 -6.51
CA ILE B 545 7.28 -11.32 -5.29
C ILE B 545 7.66 -12.16 -4.09
N GLY B 546 7.16 -13.39 -4.03
CA GLY B 546 7.53 -14.31 -2.96
C GLY B 546 9.03 -14.50 -2.81
N SER B 547 9.69 -14.88 -3.91
CA SER B 547 11.12 -15.08 -3.85
C SER B 547 11.86 -13.77 -3.53
N ALA B 548 11.34 -12.63 -3.99
CA ALA B 548 12.05 -11.36 -3.77
C ALA B 548 12.05 -10.94 -2.30
N ALA B 549 10.92 -11.13 -1.63
CA ALA B 549 10.85 -10.90 -0.19
C ALA B 549 11.93 -11.73 0.52
N LEU B 550 12.07 -12.99 0.11
CA LEU B 550 13.04 -13.89 0.68
C LEU B 550 14.49 -13.44 0.43
N VAL B 551 14.83 -13.23 -0.85
CA VAL B 551 16.21 -12.90 -1.20
C VAL B 551 16.62 -11.52 -0.62
N SER B 552 15.70 -10.56 -0.67
CA SER B 552 15.98 -9.22 -0.16
C SER B 552 16.35 -9.24 1.33
N LEU B 553 15.68 -10.09 2.10
CA LEU B 553 15.94 -10.14 3.54
C LEU B 553 17.34 -10.69 3.80
N ALA B 554 17.70 -11.75 3.07
CA ALA B 554 19.03 -12.33 3.18
C ALA B 554 20.07 -11.28 2.79
N LEU B 555 19.85 -10.60 1.67
CA LEU B 555 20.80 -9.59 1.22
C LEU B 555 20.89 -8.47 2.25
N PHE B 556 19.73 -8.08 2.77
CA PHE B 556 19.65 -7.10 3.85
C PHE B 556 20.52 -7.57 5.02
N GLY B 557 20.34 -8.82 5.41
CA GLY B 557 21.14 -9.41 6.46
C GLY B 557 22.60 -9.29 6.10
N ALA B 558 23.00 -9.88 4.97
CA ALA B 558 24.37 -9.78 4.49
C ALA B 558 24.87 -8.34 4.52
N PHE B 559 24.05 -7.42 4.02
CA PHE B 559 24.39 -6.01 4.02
C PHE B 559 24.79 -5.54 5.42
N VAL B 560 24.14 -6.10 6.43
CA VAL B 560 24.31 -5.63 7.80
C VAL B 560 25.67 -6.01 8.38
N SER B 561 26.08 -7.26 8.18
CA SER B 561 27.43 -7.68 8.57
C SER B 561 28.47 -6.93 7.75
N ARG B 562 28.22 -6.84 6.44
CA ARG B 562 29.19 -6.21 5.56
C ARG B 562 29.40 -4.74 5.90
N ALA B 563 28.36 -4.10 6.44
CA ALA B 563 28.49 -2.69 6.84
C ALA B 563 28.94 -2.52 8.29
N SER B 564 29.29 -3.64 8.93
CA SER B 564 29.76 -3.60 10.32
C SER B 564 28.74 -2.97 11.27
N ILE B 565 27.48 -3.22 11.04
CA ILE B 565 26.46 -2.78 11.98
C ILE B 565 26.33 -3.85 13.07
N THR B 566 26.42 -3.41 14.33
CA THR B 566 26.19 -4.30 15.46
C THR B 566 24.73 -4.76 15.51
N THR B 567 23.82 -3.79 15.64
CA THR B 567 22.39 -4.12 15.71
C THR B 567 21.55 -3.19 14.84
N VAL B 568 20.55 -3.73 14.17
CA VAL B 568 19.57 -2.87 13.52
C VAL B 568 18.43 -2.66 14.50
N ASP B 569 18.55 -1.61 15.32
CA ASP B 569 17.56 -1.33 16.35
C ASP B 569 16.46 -0.40 15.81
N VAL B 570 15.23 -0.89 15.78
CA VAL B 570 14.10 -0.17 15.20
C VAL B 570 13.88 1.13 15.96
N LEU B 571 14.08 1.10 17.26
CA LEU B 571 13.83 2.27 18.09
C LEU B 571 15.05 3.19 18.21
N THR B 572 15.72 3.40 17.08
CA THR B 572 16.74 4.43 16.97
C THR B 572 16.26 5.37 15.87
N PRO B 573 16.52 6.67 16.05
CA PRO B 573 16.16 7.69 15.06
C PRO B 573 16.65 7.35 13.65
N LYS B 574 17.89 6.90 13.51
CA LYS B 574 18.45 6.62 12.18
C LYS B 574 17.71 5.48 11.49
N VAL B 575 17.42 4.41 12.22
CA VAL B 575 16.73 3.29 11.61
C VAL B 575 15.27 3.64 11.30
N PHE B 576 14.61 4.28 12.27
CA PHE B 576 13.20 4.48 12.08
C PHE B 576 12.86 5.39 10.92
N ILE B 577 13.62 6.45 10.73
CA ILE B 577 13.32 7.32 9.62
C ILE B 577 13.59 6.55 8.31
N GLY B 578 14.58 5.65 8.35
CA GLY B 578 14.86 4.80 7.21
C GLY B 578 13.64 3.94 6.90
N LEU B 579 13.04 3.41 7.95
CA LEU B 579 11.97 2.47 7.83
C LEU B 579 10.73 3.10 7.19
N ILE B 580 10.31 4.25 7.70
CA ILE B 580 9.08 4.85 7.24
C ILE B 580 9.27 5.41 5.81
N VAL B 581 10.44 5.99 5.55
CA VAL B 581 10.75 6.52 4.23
C VAL B 581 10.87 5.39 3.22
N GLY B 582 11.56 4.32 3.63
CA GLY B 582 11.74 3.18 2.77
C GLY B 582 10.39 2.63 2.37
N ALA B 583 9.45 2.72 3.32
CA ALA B 583 8.13 2.14 3.16
C ALA B 583 7.30 3.00 2.21
N MET B 584 7.67 4.28 2.11
CA MET B 584 7.01 5.17 1.19
C MET B 584 7.44 4.94 -0.28
N LEU B 585 8.70 4.54 -0.47
CA LEU B 585 9.29 4.38 -1.82
C LEU B 585 8.46 3.62 -2.88
N PRO B 586 7.84 2.48 -2.50
CA PRO B 586 7.01 1.71 -3.44
C PRO B 586 5.82 2.52 -4.01
N TYR B 587 5.30 3.41 -3.17
CA TYR B 587 4.19 4.27 -3.54
C TYR B 587 4.63 5.38 -4.48
N TRP B 588 5.76 6.00 -4.15
CA TRP B 588 6.35 7.04 -4.99
C TRP B 588 6.61 6.45 -6.36
N PHE B 589 7.15 5.23 -6.37
CA PHE B 589 7.48 4.51 -7.60
C PHE B 589 6.23 4.15 -8.38
N SER B 590 5.15 3.80 -7.67
CA SER B 590 3.88 3.46 -8.32
C SER B 590 3.23 4.71 -8.88
N ALA B 591 3.44 5.84 -8.22
CA ALA B 591 2.89 7.10 -8.69
C ALA B 591 3.44 7.43 -10.07
N MET B 592 4.75 7.25 -10.20
CA MET B 592 5.42 7.56 -11.46
C MET B 592 4.92 6.65 -12.58
N THR B 593 4.94 5.35 -12.35
CA THR B 593 4.66 4.39 -13.41
C THR B 593 3.18 4.40 -13.83
N MET B 594 2.28 4.52 -12.85
CA MET B 594 0.86 4.66 -13.16
C MET B 594 0.61 5.93 -13.99
N LYS B 595 1.06 7.08 -13.48
CA LYS B 595 0.86 8.34 -14.17
C LYS B 595 1.46 8.26 -15.58
N SER B 596 2.56 7.51 -15.70
CA SER B 596 3.19 7.38 -17.01
C SER B 596 2.30 6.70 -18.05
N VAL B 597 1.62 5.65 -17.63
CA VAL B 597 0.74 4.87 -18.49
C VAL B 597 -0.51 5.69 -18.72
N GLY B 598 -1.01 6.32 -17.67
CA GLY B 598 -2.16 7.19 -17.77
C GLY B 598 -1.95 8.21 -18.87
N SER B 599 -0.83 8.92 -18.83
CA SER B 599 -0.52 9.94 -19.82
C SER B 599 -0.36 9.34 -21.21
N ALA B 600 0.44 8.29 -21.33
CA ALA B 600 0.62 7.67 -22.64
C ALA B 600 -0.70 7.10 -23.18
N ALA B 601 -1.48 6.47 -22.29
CA ALA B 601 -2.80 5.97 -22.68
C ALA B 601 -3.72 7.10 -23.18
N LEU B 602 -3.70 8.24 -22.50
CA LEU B 602 -4.49 9.39 -22.94
C LEU B 602 -4.10 9.77 -24.38
N LYS B 603 -2.80 9.84 -24.66
CA LYS B 603 -2.33 10.15 -26.02
C LYS B 603 -2.77 9.11 -27.06
N MET B 604 -2.61 7.84 -26.72
CA MET B 604 -2.96 6.72 -27.61
C MET B 604 -4.45 6.75 -28.01
N VAL B 605 -5.32 7.09 -27.07
CA VAL B 605 -6.74 7.18 -27.35
C VAL B 605 -7.01 8.35 -28.30
N GLU B 606 -6.45 9.50 -27.97
CA GLU B 606 -6.57 10.69 -28.82
C GLU B 606 -6.10 10.38 -30.25
N GLU B 607 -5.15 9.46 -30.36
CA GLU B 607 -4.60 9.06 -31.65
C GLU B 607 -5.52 8.07 -32.41
N VAL B 608 -5.93 7.00 -31.73
CA VAL B 608 -6.82 6.00 -32.33
C VAL B 608 -8.16 6.64 -32.73
N ARG B 609 -8.59 7.65 -31.98
CA ARG B 609 -9.82 8.38 -32.29
C ARG B 609 -9.62 9.21 -33.54
N ARG B 610 -8.44 9.83 -33.63
CA ARG B 610 -8.09 10.71 -34.75
C ARG B 610 -8.16 9.96 -36.07
N GLN B 611 -7.52 8.79 -36.10
CA GLN B 611 -7.58 7.92 -37.28
C GLN B 611 -9.01 7.48 -37.62
N PHE B 612 -9.79 7.15 -36.59
CA PHE B 612 -11.18 6.74 -36.79
C PHE B 612 -12.09 7.86 -37.33
N ASN B 613 -11.72 9.11 -37.05
CA ASN B 613 -12.56 10.24 -37.40
C ASN B 613 -12.13 10.95 -38.67
N THR B 614 -10.90 10.71 -39.09
CA THR B 614 -10.36 11.40 -40.27
C THR B 614 -10.16 10.50 -41.49
N ILE B 615 -9.33 9.47 -41.36
CA ILE B 615 -9.09 8.50 -42.44
C ILE B 615 -10.41 7.87 -42.91
N PRO B 616 -10.82 8.20 -44.16
CA PRO B 616 -12.11 7.83 -44.77
C PRO B 616 -12.25 6.33 -44.94
N GLY B 617 -13.42 5.80 -44.60
CA GLY B 617 -13.67 4.36 -44.68
C GLY B 617 -12.71 3.48 -43.92
N LEU B 618 -12.17 3.98 -42.81
CA LEU B 618 -11.31 3.16 -41.94
C LEU B 618 -12.17 2.21 -41.11
N MET B 619 -13.19 2.77 -40.44
CA MET B 619 -14.13 1.96 -39.67
C MET B 619 -14.80 0.89 -40.52
N GLU B 620 -14.86 1.16 -41.82
CA GLU B 620 -15.38 0.21 -42.81
C GLU B 620 -14.43 -0.97 -42.95
N GLY B 621 -13.31 -0.73 -43.60
CA GLY B 621 -12.34 -1.78 -43.85
C GLY B 621 -11.80 -1.64 -45.26
N THR B 622 -12.02 -0.46 -45.83
CA THR B 622 -11.59 -0.16 -47.18
C THR B 622 -10.29 0.62 -47.11
N ALA B 623 -9.74 0.75 -45.92
CA ALA B 623 -8.51 1.52 -45.71
C ALA B 623 -7.62 0.94 -44.61
N LYS B 624 -6.30 1.10 -44.76
CA LYS B 624 -5.32 0.59 -43.79
C LYS B 624 -4.87 1.66 -42.81
N PRO B 625 -5.07 1.41 -41.50
CA PRO B 625 -4.69 2.38 -40.46
C PRO B 625 -3.18 2.59 -40.41
N ASP B 626 -2.76 3.73 -39.88
CA ASP B 626 -1.34 4.00 -39.67
C ASP B 626 -0.88 3.43 -38.32
N TYR B 627 -0.37 2.20 -38.34
CA TYR B 627 0.14 1.55 -37.13
C TYR B 627 1.36 2.27 -36.52
N ALA B 628 2.30 2.66 -37.38
CA ALA B 628 3.58 3.21 -36.94
C ALA B 628 3.45 4.41 -35.99
N THR B 629 2.41 5.20 -36.19
CA THR B 629 2.12 6.31 -35.29
C THR B 629 1.90 5.82 -33.85
N CYS B 630 1.04 4.80 -33.69
CA CYS B 630 0.76 4.21 -32.39
C CYS B 630 1.99 3.54 -31.77
N VAL B 631 2.81 2.89 -32.59
CA VAL B 631 4.05 2.30 -32.09
C VAL B 631 4.96 3.42 -31.59
N LYS B 632 4.95 4.55 -32.28
CA LYS B 632 5.80 5.70 -31.93
C LYS B 632 5.41 6.33 -30.59
N ILE B 633 4.09 6.47 -30.36
CA ILE B 633 3.58 7.08 -29.13
C ILE B 633 4.02 6.27 -27.91
N SER B 634 4.05 4.95 -28.09
CA SER B 634 4.44 4.07 -27.01
C SER B 634 5.97 3.94 -26.95
N THR B 635 6.63 3.91 -28.11
CA THR B 635 8.10 3.95 -28.15
C THR B 635 8.62 5.22 -27.47
N ASP B 636 8.06 6.36 -27.85
CA ASP B 636 8.50 7.63 -27.25
C ASP B 636 8.26 7.69 -25.74
N ALA B 637 7.12 7.19 -25.29
CA ALA B 637 6.77 7.27 -23.87
C ALA B 637 7.66 6.40 -22.99
N SER B 638 7.79 5.14 -23.36
CA SER B 638 8.56 4.17 -22.59
C SER B 638 10.04 4.54 -22.43
N ILE B 639 10.70 4.93 -23.52
CA ILE B 639 12.11 5.30 -23.46
C ILE B 639 12.33 6.49 -22.53
N LYS B 640 11.51 7.53 -22.70
CA LYS B 640 11.58 8.72 -21.84
C LYS B 640 11.22 8.41 -20.38
N GLU B 641 10.09 7.75 -20.18
CA GLU B 641 9.45 7.72 -18.86
C GLU B 641 9.96 6.63 -17.92
N MET B 642 10.85 5.76 -18.42
CA MET B 642 11.44 4.69 -17.63
C MET B 642 12.64 5.19 -16.82
N ILE B 643 13.11 6.39 -17.14
CA ILE B 643 14.31 6.92 -16.51
C ILE B 643 14.11 7.33 -15.04
N PRO B 644 13.14 8.21 -14.73
CA PRO B 644 12.99 8.58 -13.32
C PRO B 644 12.81 7.40 -12.34
N PRO B 645 11.88 6.45 -12.62
CA PRO B 645 11.71 5.38 -11.64
C PRO B 645 12.96 4.51 -11.53
N GLY B 646 13.68 4.35 -12.64
CA GLY B 646 14.96 3.63 -12.61
C GLY B 646 15.93 4.38 -11.74
N ALA B 647 16.06 5.67 -11.98
CA ALA B 647 16.89 6.56 -11.17
C ALA B 647 16.48 6.48 -9.71
N LEU B 648 15.18 6.57 -9.41
CA LEU B 648 14.73 6.48 -8.02
C LEU B 648 15.30 5.25 -7.30
N VAL B 649 15.12 4.07 -7.89
CA VAL B 649 15.58 2.83 -7.30
C VAL B 649 17.11 2.78 -7.27
N MET B 650 17.74 3.24 -8.34
CA MET B 650 19.19 3.13 -8.43
C MET B 650 19.85 4.11 -7.47
N LEU B 651 19.32 5.34 -7.42
CA LEU B 651 19.94 6.41 -6.64
C LEU B 651 19.70 6.30 -5.14
N THR B 652 18.55 5.77 -4.73
CA THR B 652 18.20 5.68 -3.30
C THR B 652 19.28 5.06 -2.39
N PRO B 653 19.80 3.86 -2.76
CA PRO B 653 20.83 3.36 -1.85
C PRO B 653 22.02 4.30 -1.79
N LEU B 654 22.47 4.77 -2.95
CA LEU B 654 23.62 5.66 -3.03
C LEU B 654 23.40 6.93 -2.20
N VAL B 655 22.30 7.62 -2.48
CA VAL B 655 21.91 8.80 -1.70
C VAL B 655 21.76 8.53 -0.20
N VAL B 656 21.03 7.49 0.18
CA VAL B 656 20.83 7.23 1.60
C VAL B 656 22.14 6.80 2.26
N GLY B 657 22.89 5.92 1.61
CA GLY B 657 24.08 5.34 2.22
C GLY B 657 25.17 6.39 2.43
N ILE B 658 25.39 7.23 1.41
CA ILE B 658 26.35 8.33 1.50
C ILE B 658 25.90 9.43 2.46
N LEU B 659 24.70 9.97 2.28
CA LEU B 659 24.28 11.06 3.15
C LEU B 659 24.01 10.64 4.60
N PHE B 660 23.19 9.59 4.78
CA PHE B 660 22.68 9.23 6.11
C PHE B 660 23.38 8.04 6.76
N GLY B 661 23.96 7.16 5.96
CA GLY B 661 24.69 6.05 6.54
C GLY B 661 23.98 4.70 6.56
N VAL B 662 24.75 3.67 6.93
CA VAL B 662 24.29 2.29 6.86
C VAL B 662 23.13 1.89 7.79
N GLU B 663 22.98 2.59 8.93
CA GLU B 663 21.83 2.36 9.80
C GLU B 663 20.51 2.76 9.12
N THR B 664 20.47 3.97 8.56
CA THR B 664 19.27 4.47 7.92
C THR B 664 18.94 3.62 6.70
N LEU B 665 19.98 3.23 5.96
CA LEU B 665 19.78 2.41 4.79
C LEU B 665 19.25 1.04 5.21
N SER B 666 19.65 0.60 6.40
CA SER B 666 19.07 -0.62 6.98
C SER B 666 17.55 -0.47 7.15
N GLY B 667 17.12 0.68 7.67
CA GLY B 667 15.72 0.96 7.84
C GLY B 667 15.01 0.99 6.49
N VAL B 668 15.59 1.72 5.54
CA VAL B 668 15.05 1.85 4.18
C VAL B 668 14.84 0.48 3.56
N LEU B 669 15.86 -0.36 3.62
CA LEU B 669 15.76 -1.69 3.06
C LEU B 669 14.64 -2.49 3.71
N ALA B 670 14.56 -2.47 5.06
CA ALA B 670 13.51 -3.24 5.75
C ALA B 670 12.14 -2.67 5.40
N GLY B 671 12.05 -1.35 5.36
CA GLY B 671 10.78 -0.67 5.13
C GLY B 671 10.25 -0.91 3.75
N SER B 672 11.08 -0.71 2.72
CA SER B 672 10.62 -0.85 1.36
C SER B 672 10.23 -2.30 1.12
N LEU B 673 10.83 -3.20 1.89
CA LEU B 673 10.51 -4.62 1.77
C LEU B 673 9.09 -4.92 2.27
N VAL B 674 8.82 -4.65 3.54
CA VAL B 674 7.53 -5.03 4.10
C VAL B 674 6.38 -4.21 3.56
N SER B 675 6.69 -3.04 3.02
CA SER B 675 5.64 -2.21 2.46
C SER B 675 5.39 -2.55 1.00
N GLY B 676 6.48 -2.69 0.23
CA GLY B 676 6.38 -2.86 -1.22
C GLY B 676 5.72 -4.15 -1.67
N VAL B 677 5.83 -5.16 -0.82
CA VAL B 677 5.30 -6.48 -1.08
C VAL B 677 3.75 -6.49 -1.07
N GLN B 678 3.17 -5.69 -0.18
CA GLN B 678 1.73 -5.62 -0.05
C GLN B 678 1.12 -5.08 -1.33
N ILE B 679 1.66 -3.95 -1.77
CA ILE B 679 1.19 -3.30 -2.98
C ILE B 679 1.56 -4.08 -4.26
N ALA B 680 2.70 -4.77 -4.25
CA ALA B 680 3.03 -5.61 -5.41
C ALA B 680 2.01 -6.71 -5.63
N ILE B 681 1.66 -7.40 -4.55
CA ILE B 681 0.72 -8.51 -4.64
C ILE B 681 -0.67 -8.02 -5.00
N SER B 682 -1.19 -7.09 -4.21
CA SER B 682 -2.53 -6.55 -4.44
C SER B 682 -2.75 -5.96 -5.85
N ALA B 683 -1.75 -5.23 -6.37
CA ALA B 683 -1.84 -4.68 -7.72
C ALA B 683 -1.90 -5.77 -8.78
N SER B 684 -0.97 -6.73 -8.70
CA SER B 684 -0.96 -7.83 -9.64
C SER B 684 -2.24 -8.64 -9.63
N ASN B 685 -2.75 -8.95 -8.44
CA ASN B 685 -3.94 -9.78 -8.37
C ASN B 685 -5.20 -9.02 -8.82
N THR B 686 -5.38 -7.79 -8.34
CA THR B 686 -6.45 -6.93 -8.83
C THR B 686 -6.42 -6.90 -10.34
N GLY B 687 -5.24 -6.63 -10.90
CA GLY B 687 -5.10 -6.50 -12.35
C GLY B 687 -5.45 -7.77 -13.09
N GLY B 688 -4.93 -8.90 -12.60
CA GLY B 688 -5.28 -10.17 -13.17
C GLY B 688 -6.77 -10.44 -13.05
N ALA B 689 -7.34 -10.08 -11.91
CA ALA B 689 -8.74 -10.34 -11.64
C ALA B 689 -9.67 -9.62 -12.63
N TRP B 690 -9.48 -8.32 -12.80
CA TRP B 690 -10.29 -7.56 -13.73
C TRP B 690 -10.20 -8.15 -15.12
N ASP B 691 -9.00 -8.63 -15.48
CA ASP B 691 -8.75 -9.20 -16.80
C ASP B 691 -9.62 -10.43 -17.03
N ASN B 692 -9.49 -11.41 -16.13
CA ASN B 692 -10.21 -12.65 -16.26
C ASN B 692 -11.72 -12.51 -16.09
N ALA B 693 -12.16 -11.55 -15.26
CA ALA B 693 -13.58 -11.20 -15.20
C ALA B 693 -14.08 -10.74 -16.59
N LYS B 694 -13.27 -9.96 -17.29
CA LYS B 694 -13.62 -9.52 -18.63
C LYS B 694 -13.69 -10.73 -19.58
N LYS B 695 -12.68 -11.59 -19.52
CA LYS B 695 -12.65 -12.78 -20.36
C LYS B 695 -13.90 -13.63 -20.14
N TYR B 696 -14.19 -13.88 -18.87
CA TYR B 696 -15.36 -14.61 -18.41
C TYR B 696 -16.62 -14.18 -19.17
N ILE B 697 -16.84 -12.87 -19.24
CA ILE B 697 -18.00 -12.35 -19.94
C ILE B 697 -17.84 -12.61 -21.44
N GLU B 698 -16.65 -12.37 -21.97
CA GLU B 698 -16.40 -12.50 -23.39
C GLU B 698 -16.58 -13.95 -23.89
N ALA B 699 -16.36 -14.91 -23.00
CA ALA B 699 -16.45 -16.32 -23.35
C ALA B 699 -17.88 -16.87 -23.21
N GLY B 700 -18.67 -16.25 -22.34
CA GLY B 700 -20.00 -16.70 -22.01
C GLY B 700 -20.20 -18.21 -21.91
N ALA B 701 -19.28 -18.89 -21.25
CA ALA B 701 -19.29 -20.35 -21.15
C ALA B 701 -20.14 -20.89 -19.99
N SER B 702 -21.02 -20.07 -19.45
CA SER B 702 -21.94 -20.55 -18.42
C SER B 702 -23.15 -19.65 -18.45
N GLU B 703 -24.19 -20.02 -17.71
CA GLU B 703 -25.42 -19.23 -17.73
C GLU B 703 -25.05 -17.84 -17.20
N HIS B 704 -24.36 -17.82 -16.07
CA HIS B 704 -23.96 -16.56 -15.44
C HIS B 704 -23.14 -15.66 -16.36
N ALA B 705 -22.08 -16.23 -16.95
CA ALA B 705 -21.27 -15.48 -17.91
C ALA B 705 -22.14 -14.90 -19.03
N ARG B 706 -23.01 -15.73 -19.61
CA ARG B 706 -23.85 -15.31 -20.72
C ARG B 706 -24.84 -14.22 -20.30
N SER B 707 -25.26 -14.27 -19.04
CA SER B 707 -26.15 -13.26 -18.47
C SER B 707 -25.56 -11.84 -18.50
N LEU B 708 -24.24 -11.72 -18.32
CA LEU B 708 -23.59 -10.41 -18.32
C LEU B 708 -23.35 -9.94 -19.74
N GLY B 709 -23.21 -10.90 -20.65
CA GLY B 709 -23.00 -10.56 -22.05
C GLY B 709 -24.26 -10.02 -22.71
N PRO B 710 -24.26 -9.94 -24.05
CA PRO B 710 -23.13 -10.38 -24.88
C PRO B 710 -22.01 -9.33 -24.85
N LYS B 711 -20.95 -9.55 -25.65
CA LYS B 711 -19.97 -8.48 -25.87
C LYS B 711 -20.71 -7.20 -26.26
N GLY B 712 -20.14 -6.06 -25.94
CA GLY B 712 -20.76 -4.78 -26.24
C GLY B 712 -21.75 -4.33 -25.18
N SER B 713 -22.22 -5.26 -24.35
CA SER B 713 -23.19 -4.94 -23.31
C SER B 713 -22.61 -3.97 -22.27
N ASP B 714 -23.46 -3.42 -21.41
CA ASP B 714 -22.99 -2.48 -20.38
C ASP B 714 -22.08 -3.18 -19.37
N CYS B 715 -22.44 -4.40 -19.02
CA CYS B 715 -21.63 -5.21 -18.15
C CYS B 715 -20.26 -5.49 -18.77
N HIS B 716 -20.25 -5.82 -20.05
CA HIS B 716 -19.00 -6.07 -20.73
C HIS B 716 -18.13 -4.81 -20.77
N LYS B 717 -18.73 -3.66 -21.03
CA LYS B 717 -17.97 -2.44 -21.08
C LYS B 717 -17.41 -2.03 -19.71
N ALA B 718 -18.18 -2.32 -18.66
CA ALA B 718 -17.76 -1.96 -17.32
C ALA B 718 -16.51 -2.78 -16.96
N ALA B 719 -16.55 -4.06 -17.31
CA ALA B 719 -15.42 -4.95 -17.17
C ALA B 719 -14.20 -4.50 -17.97
N VAL B 720 -14.43 -3.94 -19.16
CA VAL B 720 -13.31 -3.50 -19.98
C VAL B 720 -12.63 -2.35 -19.27
N ILE B 721 -13.45 -1.47 -18.70
CA ILE B 721 -12.93 -0.34 -17.90
C ILE B 721 -12.03 -0.87 -16.77
N GLY B 722 -12.55 -1.83 -16.00
CA GLY B 722 -11.80 -2.44 -14.93
C GLY B 722 -10.52 -3.07 -15.46
N ASP B 723 -10.63 -3.71 -16.61
CA ASP B 723 -9.49 -4.41 -17.16
C ASP B 723 -8.37 -3.45 -17.54
N THR B 724 -8.73 -2.32 -18.15
CA THR B 724 -7.70 -1.38 -18.61
C THR B 724 -7.08 -0.57 -17.47
N ILE B 725 -7.82 -0.42 -16.38
CA ILE B 725 -7.22 0.14 -15.17
C ILE B 725 -6.22 -0.85 -14.59
N GLY B 726 -6.53 -2.15 -14.67
CA GLY B 726 -5.65 -3.16 -14.13
C GLY B 726 -4.43 -3.39 -14.99
N ASP B 727 -4.48 -2.94 -16.24
CA ASP B 727 -3.34 -3.10 -17.16
C ASP B 727 -2.03 -2.56 -16.56
N PRO B 728 -1.98 -1.25 -16.21
CA PRO B 728 -0.70 -0.83 -15.67
C PRO B 728 -0.46 -1.48 -14.30
N LEU B 729 -1.51 -1.71 -13.52
CA LEU B 729 -1.36 -2.40 -12.23
C LEU B 729 -0.57 -3.72 -12.31
N LYS B 730 -1.02 -4.64 -13.15
CA LYS B 730 -0.40 -5.97 -13.22
C LYS B 730 0.82 -6.07 -14.13
N ASP B 731 1.02 -5.07 -14.99
CA ASP B 731 1.96 -5.23 -16.09
C ASP B 731 3.01 -4.14 -16.15
N THR B 732 2.82 -3.10 -15.36
CA THR B 732 3.82 -2.05 -15.29
C THR B 732 4.32 -1.86 -13.86
N SER B 733 3.49 -1.26 -13.02
CA SER B 733 3.87 -0.91 -11.68
C SER B 733 4.05 -2.15 -10.80
N GLY B 734 2.98 -2.92 -10.64
CA GLY B 734 2.98 -4.13 -9.81
C GLY B 734 4.21 -5.04 -9.87
N PRO B 735 4.50 -5.61 -11.06
CA PRO B 735 5.63 -6.55 -11.17
C PRO B 735 6.99 -5.87 -11.08
N SER B 736 7.05 -4.58 -11.38
CA SER B 736 8.32 -3.87 -11.30
C SER B 736 8.76 -3.67 -9.84
N LEU B 737 7.77 -3.60 -8.96
CA LEU B 737 7.99 -3.41 -7.54
C LEU B 737 8.88 -4.52 -6.94
N ASN B 738 8.73 -5.75 -7.43
CA ASN B 738 9.58 -6.81 -6.91
C ASN B 738 11.03 -6.61 -7.35
N ILE B 739 11.23 -5.87 -8.44
CA ILE B 739 12.58 -5.51 -8.83
C ILE B 739 13.09 -4.40 -7.91
N LEU B 740 12.25 -3.40 -7.64
CA LEU B 740 12.59 -2.30 -6.74
C LEU B 740 13.22 -2.82 -5.45
N ILE B 741 12.56 -3.79 -4.84
CA ILE B 741 12.96 -4.31 -3.55
C ILE B 741 14.25 -5.10 -3.64
N LYS B 742 14.33 -6.03 -4.60
CA LYS B 742 15.51 -6.89 -4.68
C LYS B 742 16.72 -6.15 -5.25
N LEU B 743 16.48 -5.17 -6.12
CA LEU B 743 17.58 -4.37 -6.65
C LEU B 743 18.25 -3.58 -5.53
N MET B 744 17.47 -2.77 -4.80
CA MET B 744 18.02 -1.95 -3.73
C MET B 744 18.84 -2.77 -2.73
N ALA B 745 18.42 -4.02 -2.52
CA ALA B 745 19.10 -4.91 -1.59
C ALA B 745 20.50 -5.36 -2.06
N VAL B 746 20.64 -5.86 -3.28
CA VAL B 746 21.98 -6.20 -3.80
C VAL B 746 22.80 -4.93 -3.90
N GLU B 747 22.21 -3.88 -4.49
CA GLU B 747 22.93 -2.63 -4.63
C GLU B 747 23.51 -2.23 -3.26
N SER B 748 22.68 -2.22 -2.23
CA SER B 748 23.17 -1.89 -0.89
C SER B 748 24.31 -2.81 -0.44
N LEU B 749 24.17 -4.12 -0.64
CA LEU B 749 25.24 -5.03 -0.26
C LEU B 749 26.55 -4.70 -0.98
N VAL B 750 26.50 -4.62 -2.30
CA VAL B 750 27.68 -4.36 -3.11
C VAL B 750 28.46 -3.11 -2.65
N PHE B 751 27.76 -2.01 -2.37
CA PHE B 751 28.37 -0.76 -1.95
C PHE B 751 28.56 -0.62 -0.41
N ALA B 752 28.34 -1.70 0.34
CA ALA B 752 28.41 -1.63 1.81
C ALA B 752 29.74 -1.07 2.40
N PRO B 753 30.90 -1.64 2.01
CA PRO B 753 32.17 -1.12 2.51
C PRO B 753 32.33 0.38 2.23
N PHE B 754 31.98 0.80 1.02
CA PHE B 754 31.98 2.21 0.68
C PHE B 754 31.13 3.03 1.67
N PHE B 755 29.84 2.74 1.77
CA PHE B 755 28.96 3.43 2.71
C PHE B 755 29.51 3.40 4.17
N ALA B 756 29.97 2.24 4.61
CA ALA B 756 30.51 2.09 5.98
C ALA B 756 31.71 3.00 6.22
N THR B 757 32.55 3.14 5.20
CA THR B 757 33.73 3.99 5.26
C THR B 757 33.45 5.47 5.02
N HIS B 758 32.79 5.80 3.90
CA HIS B 758 32.66 7.19 3.45
C HIS B 758 31.25 7.79 3.55
N GLY B 759 30.29 7.00 4.05
CA GLY B 759 28.90 7.45 4.12
C GLY B 759 28.57 8.07 5.47
N GLY B 760 27.31 8.48 5.64
CA GLY B 760 26.90 9.13 6.88
C GLY B 760 27.28 10.60 6.97
N LEU B 761 27.71 11.16 5.85
CA LEU B 761 28.22 12.54 5.80
C LEU B 761 27.47 13.53 6.68
N LEU B 762 26.17 13.63 6.46
CA LEU B 762 25.31 14.58 7.18
C LEU B 762 25.44 14.50 8.71
N PHE B 763 25.92 13.35 9.21
CA PHE B 763 26.08 13.16 10.66
C PHE B 763 27.51 13.50 11.09
N LYS B 764 28.47 13.15 10.24
CA LYS B 764 29.86 13.50 10.48
C LYS B 764 30.06 15.01 10.55
N ILE B 765 29.56 15.74 9.55
CA ILE B 765 29.81 17.18 9.53
C ILE B 765 29.02 17.96 10.60
N PHE B 766 27.82 17.48 10.95
CA PHE B 766 27.08 18.11 12.04
C PHE B 766 27.10 17.25 13.29
P PO4 C . -18.38 13.01 0.69
O1 PO4 C . -17.53 12.45 1.89
O2 PO4 C . -19.70 13.57 1.17
O3 PO4 C . -17.61 14.15 0.03
O4 PO4 C . -18.68 11.92 -0.34
P PO4 D . -20.60 13.89 -1.93
O1 PO4 D . -19.13 14.19 -1.70
O2 PO4 D . -20.72 12.44 -2.36
O3 PO4 D . -21.05 14.80 -3.08
O4 PO4 D . -21.44 14.16 -0.69
MG MG E . -22.06 11.73 -3.80
MG MG F . -23.34 15.32 -0.64
MG MG G . -18.93 10.99 -2.16
MG MG H . -21.40 13.34 1.60
MG MG I . -17.32 15.73 -1.22
K K J . -16.81 16.52 2.50
C2 1PG K . -6.12 -11.97 13.35
C1 1PG K . -3.74 -11.59 13.46
O1 1PG K . -4.96 -11.90 14.13
O2 1PG K . -8.56 -12.14 13.84
C3 1PG K . -7.34 -11.48 14.20
C4 1PG K . -9.07 -11.88 12.52
C5 1PG K . -10.52 -11.69 12.51
O3 1PG K . -11.05 -11.92 11.18
C6 1PG K . -12.51 -11.69 11.00
C7 1PG K . -13.13 -12.82 10.23
O4 1PG K . -13.37 -12.42 8.89
C8 1PG K . -14.73 -12.61 8.39
C9 1PG K . -14.76 -12.21 6.88
O5 1PG K . -16.12 -12.16 6.41
C10 1PG K . -16.42 -13.02 5.32
C11 1PG K . -17.89 -12.90 4.93
O6 1PG K . -18.12 -11.59 4.31
C2 1PG L . 19.59 15.50 10.17
C1 1PG L . 17.49 14.81 9.24
O1 1PG L . 18.87 14.51 9.49
O2 1PG L . 21.96 16.05 10.80
C3 1PG L . 21.12 15.46 9.81
C4 1PG L . 21.58 15.86 12.17
C5 1PG L . 22.76 15.85 13.05
O3 1PG L . 22.40 15.43 14.40
C6 1PG L . 23.08 14.21 14.91
C7 1PG L . 22.24 13.57 15.98
O4 1PG L . 23.09 13.06 17.00
C8 1PG L . 22.94 13.66 18.33
C9 1PG L . 22.74 15.20 18.24
O5 1PG L . 22.15 15.72 19.44
C10 1PG L . 22.72 15.30 20.67
C11 1PG L . 21.61 14.90 21.65
O6 1PG L . 20.76 16.03 21.99
C2 1PG M . 5.66 -21.44 15.44
C1 1PG M . 5.87 -20.19 13.40
O1 1PG M . 6.05 -20.25 14.83
O2 1PG M . 6.72 -22.98 17.09
C3 1PG M . 6.41 -21.61 16.80
C4 1PG M . 7.87 -23.17 17.92
C5 1PG M . 9.12 -22.98 17.16
O3 1PG M . 10.24 -22.99 18.08
C6 1PG M . 11.46 -22.28 17.63
C7 1PG M . 12.16 -21.67 18.81
O4 1PG M . 13.47 -21.23 18.49
C8 1PG M . 14.54 -22.00 19.11
C9 1PG M . 14.73 -23.35 18.35
O5 1PG M . 16.11 -23.50 17.98
C10 1PG M . 16.51 -24.85 17.74
C11 1PG M . 16.69 -25.11 16.23
O6 1PG M . 17.90 -24.47 15.73
C2 1PG N . -19.25 -10.69 17.91
C1 1PG N . -16.96 -10.25 18.32
O1 1PG N . -18.29 -10.29 18.83
O2 1PG N . -21.70 -10.87 17.71
C3 1PG N . -20.65 -10.05 18.23
C4 1PG N . -22.79 -10.16 17.11
C5 1PG N . -23.00 -10.69 15.74
O3 1PG N . -24.09 -9.99 15.08
C6 1PG N . -24.27 -10.34 13.65
C7 1PG N . -24.72 -9.14 12.88
O4 1PG N . -25.98 -8.70 13.37
C8 1PG N . -27.13 -8.99 12.53
C9 1PG N . -28.02 -7.73 12.43
O5 1PG N . -27.89 -7.16 11.11
C10 1PG N . -28.18 -5.78 10.96
C11 1PG N . -29.34 -5.34 11.87
O6 1PG N . -29.34 -3.88 11.99
C2 1PG O . 2.26 25.84 -5.33
C1 1PG O . 0.93 27.41 -6.47
O1 1PG O . 1.01 26.45 -5.41
O2 1PG O . 1.45 25.44 -3.02
C3 1PG O . 2.37 24.97 -4.03
C4 1PG O . 1.24 24.52 -1.96
C5 1PG O . 2.53 24.04 -1.41
O3 1PG O . 2.79 22.67 -1.83
C6 1PG O . 3.90 21.98 -1.12
C7 1PG O . 4.12 22.55 0.25
O4 1PG O . 5.51 22.57 0.54
C8 1PG O . 5.90 22.04 1.85
C9 1PG O . 7.42 22.32 2.08
O5 1PG O . 8.12 21.11 2.43
C10 1PG O . 8.76 21.04 3.70
C11 1PG O . 9.77 19.87 3.70
O6 1PG O . 9.29 18.70 4.43
C2 1PG P . -9.70 7.22 47.78
C1 1PG P . -7.80 7.23 49.22
O1 1PG P . -8.71 6.46 48.41
O2 1PG P . -10.54 7.29 45.48
C3 1PG P . -10.40 6.43 46.62
C4 1PG P . -11.17 6.69 44.34
C5 1PG P . -11.36 7.68 43.25
O3 1PG P . -11.79 7.03 42.02
C6 1PG P . -13.11 7.43 41.46
C7 1PG P . -12.93 8.02 40.10
P PO4 Q . -2.10 -8.74 -20.99
O1 PO4 Q . -0.72 -8.81 -20.32
O2 PO4 Q . -2.70 -7.35 -20.81
O3 PO4 Q . -2.78 -9.80 -20.17
O4 PO4 Q . -1.95 -9.08 -22.46
P PO4 R . -4.89 -8.35 -22.76
O1 PO4 R . -4.47 -9.44 -21.88
O2 PO4 R . -4.81 -7.04 -22.05
O3 PO4 R . -4.00 -8.44 -23.93
O4 PO4 R . -6.28 -8.52 -23.16
MG MG S . -6.04 -5.42 -23.25
MG MG T . -3.94 -9.43 -26.03
MG MG U . -4.32 -5.90 -20.75
MG MG V . -1.68 -8.30 -24.39
MG MG W . -4.48 -10.86 -20.29
K K X . -1.24 -12.67 -19.92
C2 1PG Y . 10.63 14.43 -13.74
C1 1PG Y . 12.39 15.19 -12.37
O1 1PG Y . 11.90 14.17 -13.24
O2 1PG Y . 9.35 12.86 -12.31
C3 1PG Y . 9.55 14.26 -12.63
C4 1PG Y . 10.36 12.28 -11.47
C5 1PG Y . 10.52 13.02 -10.22
O3 1PG Y . 11.32 12.21 -9.30
C6 1PG Y . 12.68 11.80 -9.75
C7 1PG Y . 13.17 10.67 -8.90
O4 1PG Y . 14.42 11.03 -8.33
C8 1PG Y . 15.03 10.06 -7.42
C9 1PG Y . 15.93 10.79 -6.38
O5 1PG Y . 16.47 9.89 -5.39
C10 1PG Y . 15.74 9.84 -4.18
C11 1PG Y . 16.58 9.09 -3.13
O6 1PG Y . 15.88 8.99 -1.84
#